data_3VYJ
# 
_entry.id   3VYJ 
# 
_audit_conform.dict_name       mmcif_pdbx.dic 
_audit_conform.dict_version    5.398 
_audit_conform.dict_location   http://mmcif.pdb.org/dictionaries/ascii/mmcif_pdbx.dic 
# 
loop_
_database_2.database_id 
_database_2.database_code 
_database_2.pdbx_database_accession 
_database_2.pdbx_DOI 
PDB   3VYJ         pdb_00003vyj 10.2210/pdb3vyj/pdb 
RCSB  RCSB095660   ?            ?                   
WWPDB D_1000095660 ?            ?                   
# 
loop_
_pdbx_audit_revision_history.ordinal 
_pdbx_audit_revision_history.data_content_type 
_pdbx_audit_revision_history.major_revision 
_pdbx_audit_revision_history.minor_revision 
_pdbx_audit_revision_history.revision_date 
1 'Structure model' 1 0 2013-10-02 
2 'Structure model' 1 1 2013-10-16 
3 'Structure model' 1 2 2013-12-11 
4 'Structure model' 1 3 2024-11-06 
# 
_pdbx_audit_revision_details.ordinal             1 
_pdbx_audit_revision_details.revision_ordinal    1 
_pdbx_audit_revision_details.data_content_type   'Structure model' 
_pdbx_audit_revision_details.provider            repository 
_pdbx_audit_revision_details.type                'Initial release' 
_pdbx_audit_revision_details.description         ? 
_pdbx_audit_revision_details.details             ? 
# 
loop_
_pdbx_audit_revision_group.ordinal 
_pdbx_audit_revision_group.revision_ordinal 
_pdbx_audit_revision_group.data_content_type 
_pdbx_audit_revision_group.group 
1 2 'Structure model' 'Database references'  
2 3 'Structure model' 'Database references'  
3 4 'Structure model' 'Data collection'      
4 4 'Structure model' 'Database references'  
5 4 'Structure model' 'Derived calculations' 
6 4 'Structure model' 'Structure summary'    
# 
loop_
_pdbx_audit_revision_category.ordinal 
_pdbx_audit_revision_category.revision_ordinal 
_pdbx_audit_revision_category.data_content_type 
_pdbx_audit_revision_category.category 
1 4 'Structure model' chem_comp_atom            
2 4 'Structure model' chem_comp_bond            
3 4 'Structure model' database_2                
4 4 'Structure model' pdbx_entry_details        
5 4 'Structure model' pdbx_modification_feature 
6 4 'Structure model' struct_ref_seq_dif        
7 4 'Structure model' struct_site               
# 
loop_
_pdbx_audit_revision_item.ordinal 
_pdbx_audit_revision_item.revision_ordinal 
_pdbx_audit_revision_item.data_content_type 
_pdbx_audit_revision_item.item 
1 4 'Structure model' '_database_2.pdbx_DOI'                
2 4 'Structure model' '_database_2.pdbx_database_accession' 
3 4 'Structure model' '_struct_ref_seq_dif.details'         
4 4 'Structure model' '_struct_site.pdbx_auth_asym_id'      
5 4 'Structure model' '_struct_site.pdbx_auth_comp_id'      
6 4 'Structure model' '_struct_site.pdbx_auth_seq_id'       
# 
_pdbx_database_status.status_code                     REL 
_pdbx_database_status.entry_id                        3VYJ 
_pdbx_database_status.recvd_initial_deposition_date   2012-09-26 
_pdbx_database_status.deposit_site                    PDBJ 
_pdbx_database_status.process_site                    PDBJ 
_pdbx_database_status.methods_development_category    ? 
_pdbx_database_status.status_code_sf                  REL 
_pdbx_database_status.status_code_mr                  ? 
_pdbx_database_status.SG_entry                        ? 
_pdbx_database_status.status_code_cs                  ? 
_pdbx_database_status.pdb_format_compatible           Y 
_pdbx_database_status.status_code_nmr_data            ? 
# 
_pdbx_database_related.db_name        PDB 
_pdbx_database_related.db_id          3VYK 
_pdbx_database_related.details        . 
_pdbx_database_related.content_type   unspecified 
# 
loop_
_audit_author.name 
_audit_author.pdbx_ordinal 
'Nagae, M.'     1 
'Yamanaka, K.'  2 
'Hanashima, S.' 3 
'Ikeda, A.'     4 
'Satoh, T.'     5 
'Matsumoto, N.' 6 
'Yamamoto, K.'  7 
'Yamaguchi, Y.' 8 
# 
_citation.id                        primary 
_citation.title                     
;Recognition of Bisecting N-Acetylglucosamine: STRUCTURAL BASIS FOR ASYMMETRIC INTERACTION WITH THE MOUSE LECTIN DENDRITIC CELL INHIBITORY RECEPTOR 2
;
_citation.journal_abbrev            J.Biol.Chem. 
_citation.journal_volume            288 
_citation.page_first                33598 
_citation.page_last                 33610 
_citation.year                      2013 
_citation.journal_id_ASTM           JBCHA3 
_citation.country                   US 
_citation.journal_id_ISSN           0021-9258 
_citation.journal_id_CSD            0071 
_citation.book_publisher            ? 
_citation.pdbx_database_id_PubMed   24108122 
_citation.pdbx_database_id_DOI      10.1074/jbc.M113.513572 
# 
loop_
_citation_author.citation_id 
_citation_author.name 
_citation_author.ordinal 
_citation_author.identifier_ORCID 
primary 'Nagae, M.'            1 ? 
primary 'Yamanaka, K.'         2 ? 
primary 'Hanashima, S.'        3 ? 
primary 'Ikeda, A.'            4 ? 
primary 'Morita-Matsumoto, K.' 5 ? 
primary 'Satoh, T.'            6 ? 
primary 'Matsumoto, N.'        7 ? 
primary 'Yamamoto, K.'         8 ? 
primary 'Yamaguchi, Y.'        9 ? 
# 
loop_
_entity.id 
_entity.type 
_entity.src_method 
_entity.pdbx_description 
_entity.formula_weight 
_entity.pdbx_number_of_molecules 
_entity.pdbx_ec 
_entity.pdbx_mutation 
_entity.pdbx_fragment 
_entity.details 
1 polymer     man 'C-type lectin domain family 4, member a4' 14960.639 1  ? ? 'UNP residues 107-233' ? 
2 non-polymer syn 'SULFATE ION'                              96.063    3  ? ? ?                      ? 
3 water       nat water                                      18.015    28 ? ? ?                      ? 
# 
_entity_name_com.entity_id   1 
_entity_name_com.name        'Dendritic cell immunoreceptor-2, Dendritic cell inhibitory receptor 2, MCG1050915, Protein Clec4a4' 
# 
_entity_poly.entity_id                      1 
_entity_poly.type                           'polypeptide(L)' 
_entity_poly.nstd_linkage                   no 
_entity_poly.nstd_monomer                   no 
_entity_poly.pdbx_seq_one_letter_code       
;GSCPKDWKPFVSHCYFILNDSKASWNESEEKCSHMGAHLVVIHSQAEQDFITSNLNTSAGYFIGLLDAGQRQWRWIDQTP
YNKSATFWHKGEPNQDWERCVIINHKTTGWGWNDIPCKDEHNSVCQVKK
;
_entity_poly.pdbx_seq_one_letter_code_can   
;GSCPKDWKPFVSHCYFILNDSKASWNESEEKCSHMGAHLVVIHSQAEQDFITSNLNTSAGYFIGLLDAGQRQWRWIDQTP
YNKSATFWHKGEPNQDWERCVIINHKTTGWGWNDIPCKDEHNSVCQVKK
;
_entity_poly.pdbx_strand_id                 A 
_entity_poly.pdbx_target_identifier         ? 
# 
loop_
_pdbx_entity_nonpoly.entity_id 
_pdbx_entity_nonpoly.name 
_pdbx_entity_nonpoly.comp_id 
2 'SULFATE ION' SO4 
3 water         HOH 
# 
loop_
_entity_poly_seq.entity_id 
_entity_poly_seq.num 
_entity_poly_seq.mon_id 
_entity_poly_seq.hetero 
1 1   GLY n 
1 2   SER n 
1 3   CYS n 
1 4   PRO n 
1 5   LYS n 
1 6   ASP n 
1 7   TRP n 
1 8   LYS n 
1 9   PRO n 
1 10  PHE n 
1 11  VAL n 
1 12  SER n 
1 13  HIS n 
1 14  CYS n 
1 15  TYR n 
1 16  PHE n 
1 17  ILE n 
1 18  LEU n 
1 19  ASN n 
1 20  ASP n 
1 21  SER n 
1 22  LYS n 
1 23  ALA n 
1 24  SER n 
1 25  TRP n 
1 26  ASN n 
1 27  GLU n 
1 28  SER n 
1 29  GLU n 
1 30  GLU n 
1 31  LYS n 
1 32  CYS n 
1 33  SER n 
1 34  HIS n 
1 35  MET n 
1 36  GLY n 
1 37  ALA n 
1 38  HIS n 
1 39  LEU n 
1 40  VAL n 
1 41  VAL n 
1 42  ILE n 
1 43  HIS n 
1 44  SER n 
1 45  GLN n 
1 46  ALA n 
1 47  GLU n 
1 48  GLN n 
1 49  ASP n 
1 50  PHE n 
1 51  ILE n 
1 52  THR n 
1 53  SER n 
1 54  ASN n 
1 55  LEU n 
1 56  ASN n 
1 57  THR n 
1 58  SER n 
1 59  ALA n 
1 60  GLY n 
1 61  TYR n 
1 62  PHE n 
1 63  ILE n 
1 64  GLY n 
1 65  LEU n 
1 66  LEU n 
1 67  ASP n 
1 68  ALA n 
1 69  GLY n 
1 70  GLN n 
1 71  ARG n 
1 72  GLN n 
1 73  TRP n 
1 74  ARG n 
1 75  TRP n 
1 76  ILE n 
1 77  ASP n 
1 78  GLN n 
1 79  THR n 
1 80  PRO n 
1 81  TYR n 
1 82  ASN n 
1 83  LYS n 
1 84  SER n 
1 85  ALA n 
1 86  THR n 
1 87  PHE n 
1 88  TRP n 
1 89  HIS n 
1 90  LYS n 
1 91  GLY n 
1 92  GLU n 
1 93  PRO n 
1 94  ASN n 
1 95  GLN n 
1 96  ASP n 
1 97  TRP n 
1 98  GLU n 
1 99  ARG n 
1 100 CYS n 
1 101 VAL n 
1 102 ILE n 
1 103 ILE n 
1 104 ASN n 
1 105 HIS n 
1 106 LYS n 
1 107 THR n 
1 108 THR n 
1 109 GLY n 
1 110 TRP n 
1 111 GLY n 
1 112 TRP n 
1 113 ASN n 
1 114 ASP n 
1 115 ILE n 
1 116 PRO n 
1 117 CYS n 
1 118 LYS n 
1 119 ASP n 
1 120 GLU n 
1 121 HIS n 
1 122 ASN n 
1 123 SER n 
1 124 VAL n 
1 125 CYS n 
1 126 GLN n 
1 127 VAL n 
1 128 LYS n 
1 129 LYS n 
# 
_entity_src_gen.entity_id                          1 
_entity_src_gen.pdbx_src_id                        1 
_entity_src_gen.pdbx_alt_source_flag               sample 
_entity_src_gen.pdbx_seq_type                      ? 
_entity_src_gen.pdbx_beg_seq_num                   ? 
_entity_src_gen.pdbx_end_seq_num                   ? 
_entity_src_gen.gene_src_common_name               mouse 
_entity_src_gen.gene_src_genus                     ? 
_entity_src_gen.pdbx_gene_src_gene                 Dcir2 
_entity_src_gen.gene_src_species                   ? 
_entity_src_gen.gene_src_strain                    ? 
_entity_src_gen.gene_src_tissue                    ? 
_entity_src_gen.gene_src_tissue_fraction           ? 
_entity_src_gen.gene_src_details                   ? 
_entity_src_gen.pdbx_gene_src_fragment             ? 
_entity_src_gen.pdbx_gene_src_scientific_name      'Mus musculus' 
_entity_src_gen.pdbx_gene_src_ncbi_taxonomy_id     10090 
_entity_src_gen.pdbx_gene_src_variant              ? 
_entity_src_gen.pdbx_gene_src_cell_line            ? 
_entity_src_gen.pdbx_gene_src_atcc                 ? 
_entity_src_gen.pdbx_gene_src_organ                ? 
_entity_src_gen.pdbx_gene_src_organelle            ? 
_entity_src_gen.pdbx_gene_src_cell                 ? 
_entity_src_gen.pdbx_gene_src_cellular_location    ? 
_entity_src_gen.host_org_common_name               ? 
_entity_src_gen.pdbx_host_org_scientific_name      'Escherichia coli' 
_entity_src_gen.pdbx_host_org_ncbi_taxonomy_id     562 
_entity_src_gen.host_org_genus                     ? 
_entity_src_gen.pdbx_host_org_gene                 ? 
_entity_src_gen.pdbx_host_org_organ                ? 
_entity_src_gen.host_org_species                   ? 
_entity_src_gen.pdbx_host_org_tissue               ? 
_entity_src_gen.pdbx_host_org_tissue_fraction      ? 
_entity_src_gen.pdbx_host_org_strain               'Rosetta DE3' 
_entity_src_gen.pdbx_host_org_variant              ? 
_entity_src_gen.pdbx_host_org_cell_line            ? 
_entity_src_gen.pdbx_host_org_atcc                 ? 
_entity_src_gen.pdbx_host_org_culture_collection   ? 
_entity_src_gen.pdbx_host_org_cell                 ? 
_entity_src_gen.pdbx_host_org_organelle            ? 
_entity_src_gen.pdbx_host_org_cellular_location    ? 
_entity_src_gen.pdbx_host_org_vector_type          plasmid 
_entity_src_gen.pdbx_host_org_vector               ? 
_entity_src_gen.host_org_details                   ? 
_entity_src_gen.expression_system_id               ? 
_entity_src_gen.plasmid_name                       'pCold vector' 
_entity_src_gen.plasmid_details                    ? 
_entity_src_gen.pdbx_description                   ? 
# 
loop_
_chem_comp.id 
_chem_comp.type 
_chem_comp.mon_nstd_flag 
_chem_comp.name 
_chem_comp.pdbx_synonyms 
_chem_comp.formula 
_chem_comp.formula_weight 
ALA 'L-peptide linking' y ALANINE         ? 'C3 H7 N O2'     89.093  
ARG 'L-peptide linking' y ARGININE        ? 'C6 H15 N4 O2 1' 175.209 
ASN 'L-peptide linking' y ASPARAGINE      ? 'C4 H8 N2 O3'    132.118 
ASP 'L-peptide linking' y 'ASPARTIC ACID' ? 'C4 H7 N O4'     133.103 
CYS 'L-peptide linking' y CYSTEINE        ? 'C3 H7 N O2 S'   121.158 
GLN 'L-peptide linking' y GLUTAMINE       ? 'C5 H10 N2 O3'   146.144 
GLU 'L-peptide linking' y 'GLUTAMIC ACID' ? 'C5 H9 N O4'     147.129 
GLY 'peptide linking'   y GLYCINE         ? 'C2 H5 N O2'     75.067  
HIS 'L-peptide linking' y HISTIDINE       ? 'C6 H10 N3 O2 1' 156.162 
HOH non-polymer         . WATER           ? 'H2 O'           18.015  
ILE 'L-peptide linking' y ISOLEUCINE      ? 'C6 H13 N O2'    131.173 
LEU 'L-peptide linking' y LEUCINE         ? 'C6 H13 N O2'    131.173 
LYS 'L-peptide linking' y LYSINE          ? 'C6 H15 N2 O2 1' 147.195 
MET 'L-peptide linking' y METHIONINE      ? 'C5 H11 N O2 S'  149.211 
PHE 'L-peptide linking' y PHENYLALANINE   ? 'C9 H11 N O2'    165.189 
PRO 'L-peptide linking' y PROLINE         ? 'C5 H9 N O2'     115.130 
SER 'L-peptide linking' y SERINE          ? 'C3 H7 N O3'     105.093 
SO4 non-polymer         . 'SULFATE ION'   ? 'O4 S -2'        96.063  
THR 'L-peptide linking' y THREONINE       ? 'C4 H9 N O3'     119.119 
TRP 'L-peptide linking' y TRYPTOPHAN      ? 'C11 H12 N2 O2'  204.225 
TYR 'L-peptide linking' y TYROSINE        ? 'C9 H11 N O3'    181.189 
VAL 'L-peptide linking' y VALINE          ? 'C5 H11 N O2'    117.146 
# 
loop_
_pdbx_poly_seq_scheme.asym_id 
_pdbx_poly_seq_scheme.entity_id 
_pdbx_poly_seq_scheme.seq_id 
_pdbx_poly_seq_scheme.mon_id 
_pdbx_poly_seq_scheme.ndb_seq_num 
_pdbx_poly_seq_scheme.pdb_seq_num 
_pdbx_poly_seq_scheme.auth_seq_num 
_pdbx_poly_seq_scheme.pdb_mon_id 
_pdbx_poly_seq_scheme.auth_mon_id 
_pdbx_poly_seq_scheme.pdb_strand_id 
_pdbx_poly_seq_scheme.pdb_ins_code 
_pdbx_poly_seq_scheme.hetero 
A 1 1   GLY 1   105 ?   ?   ?   A . n 
A 1 2   SER 2   106 106 SER SER A . n 
A 1 3   CYS 3   107 107 CYS CYS A . n 
A 1 4   PRO 4   108 108 PRO PRO A . n 
A 1 5   LYS 5   109 109 LYS LYS A . n 
A 1 6   ASP 6   110 110 ASP ASP A . n 
A 1 7   TRP 7   111 111 TRP TRP A . n 
A 1 8   LYS 8   112 112 LYS LYS A . n 
A 1 9   PRO 9   113 113 PRO PRO A . n 
A 1 10  PHE 10  114 114 PHE PHE A . n 
A 1 11  VAL 11  115 115 VAL VAL A . n 
A 1 12  SER 12  116 116 SER SER A . n 
A 1 13  HIS 13  117 117 HIS HIS A . n 
A 1 14  CYS 14  118 118 CYS CYS A . n 
A 1 15  TYR 15  119 119 TYR TYR A . n 
A 1 16  PHE 16  120 120 PHE PHE A . n 
A 1 17  ILE 17  121 121 ILE ILE A . n 
A 1 18  LEU 18  122 122 LEU LEU A . n 
A 1 19  ASN 19  123 123 ASN ASN A . n 
A 1 20  ASP 20  124 124 ASP ASP A . n 
A 1 21  SER 21  125 125 SER SER A . n 
A 1 22  LYS 22  126 126 LYS LYS A . n 
A 1 23  ALA 23  127 127 ALA ALA A . n 
A 1 24  SER 24  128 128 SER SER A . n 
A 1 25  TRP 25  129 129 TRP TRP A . n 
A 1 26  ASN 26  130 130 ASN ASN A . n 
A 1 27  GLU 27  131 131 GLU GLU A . n 
A 1 28  SER 28  132 132 SER SER A . n 
A 1 29  GLU 29  133 133 GLU GLU A . n 
A 1 30  GLU 30  134 134 GLU GLU A . n 
A 1 31  LYS 31  135 135 LYS LYS A . n 
A 1 32  CYS 32  136 136 CYS CYS A . n 
A 1 33  SER 33  137 137 SER SER A . n 
A 1 34  HIS 34  138 138 HIS HIS A . n 
A 1 35  MET 35  139 139 MET MET A . n 
A 1 36  GLY 36  140 140 GLY GLY A . n 
A 1 37  ALA 37  141 141 ALA ALA A . n 
A 1 38  HIS 38  142 142 HIS HIS A . n 
A 1 39  LEU 39  143 143 LEU LEU A . n 
A 1 40  VAL 40  144 144 VAL VAL A . n 
A 1 41  VAL 41  145 145 VAL VAL A . n 
A 1 42  ILE 42  146 146 ILE ILE A . n 
A 1 43  HIS 43  147 147 HIS HIS A . n 
A 1 44  SER 44  148 148 SER SER A . n 
A 1 45  GLN 45  149 149 GLN GLN A . n 
A 1 46  ALA 46  150 150 ALA ALA A . n 
A 1 47  GLU 47  151 151 GLU GLU A . n 
A 1 48  GLN 48  152 152 GLN GLN A . n 
A 1 49  ASP 49  153 153 ASP ASP A . n 
A 1 50  PHE 50  154 154 PHE PHE A . n 
A 1 51  ILE 51  155 155 ILE ILE A . n 
A 1 52  THR 52  156 156 THR THR A . n 
A 1 53  SER 53  157 157 SER SER A . n 
A 1 54  ASN 54  158 158 ASN ASN A . n 
A 1 55  LEU 55  159 159 LEU LEU A . n 
A 1 56  ASN 56  160 160 ASN ASN A . n 
A 1 57  THR 57  161 161 THR THR A . n 
A 1 58  SER 58  162 162 SER SER A . n 
A 1 59  ALA 59  163 163 ALA ALA A . n 
A 1 60  GLY 60  164 164 GLY GLY A . n 
A 1 61  TYR 61  165 165 TYR TYR A . n 
A 1 62  PHE 62  166 166 PHE PHE A . n 
A 1 63  ILE 63  167 167 ILE ILE A . n 
A 1 64  GLY 64  168 168 GLY GLY A . n 
A 1 65  LEU 65  169 169 LEU LEU A . n 
A 1 66  LEU 66  170 170 LEU LEU A . n 
A 1 67  ASP 67  171 171 ASP ASP A . n 
A 1 68  ALA 68  172 172 ALA ALA A . n 
A 1 69  GLY 69  173 173 GLY GLY A . n 
A 1 70  GLN 70  174 174 GLN GLN A . n 
A 1 71  ARG 71  175 175 ARG ARG A . n 
A 1 72  GLN 72  176 176 GLN GLN A . n 
A 1 73  TRP 73  177 177 TRP TRP A . n 
A 1 74  ARG 74  178 178 ARG ARG A . n 
A 1 75  TRP 75  179 179 TRP TRP A . n 
A 1 76  ILE 76  180 180 ILE ILE A . n 
A 1 77  ASP 77  181 181 ASP ASP A . n 
A 1 78  GLN 78  182 182 GLN GLN A . n 
A 1 79  THR 79  183 183 THR THR A . n 
A 1 80  PRO 80  184 184 PRO PRO A . n 
A 1 81  TYR 81  185 185 TYR TYR A . n 
A 1 82  ASN 82  186 186 ASN ASN A . n 
A 1 83  LYS 83  187 187 LYS LYS A . n 
A 1 84  SER 84  188 188 SER SER A . n 
A 1 85  ALA 85  189 189 ALA ALA A . n 
A 1 86  THR 86  190 190 THR THR A . n 
A 1 87  PHE 87  191 191 PHE PHE A . n 
A 1 88  TRP 88  192 192 TRP TRP A . n 
A 1 89  HIS 89  193 193 HIS HIS A . n 
A 1 90  LYS 90  194 194 LYS LYS A . n 
A 1 91  GLY 91  195 195 GLY GLY A . n 
A 1 92  GLU 92  196 196 GLU GLU A . n 
A 1 93  PRO 93  197 197 PRO PRO A . n 
A 1 94  ASN 94  198 198 ASN ASN A . n 
A 1 95  GLN 95  199 199 GLN GLN A . n 
A 1 96  ASP 96  200 200 ASP ASP A . n 
A 1 97  TRP 97  201 201 TRP TRP A . n 
A 1 98  GLU 98  202 202 GLU GLU A . n 
A 1 99  ARG 99  203 203 ARG ARG A . n 
A 1 100 CYS 100 204 204 CYS CYS A . n 
A 1 101 VAL 101 205 205 VAL VAL A . n 
A 1 102 ILE 102 206 206 ILE ILE A . n 
A 1 103 ILE 103 207 207 ILE ILE A . n 
A 1 104 ASN 104 208 208 ASN ASN A . n 
A 1 105 HIS 105 209 209 HIS HIS A . n 
A 1 106 LYS 106 210 210 LYS LYS A . n 
A 1 107 THR 107 211 211 THR THR A . n 
A 1 108 THR 108 212 212 THR THR A . n 
A 1 109 GLY 109 213 213 GLY GLY A . n 
A 1 110 TRP 110 214 214 TRP TRP A . n 
A 1 111 GLY 111 215 215 GLY GLY A . n 
A 1 112 TRP 112 216 216 TRP TRP A . n 
A 1 113 ASN 113 217 217 ASN ASN A . n 
A 1 114 ASP 114 218 218 ASP ASP A . n 
A 1 115 ILE 115 219 219 ILE ILE A . n 
A 1 116 PRO 116 220 220 PRO PRO A . n 
A 1 117 CYS 117 221 221 CYS CYS A . n 
A 1 118 LYS 118 222 222 LYS LYS A . n 
A 1 119 ASP 119 223 223 ASP ASP A . n 
A 1 120 GLU 120 224 224 GLU GLU A . n 
A 1 121 HIS 121 225 225 HIS HIS A . n 
A 1 122 ASN 122 226 226 ASN ASN A . n 
A 1 123 SER 123 227 227 SER SER A . n 
A 1 124 VAL 124 228 228 VAL VAL A . n 
A 1 125 CYS 125 229 229 CYS CYS A . n 
A 1 126 GLN 126 230 230 GLN GLN A . n 
A 1 127 VAL 127 231 231 VAL VAL A . n 
A 1 128 LYS 128 232 232 LYS LYS A . n 
A 1 129 LYS 129 233 233 LYS LYS A . n 
# 
loop_
_pdbx_nonpoly_scheme.asym_id 
_pdbx_nonpoly_scheme.entity_id 
_pdbx_nonpoly_scheme.mon_id 
_pdbx_nonpoly_scheme.ndb_seq_num 
_pdbx_nonpoly_scheme.pdb_seq_num 
_pdbx_nonpoly_scheme.auth_seq_num 
_pdbx_nonpoly_scheme.pdb_mon_id 
_pdbx_nonpoly_scheme.auth_mon_id 
_pdbx_nonpoly_scheme.pdb_strand_id 
_pdbx_nonpoly_scheme.pdb_ins_code 
B 2 SO4 1  1001 1001 SO4 SO4 A . 
C 2 SO4 1  1002 1002 SO4 SO4 A . 
D 2 SO4 1  1003 1003 SO4 SO4 A . 
E 3 HOH 1  1101 1    HOH HOH A . 
E 3 HOH 2  1102 2    HOH HOH A . 
E 3 HOH 3  1103 3    HOH HOH A . 
E 3 HOH 4  1104 4    HOH HOH A . 
E 3 HOH 5  1105 5    HOH HOH A . 
E 3 HOH 6  1106 6    HOH HOH A . 
E 3 HOH 7  1107 7    HOH HOH A . 
E 3 HOH 8  1108 8    HOH HOH A . 
E 3 HOH 9  1109 9    HOH HOH A . 
E 3 HOH 10 1110 10   HOH HOH A . 
E 3 HOH 11 1111 11   HOH HOH A . 
E 3 HOH 12 1112 12   HOH HOH A . 
E 3 HOH 13 1113 13   HOH HOH A . 
E 3 HOH 14 1114 14   HOH HOH A . 
E 3 HOH 15 1115 15   HOH HOH A . 
E 3 HOH 16 1116 16   HOH HOH A . 
E 3 HOH 17 1117 17   HOH HOH A . 
E 3 HOH 18 1118 18   HOH HOH A . 
E 3 HOH 19 1119 19   HOH HOH A . 
E 3 HOH 20 1120 20   HOH HOH A . 
E 3 HOH 21 1121 21   HOH HOH A . 
E 3 HOH 22 1122 22   HOH HOH A . 
E 3 HOH 23 1123 23   HOH HOH A . 
E 3 HOH 24 1124 24   HOH HOH A . 
E 3 HOH 25 1125 25   HOH HOH A . 
E 3 HOH 26 1126 26   HOH HOH A . 
E 3 HOH 27 1127 27   HOH HOH A . 
E 3 HOH 28 1128 28   HOH HOH A . 
# 
loop_
_software.name 
_software.classification 
_software.version 
_software.citation_id 
_software.pdbx_ordinal 
HKL-2000 'data collection' .        ? 1 
MOLREP   phasing           .        ? 2 
REFMAC   refinement        5.6.0117 ? 3 
HKL-2000 'data reduction'  .        ? 4 
HKL-2000 'data scaling'    .        ? 5 
# 
_cell.entry_id           3VYJ 
_cell.length_a           49.420 
_cell.length_b           49.420 
_cell.length_c           250.499 
_cell.angle_alpha        90.00 
_cell.angle_beta         90.00 
_cell.angle_gamma        120.00 
_cell.Z_PDB              12 
_cell.pdbx_unique_axis   ? 
_cell.length_a_esd       ? 
_cell.length_b_esd       ? 
_cell.length_c_esd       ? 
_cell.angle_alpha_esd    ? 
_cell.angle_beta_esd     ? 
_cell.angle_gamma_esd    ? 
# 
_symmetry.entry_id                         3VYJ 
_symmetry.space_group_name_H-M             'P 65 2 2' 
_symmetry.pdbx_full_space_group_name_H-M   ? 
_symmetry.cell_setting                     ? 
_symmetry.Int_Tables_number                179 
_symmetry.space_group_name_Hall            ? 
# 
_exptl.entry_id          3VYJ 
_exptl.method            'X-RAY DIFFRACTION' 
_exptl.crystals_number   1 
# 
_exptl_crystal.id                    1 
_exptl_crystal.density_meas          ? 
_exptl_crystal.density_Matthews      2.95 
_exptl_crystal.density_percent_sol   58.32 
_exptl_crystal.description           ? 
_exptl_crystal.F_000                 ? 
_exptl_crystal.preparation           ? 
# 
_exptl_crystal_grow.crystal_id      1 
_exptl_crystal_grow.method          'VAPOR DIFFUSION, HANGING DROP' 
_exptl_crystal_grow.temp            293 
_exptl_crystal_grow.temp_details    ? 
_exptl_crystal_grow.pH              8.0 
_exptl_crystal_grow.pdbx_details    '2.0M ammonium sulfate, pH 8.0, VAPOR DIFFUSION, HANGING DROP, temperature 293K' 
_exptl_crystal_grow.pdbx_pH_range   . 
# 
_diffrn.id                     1 
_diffrn.ambient_temp           95 
_diffrn.ambient_temp_details   ? 
_diffrn.crystal_id             1 
# 
_diffrn_detector.diffrn_id              1 
_diffrn_detector.detector               CCD 
_diffrn_detector.type                   'ADSC QUANTUM 315r' 
_diffrn_detector.pdbx_collection_date   2011-11-07 
_diffrn_detector.details                ? 
# 
_diffrn_radiation.diffrn_id                        1 
_diffrn_radiation.wavelength_id                    1 
_diffrn_radiation.pdbx_monochromatic_or_laue_m_l   M 
_diffrn_radiation.monochromator                    'Si(1,1,1) double crystal monochromator' 
_diffrn_radiation.pdbx_diffrn_protocol             'SINGLE WAVELENGTH' 
_diffrn_radiation.pdbx_scattering_type             x-ray 
# 
_diffrn_radiation_wavelength.id           1 
_diffrn_radiation_wavelength.wavelength   0.98 
_diffrn_radiation_wavelength.wt           1.0 
# 
_diffrn_source.diffrn_id                   1 
_diffrn_source.source                      SYNCHROTRON 
_diffrn_source.type                        'PHOTON FACTORY BEAMLINE BL-17A' 
_diffrn_source.pdbx_synchrotron_site       'Photon Factory' 
_diffrn_source.pdbx_synchrotron_beamline   BL-17A 
_diffrn_source.pdbx_wavelength             ? 
_diffrn_source.pdbx_wavelength_list        0.98 
# 
_reflns.entry_id                     3VYJ 
_reflns.observed_criterion_sigma_I   -3 
_reflns.observed_criterion_sigma_F   ? 
_reflns.d_resolution_low             100 
_reflns.d_resolution_high            2.15 
_reflns.number_obs                   10806 
_reflns.number_all                   ? 
_reflns.percent_possible_obs         99.9 
_reflns.pdbx_Rmerge_I_obs            ? 
_reflns.pdbx_Rsym_value              0.072 
_reflns.pdbx_netI_over_sigmaI        ? 
_reflns.B_iso_Wilson_estimate        34.2 
_reflns.pdbx_redundancy              19.7 
_reflns.R_free_details               ? 
_reflns.limit_h_max                  ? 
_reflns.limit_h_min                  ? 
_reflns.limit_k_max                  ? 
_reflns.limit_k_min                  ? 
_reflns.limit_l_max                  ? 
_reflns.limit_l_min                  ? 
_reflns.observed_criterion_F_max     ? 
_reflns.observed_criterion_F_min     ? 
_reflns.pdbx_chi_squared             ? 
_reflns.pdbx_scaling_rejects         ? 
_reflns.pdbx_ordinal                 1 
_reflns.pdbx_diffrn_id               1 
# 
_reflns_shell.d_res_high                  2.15 
_reflns_shell.d_res_low                   2.19 
_reflns_shell.percent_possible_all        100 
_reflns_shell.Rmerge_I_obs                ? 
_reflns_shell.pdbx_Rsym_value             0.484 
_reflns_shell.meanI_over_sigI_obs         ? 
_reflns_shell.pdbx_redundancy             20.8 
_reflns_shell.percent_possible_obs        ? 
_reflns_shell.number_unique_all           503 
_reflns_shell.number_measured_all         ? 
_reflns_shell.number_measured_obs         ? 
_reflns_shell.number_unique_obs           ? 
_reflns_shell.pdbx_chi_squared            ? 
_reflns_shell.pdbx_rejects                ? 
_reflns_shell.pdbx_netI_over_sigmaI_obs   ? 
_reflns_shell.number_possible             ? 
_reflns_shell.Rmerge_F_all                ? 
_reflns_shell.Rmerge_F_obs                ? 
_reflns_shell.Rmerge_I_all                ? 
_reflns_shell.meanI_over_sigI_all         ? 
_reflns_shell.pdbx_Rrim_I_all             ? 
_reflns_shell.pdbx_Rpim_I_all             ? 
_reflns_shell.pdbx_ordinal                1 
_reflns_shell.pdbx_diffrn_id              1 
# 
_refine.entry_id                                 3VYJ 
_refine.ls_number_reflns_obs                     10218 
_refine.ls_number_reflns_all                     ? 
_refine.pdbx_ls_sigma_I                          ? 
_refine.pdbx_ls_sigma_F                          ? 
_refine.pdbx_data_cutoff_high_absF               ? 
_refine.pdbx_data_cutoff_low_absF                ? 
_refine.pdbx_data_cutoff_high_rms_absF           ? 
_refine.ls_d_res_low                             42.80 
_refine.ls_d_res_high                            2.15 
_refine.ls_percent_reflns_obs                    99.93 
_refine.ls_R_factor_obs                          0.23709 
_refine.ls_R_factor_all                          ? 
_refine.ls_R_factor_R_work                       0.23541 
_refine.ls_R_factor_R_free                       0.27161 
_refine.ls_R_factor_R_free_error                 ? 
_refine.ls_R_factor_R_free_error_details         ? 
_refine.ls_percent_reflns_R_free                 4.6 
_refine.ls_number_reflns_R_free                  497 
_refine.ls_number_parameters                     ? 
_refine.ls_number_restraints                     ? 
_refine.occupancy_min                            ? 
_refine.occupancy_max                            ? 
_refine.correlation_coeff_Fo_to_Fc               0.935 
_refine.correlation_coeff_Fo_to_Fc_free          0.911 
_refine.B_iso_mean                               34.451 
_refine.aniso_B[1][1]                            0.68 
_refine.aniso_B[2][2]                            0.68 
_refine.aniso_B[3][3]                            -1.02 
_refine.aniso_B[1][2]                            0.34 
_refine.aniso_B[1][3]                            0.00 
_refine.aniso_B[2][3]                            0.00 
_refine.solvent_model_details                    MASK 
_refine.solvent_model_param_ksol                 ? 
_refine.solvent_model_param_bsol                 ? 
_refine.pdbx_solvent_vdw_probe_radii             1.20 
_refine.pdbx_solvent_ion_probe_radii             0.80 
_refine.pdbx_solvent_shrinkage_radii             0.80 
_refine.pdbx_ls_cross_valid_method               THROUGHOUT 
_refine.details                                  ? 
_refine.pdbx_starting_model                      ? 
_refine.pdbx_method_to_determine_struct          'MOLECULAR REPLACEMENT' 
_refine.pdbx_isotropic_thermal_model             ? 
_refine.pdbx_stereochemistry_target_values       'MAXIMUM LIKELIHOOD' 
_refine.pdbx_stereochem_target_val_spec_case     ? 
_refine.pdbx_R_Free_selection_details            RANDOM 
_refine.pdbx_overall_ESU_R                       0.222 
_refine.pdbx_overall_ESU_R_Free                  0.194 
_refine.overall_SU_ML                            0.147 
_refine.pdbx_overall_phase_error                 ? 
_refine.overall_SU_B                             5.699 
_refine.overall_SU_R_Cruickshank_DPI             ? 
_refine.ls_redundancy_reflns_obs                 ? 
_refine.B_iso_min                                ? 
_refine.B_iso_max                                ? 
_refine.overall_SU_R_free                        ? 
_refine.ls_wR_factor_R_free                      ? 
_refine.ls_wR_factor_R_work                      ? 
_refine.overall_FOM_free_R_set                   ? 
_refine.overall_FOM_work_R_set                   ? 
_refine.pdbx_diffrn_id                           1 
_refine.pdbx_refine_id                           'X-RAY DIFFRACTION' 
_refine.pdbx_TLS_residual_ADP_flag               ? 
_refine.pdbx_overall_SU_R_free_Cruickshank_DPI   ? 
_refine.pdbx_overall_SU_R_Blow_DPI               ? 
_refine.pdbx_overall_SU_R_free_Blow_DPI          ? 
# 
_refine_hist.pdbx_refine_id                   'X-RAY DIFFRACTION' 
_refine_hist.cycle_id                         LAST 
_refine_hist.pdbx_number_atoms_protein        1049 
_refine_hist.pdbx_number_atoms_nucleic_acid   0 
_refine_hist.pdbx_number_atoms_ligand         15 
_refine_hist.number_atoms_solvent             28 
_refine_hist.number_atoms_total               1092 
_refine_hist.d_res_high                       2.15 
_refine_hist.d_res_low                        42.80 
# 
loop_
_refine_ls_restr.type 
_refine_ls_restr.dev_ideal 
_refine_ls_restr.dev_ideal_target 
_refine_ls_restr.weight 
_refine_ls_restr.number 
_refine_ls_restr.pdbx_restraint_function 
_refine_ls_restr.pdbx_refine_id 
r_bond_refined_d             0.010  0.020  ? 1099 ? 'X-RAY DIFFRACTION' 
r_bond_other_d               ?      ?      ? ?    ? 'X-RAY DIFFRACTION' 
r_angle_refined_deg          1.319  1.890  ? 1497 ? 'X-RAY DIFFRACTION' 
r_angle_other_deg            ?      ?      ? ?    ? 'X-RAY DIFFRACTION' 
r_dihedral_angle_1_deg       6.521  5.000  ? 127  ? 'X-RAY DIFFRACTION' 
r_dihedral_angle_2_deg       39.295 24.912 ? 57   ? 'X-RAY DIFFRACTION' 
r_dihedral_angle_3_deg       15.566 15.000 ? 175  ? 'X-RAY DIFFRACTION' 
r_dihedral_angle_4_deg       28.642 15.000 ? 3    ? 'X-RAY DIFFRACTION' 
r_chiral_restr               0.092  0.200  ? 149  ? 'X-RAY DIFFRACTION' 
r_gen_planes_refined         0.006  0.021  ? 848  ? 'X-RAY DIFFRACTION' 
r_gen_planes_other           ?      ?      ? ?    ? 'X-RAY DIFFRACTION' 
r_nbd_refined                ?      ?      ? ?    ? 'X-RAY DIFFRACTION' 
r_nbd_other                  ?      ?      ? ?    ? 'X-RAY DIFFRACTION' 
r_nbtor_refined              ?      ?      ? ?    ? 'X-RAY DIFFRACTION' 
r_nbtor_other                ?      ?      ? ?    ? 'X-RAY DIFFRACTION' 
r_xyhbond_nbd_refined        ?      ?      ? ?    ? 'X-RAY DIFFRACTION' 
r_xyhbond_nbd_other          ?      ?      ? ?    ? 'X-RAY DIFFRACTION' 
r_metal_ion_refined          ?      ?      ? ?    ? 'X-RAY DIFFRACTION' 
r_metal_ion_other            ?      ?      ? ?    ? 'X-RAY DIFFRACTION' 
r_symmetry_vdw_refined       ?      ?      ? ?    ? 'X-RAY DIFFRACTION' 
r_symmetry_vdw_other         ?      ?      ? ?    ? 'X-RAY DIFFRACTION' 
r_symmetry_hbond_refined     ?      ?      ? ?    ? 'X-RAY DIFFRACTION' 
r_symmetry_hbond_other       ?      ?      ? ?    ? 'X-RAY DIFFRACTION' 
r_symmetry_metal_ion_refined ?      ?      ? ?    ? 'X-RAY DIFFRACTION' 
r_symmetry_metal_ion_other   ?      ?      ? ?    ? 'X-RAY DIFFRACTION' 
r_mcbond_it                  ?      ?      ? ?    ? 'X-RAY DIFFRACTION' 
r_mcbond_other               ?      ?      ? ?    ? 'X-RAY DIFFRACTION' 
r_mcangle_it                 ?      ?      ? ?    ? 'X-RAY DIFFRACTION' 
r_scbond_it                  ?      ?      ? ?    ? 'X-RAY DIFFRACTION' 
r_scangle_it                 ?      ?      ? ?    ? 'X-RAY DIFFRACTION' 
r_rigid_bond_restr           ?      ?      ? ?    ? 'X-RAY DIFFRACTION' 
r_sphericity_free            ?      ?      ? ?    ? 'X-RAY DIFFRACTION' 
r_sphericity_bonded          ?      ?      ? ?    ? 'X-RAY DIFFRACTION' 
# 
_refine_ls_shell.pdbx_refine_id                   'X-RAY DIFFRACTION' 
_refine_ls_shell.pdbx_total_number_of_bins_used   20 
_refine_ls_shell.d_res_high                       2.152 
_refine_ls_shell.d_res_low                        2.208 
_refine_ls_shell.number_reflns_R_work             579 
_refine_ls_shell.R_factor_R_work                  0.286 
_refine_ls_shell.percent_reflns_obs               100.00 
_refine_ls_shell.R_factor_R_free                  0.357 
_refine_ls_shell.R_factor_R_free_error            ? 
_refine_ls_shell.percent_reflns_R_free            ? 
_refine_ls_shell.number_reflns_R_free             28 
_refine_ls_shell.number_reflns_all                ? 
_refine_ls_shell.R_factor_all                     ? 
_refine_ls_shell.number_reflns_obs                ? 
_refine_ls_shell.redundancy_reflns_obs            ? 
# 
_struct.entry_id                  3VYJ 
_struct.title                     
'Crystal structure of C-type lectin domain of murine dendritic cell inhibitory receptor 2 (apo form)' 
_struct.pdbx_model_details        ? 
_struct.pdbx_CASP_flag            ? 
_struct.pdbx_model_type_details   ? 
# 
_struct_keywords.entry_id        3VYJ 
_struct_keywords.pdbx_keywords   'CARBOHYDRATE BINDING PROTEIN' 
_struct_keywords.text            'C-type lectin fold, cell surface, CARBOHYDRATE BINDING PROTEIN' 
# 
loop_
_struct_asym.id 
_struct_asym.pdbx_blank_PDB_chainid_flag 
_struct_asym.pdbx_modified 
_struct_asym.entity_id 
_struct_asym.details 
A N N 1 ? 
B N N 2 ? 
C N N 2 ? 
D N N 2 ? 
E N N 3 ? 
# 
_struct_ref.id                         1 
_struct_ref.db_name                    UNP 
_struct_ref.db_code                    Q5YIR8_MOUSE 
_struct_ref.pdbx_db_accession          Q5YIR8 
_struct_ref.entity_id                  1 
_struct_ref.pdbx_seq_one_letter_code   
;CPKDWKPFVSHCYFILNDSKASWNESEEKCSHMGAHLVVIHSQAEQDFITSNLNTSAGYFIGLLDAGQRQWRWIDQTPYN
KSATFWHKGEPNQDWERCVIINHKTTGWGWNDIPCKDEHNSVCQVKK
;
_struct_ref.pdbx_align_begin           107 
_struct_ref.pdbx_db_isoform            ? 
# 
_struct_ref_seq.align_id                      1 
_struct_ref_seq.ref_id                        1 
_struct_ref_seq.pdbx_PDB_id_code              3VYJ 
_struct_ref_seq.pdbx_strand_id                A 
_struct_ref_seq.seq_align_beg                 3 
_struct_ref_seq.pdbx_seq_align_beg_ins_code   ? 
_struct_ref_seq.seq_align_end                 129 
_struct_ref_seq.pdbx_seq_align_end_ins_code   ? 
_struct_ref_seq.pdbx_db_accession             Q5YIR8 
_struct_ref_seq.db_align_beg                  107 
_struct_ref_seq.pdbx_db_align_beg_ins_code    ? 
_struct_ref_seq.db_align_end                  233 
_struct_ref_seq.pdbx_db_align_end_ins_code    ? 
_struct_ref_seq.pdbx_auth_seq_align_beg       107 
_struct_ref_seq.pdbx_auth_seq_align_end       233 
# 
loop_
_struct_ref_seq_dif.align_id 
_struct_ref_seq_dif.pdbx_pdb_id_code 
_struct_ref_seq_dif.mon_id 
_struct_ref_seq_dif.pdbx_pdb_strand_id 
_struct_ref_seq_dif.seq_num 
_struct_ref_seq_dif.pdbx_pdb_ins_code 
_struct_ref_seq_dif.pdbx_seq_db_name 
_struct_ref_seq_dif.pdbx_seq_db_accession_code 
_struct_ref_seq_dif.db_mon_id 
_struct_ref_seq_dif.pdbx_seq_db_seq_num 
_struct_ref_seq_dif.details 
_struct_ref_seq_dif.pdbx_auth_seq_num 
_struct_ref_seq_dif.pdbx_ordinal 
1 3VYJ GLY A 1 ? UNP Q5YIR8 ? ? 'expression tag' 105 1 
1 3VYJ SER A 2 ? UNP Q5YIR8 ? ? 'expression tag' 106 2 
# 
_pdbx_struct_assembly.id                   1 
_pdbx_struct_assembly.details              author_and_software_defined_assembly 
_pdbx_struct_assembly.method_details       PISA 
_pdbx_struct_assembly.oligomeric_details   monomeric 
_pdbx_struct_assembly.oligomeric_count     1 
# 
_pdbx_struct_assembly_gen.assembly_id       1 
_pdbx_struct_assembly_gen.oper_expression   1 
_pdbx_struct_assembly_gen.asym_id_list      A,B,C,D,E 
# 
_pdbx_struct_oper_list.id                   1 
_pdbx_struct_oper_list.type                 'identity operation' 
_pdbx_struct_oper_list.name                 1_555 
_pdbx_struct_oper_list.symmetry_operation   x,y,z 
_pdbx_struct_oper_list.matrix[1][1]         1.0000000000 
_pdbx_struct_oper_list.matrix[1][2]         0.0000000000 
_pdbx_struct_oper_list.matrix[1][3]         0.0000000000 
_pdbx_struct_oper_list.vector[1]            0.0000000000 
_pdbx_struct_oper_list.matrix[2][1]         0.0000000000 
_pdbx_struct_oper_list.matrix[2][2]         1.0000000000 
_pdbx_struct_oper_list.matrix[2][3]         0.0000000000 
_pdbx_struct_oper_list.vector[2]            0.0000000000 
_pdbx_struct_oper_list.matrix[3][1]         0.0000000000 
_pdbx_struct_oper_list.matrix[3][2]         0.0000000000 
_pdbx_struct_oper_list.matrix[3][3]         1.0000000000 
_pdbx_struct_oper_list.vector[3]            0.0000000000 
# 
_struct_biol.id        1 
_struct_biol.details   ? 
# 
loop_
_struct_conf.conf_type_id 
_struct_conf.id 
_struct_conf.pdbx_PDB_helix_id 
_struct_conf.beg_label_comp_id 
_struct_conf.beg_label_asym_id 
_struct_conf.beg_label_seq_id 
_struct_conf.pdbx_beg_PDB_ins_code 
_struct_conf.end_label_comp_id 
_struct_conf.end_label_asym_id 
_struct_conf.end_label_seq_id 
_struct_conf.pdbx_end_PDB_ins_code 
_struct_conf.beg_auth_comp_id 
_struct_conf.beg_auth_asym_id 
_struct_conf.beg_auth_seq_id 
_struct_conf.end_auth_comp_id 
_struct_conf.end_auth_asym_id 
_struct_conf.end_auth_seq_id 
_struct_conf.pdbx_PDB_helix_class 
_struct_conf.details 
_struct_conf.pdbx_PDB_helix_length 
HELX_P HELX_P1 1 SER A 24 ? MET A 35 ? SER A 128 MET A 139 1 ? 12 
HELX_P HELX_P2 2 SER A 44 ? ASN A 54 ? SER A 148 ASN A 158 1 ? 11 
HELX_P HELX_P3 3 ASN A 82 ? THR A 86 ? ASN A 186 THR A 190 5 ? 5  
# 
_struct_conf_type.id          HELX_P 
_struct_conf_type.criteria    ? 
_struct_conf_type.reference   ? 
# 
loop_
_struct_conn.id 
_struct_conn.conn_type_id 
_struct_conn.pdbx_leaving_atom_flag 
_struct_conn.pdbx_PDB_id 
_struct_conn.ptnr1_label_asym_id 
_struct_conn.ptnr1_label_comp_id 
_struct_conn.ptnr1_label_seq_id 
_struct_conn.ptnr1_label_atom_id 
_struct_conn.pdbx_ptnr1_label_alt_id 
_struct_conn.pdbx_ptnr1_PDB_ins_code 
_struct_conn.pdbx_ptnr1_standard_comp_id 
_struct_conn.ptnr1_symmetry 
_struct_conn.ptnr2_label_asym_id 
_struct_conn.ptnr2_label_comp_id 
_struct_conn.ptnr2_label_seq_id 
_struct_conn.ptnr2_label_atom_id 
_struct_conn.pdbx_ptnr2_label_alt_id 
_struct_conn.pdbx_ptnr2_PDB_ins_code 
_struct_conn.ptnr1_auth_asym_id 
_struct_conn.ptnr1_auth_comp_id 
_struct_conn.ptnr1_auth_seq_id 
_struct_conn.ptnr2_auth_asym_id 
_struct_conn.ptnr2_auth_comp_id 
_struct_conn.ptnr2_auth_seq_id 
_struct_conn.ptnr2_symmetry 
_struct_conn.pdbx_ptnr3_label_atom_id 
_struct_conn.pdbx_ptnr3_label_seq_id 
_struct_conn.pdbx_ptnr3_label_comp_id 
_struct_conn.pdbx_ptnr3_label_asym_id 
_struct_conn.pdbx_ptnr3_label_alt_id 
_struct_conn.pdbx_ptnr3_PDB_ins_code 
_struct_conn.details 
_struct_conn.pdbx_dist_value 
_struct_conn.pdbx_value_order 
_struct_conn.pdbx_role 
disulf1 disulf ? ? A CYS 3   SG ? ? ? 1_555 A CYS 14  SG ? ? A CYS 107 A CYS 118 1_555 ? ? ? ? ? ? ? 2.079 ? ? 
disulf2 disulf ? ? A CYS 32  SG ? ? ? 1_555 A CYS 125 SG ? ? A CYS 136 A CYS 229 1_555 ? ? ? ? ? ? ? 2.093 ? ? 
disulf3 disulf ? ? A CYS 100 SG ? ? ? 1_555 A CYS 117 SG ? ? A CYS 204 A CYS 221 1_555 ? ? ? ? ? ? ? 2.069 ? ? 
# 
_struct_conn_type.id          disulf 
_struct_conn_type.criteria    ? 
_struct_conn_type.reference   ? 
# 
loop_
_pdbx_modification_feature.ordinal 
_pdbx_modification_feature.label_comp_id 
_pdbx_modification_feature.label_asym_id 
_pdbx_modification_feature.label_seq_id 
_pdbx_modification_feature.label_alt_id 
_pdbx_modification_feature.modified_residue_label_comp_id 
_pdbx_modification_feature.modified_residue_label_asym_id 
_pdbx_modification_feature.modified_residue_label_seq_id 
_pdbx_modification_feature.modified_residue_label_alt_id 
_pdbx_modification_feature.auth_comp_id 
_pdbx_modification_feature.auth_asym_id 
_pdbx_modification_feature.auth_seq_id 
_pdbx_modification_feature.PDB_ins_code 
_pdbx_modification_feature.symmetry 
_pdbx_modification_feature.modified_residue_auth_comp_id 
_pdbx_modification_feature.modified_residue_auth_asym_id 
_pdbx_modification_feature.modified_residue_auth_seq_id 
_pdbx_modification_feature.modified_residue_PDB_ins_code 
_pdbx_modification_feature.modified_residue_symmetry 
_pdbx_modification_feature.comp_id_linking_atom 
_pdbx_modification_feature.modified_residue_id_linking_atom 
_pdbx_modification_feature.modified_residue_id 
_pdbx_modification_feature.ref_pcm_id 
_pdbx_modification_feature.ref_comp_id 
_pdbx_modification_feature.type 
_pdbx_modification_feature.category 
1 CYS A 3   ? CYS A 14  ? CYS A 107 ? 1_555 CYS A 118 ? 1_555 SG SG . . . None 'Disulfide bridge' 
2 CYS A 32  ? CYS A 125 ? CYS A 136 ? 1_555 CYS A 229 ? 1_555 SG SG . . . None 'Disulfide bridge' 
3 CYS A 100 ? CYS A 117 ? CYS A 204 ? 1_555 CYS A 221 ? 1_555 SG SG . . . None 'Disulfide bridge' 
# 
_struct_mon_prot_cis.pdbx_id                1 
_struct_mon_prot_cis.label_comp_id          GLU 
_struct_mon_prot_cis.label_seq_id           92 
_struct_mon_prot_cis.label_asym_id          A 
_struct_mon_prot_cis.label_alt_id           . 
_struct_mon_prot_cis.pdbx_PDB_ins_code      ? 
_struct_mon_prot_cis.auth_comp_id           GLU 
_struct_mon_prot_cis.auth_seq_id            196 
_struct_mon_prot_cis.auth_asym_id           A 
_struct_mon_prot_cis.pdbx_label_comp_id_2   PRO 
_struct_mon_prot_cis.pdbx_label_seq_id_2    93 
_struct_mon_prot_cis.pdbx_label_asym_id_2   A 
_struct_mon_prot_cis.pdbx_PDB_ins_code_2    ? 
_struct_mon_prot_cis.pdbx_auth_comp_id_2    PRO 
_struct_mon_prot_cis.pdbx_auth_seq_id_2     197 
_struct_mon_prot_cis.pdbx_auth_asym_id_2    A 
_struct_mon_prot_cis.pdbx_PDB_model_num     1 
_struct_mon_prot_cis.pdbx_omega_angle       -5.20 
# 
loop_
_struct_sheet.id 
_struct_sheet.type 
_struct_sheet.number_strands 
_struct_sheet.details 
A ? 4 ? 
B ? 6 ? 
C ? 2 ? 
# 
loop_
_struct_sheet_order.sheet_id 
_struct_sheet_order.range_id_1 
_struct_sheet_order.range_id_2 
_struct_sheet_order.offset 
_struct_sheet_order.sense 
A 1 2 ? anti-parallel 
A 2 3 ? anti-parallel 
A 3 4 ? anti-parallel 
B 1 2 ? anti-parallel 
B 2 3 ? anti-parallel 
B 3 4 ? parallel      
B 4 5 ? anti-parallel 
B 5 6 ? anti-parallel 
C 1 2 ? anti-parallel 
# 
loop_
_struct_sheet_range.sheet_id 
_struct_sheet_range.id 
_struct_sheet_range.beg_label_comp_id 
_struct_sheet_range.beg_label_asym_id 
_struct_sheet_range.beg_label_seq_id 
_struct_sheet_range.pdbx_beg_PDB_ins_code 
_struct_sheet_range.end_label_comp_id 
_struct_sheet_range.end_label_asym_id 
_struct_sheet_range.end_label_seq_id 
_struct_sheet_range.pdbx_end_PDB_ins_code 
_struct_sheet_range.beg_auth_comp_id 
_struct_sheet_range.beg_auth_asym_id 
_struct_sheet_range.beg_auth_seq_id 
_struct_sheet_range.end_auth_comp_id 
_struct_sheet_range.end_auth_asym_id 
_struct_sheet_range.end_auth_seq_id 
A 1 LYS A 8   ? PHE A 10  ? LYS A 112 PHE A 114 
A 2 HIS A 13  ? ALA A 23  ? HIS A 117 ALA A 127 
A 3 HIS A 121 ? LYS A 128 ? HIS A 225 LYS A 232 
A 4 HIS A 38  ? LEU A 39  ? HIS A 142 LEU A 143 
B 1 LYS A 8   ? PHE A 10  ? LYS A 112 PHE A 114 
B 2 HIS A 13  ? ALA A 23  ? HIS A 117 ALA A 127 
B 3 HIS A 121 ? LYS A 128 ? HIS A 225 LYS A 232 
B 4 TYR A 61  ? PHE A 62  ? TYR A 165 PHE A 166 
B 5 CYS A 100 ? LYS A 106 ? CYS A 204 LYS A 210 
B 6 GLY A 109 ? ILE A 115 ? GLY A 213 ILE A 219 
C 1 LEU A 65  ? ASP A 67  ? LEU A 169 ASP A 171 
C 2 TRP A 73  ? TRP A 75  ? TRP A 177 TRP A 179 
# 
loop_
_pdbx_struct_sheet_hbond.sheet_id 
_pdbx_struct_sheet_hbond.range_id_1 
_pdbx_struct_sheet_hbond.range_id_2 
_pdbx_struct_sheet_hbond.range_1_label_atom_id 
_pdbx_struct_sheet_hbond.range_1_label_comp_id 
_pdbx_struct_sheet_hbond.range_1_label_asym_id 
_pdbx_struct_sheet_hbond.range_1_label_seq_id 
_pdbx_struct_sheet_hbond.range_1_PDB_ins_code 
_pdbx_struct_sheet_hbond.range_1_auth_atom_id 
_pdbx_struct_sheet_hbond.range_1_auth_comp_id 
_pdbx_struct_sheet_hbond.range_1_auth_asym_id 
_pdbx_struct_sheet_hbond.range_1_auth_seq_id 
_pdbx_struct_sheet_hbond.range_2_label_atom_id 
_pdbx_struct_sheet_hbond.range_2_label_comp_id 
_pdbx_struct_sheet_hbond.range_2_label_asym_id 
_pdbx_struct_sheet_hbond.range_2_label_seq_id 
_pdbx_struct_sheet_hbond.range_2_PDB_ins_code 
_pdbx_struct_sheet_hbond.range_2_auth_atom_id 
_pdbx_struct_sheet_hbond.range_2_auth_comp_id 
_pdbx_struct_sheet_hbond.range_2_auth_asym_id 
_pdbx_struct_sheet_hbond.range_2_auth_seq_id 
A 1 2 N LYS A 8   ? N LYS A 112 O TYR A 15  ? O TYR A 119 
A 2 3 N LEU A 18  ? N LEU A 122 O SER A 123 ? O SER A 227 
A 3 4 O GLN A 126 ? O GLN A 230 N HIS A 38  ? N HIS A 142 
B 1 2 N LYS A 8   ? N LYS A 112 O TYR A 15  ? O TYR A 119 
B 2 3 N LEU A 18  ? N LEU A 122 O SER A 123 ? O SER A 227 
B 3 4 O ASN A 122 ? O ASN A 226 N PHE A 62  ? N PHE A 166 
B 4 5 N TYR A 61  ? N TYR A 165 O ILE A 103 ? O ILE A 207 
B 5 6 N LYS A 106 ? N LYS A 210 O GLY A 109 ? O GLY A 213 
C 1 2 N LEU A 66  ? N LEU A 170 O ARG A 74  ? O ARG A 178 
# 
loop_
_struct_site.id 
_struct_site.pdbx_evidence_code 
_struct_site.pdbx_auth_asym_id 
_struct_site.pdbx_auth_comp_id 
_struct_site.pdbx_auth_seq_id 
_struct_site.pdbx_auth_ins_code 
_struct_site.pdbx_num_residues 
_struct_site.details 
AC1 Software A SO4 1001 ? 3 'BINDING SITE FOR RESIDUE SO4 A 1001' 
AC2 Software A SO4 1002 ? 5 'BINDING SITE FOR RESIDUE SO4 A 1002' 
AC3 Software A SO4 1003 ? 5 'BINDING SITE FOR RESIDUE SO4 A 1003' 
# 
loop_
_struct_site_gen.id 
_struct_site_gen.site_id 
_struct_site_gen.pdbx_num_res 
_struct_site_gen.label_comp_id 
_struct_site_gen.label_asym_id 
_struct_site_gen.label_seq_id 
_struct_site_gen.pdbx_auth_ins_code 
_struct_site_gen.auth_comp_id 
_struct_site_gen.auth_asym_id 
_struct_site_gen.auth_seq_id 
_struct_site_gen.label_atom_id 
_struct_site_gen.label_alt_id 
_struct_site_gen.symmetry 
_struct_site_gen.details 
1  AC1 3 HIS A 89  ? HIS A 193  . ? 1_555 ? 
2  AC1 3 LYS A 90  ? LYS A 194  . ? 1_555 ? 
3  AC1 3 THR A 108 ? THR A 212  . ? 1_555 ? 
4  AC2 5 LYS A 22  ? LYS A 126  . ? 1_555 ? 
5  AC2 5 SER A 58  ? SER A 162  . ? 1_555 ? 
6  AC2 5 ALA A 59  ? ALA A 163  . ? 1_555 ? 
7  AC2 5 GLY A 60  ? GLY A 164  . ? 1_555 ? 
8  AC2 5 HIS A 121 ? HIS A 225  . ? 1_555 ? 
9  AC3 5 GLU A 98  ? GLU A 202  . ? 1_555 ? 
10 AC3 5 PRO A 116 ? PRO A 220  . ? 1_555 ? 
11 AC3 5 CYS A 117 ? CYS A 221  . ? 1_555 ? 
12 AC3 5 LYS A 118 ? LYS A 222  . ? 1_555 ? 
13 AC3 5 HOH E .   ? HOH A 1125 . ? 1_555 ? 
# 
_pdbx_entry_details.entry_id                   3VYJ 
_pdbx_entry_details.compound_details           ? 
_pdbx_entry_details.source_details             ? 
_pdbx_entry_details.nonpolymer_details         ? 
_pdbx_entry_details.sequence_details           ? 
_pdbx_entry_details.has_ligand_of_interest     ? 
_pdbx_entry_details.has_protein_modification   Y 
# 
loop_
_pdbx_validate_torsion.id 
_pdbx_validate_torsion.PDB_model_num 
_pdbx_validate_torsion.auth_comp_id 
_pdbx_validate_torsion.auth_asym_id 
_pdbx_validate_torsion.auth_seq_id 
_pdbx_validate_torsion.PDB_ins_code 
_pdbx_validate_torsion.label_alt_id 
_pdbx_validate_torsion.phi 
_pdbx_validate_torsion.psi 
1 1 VAL A 115 ? ? 50.19   -122.47 
2 1 ALA A 141 ? ? -121.93 -169.17 
3 1 PRO A 197 ? ? -101.93 48.23   
# 
_pdbx_unobs_or_zero_occ_residues.id               1 
_pdbx_unobs_or_zero_occ_residues.PDB_model_num    1 
_pdbx_unobs_or_zero_occ_residues.polymer_flag     Y 
_pdbx_unobs_or_zero_occ_residues.occupancy_flag   1 
_pdbx_unobs_or_zero_occ_residues.auth_asym_id     A 
_pdbx_unobs_or_zero_occ_residues.auth_comp_id     GLY 
_pdbx_unobs_or_zero_occ_residues.auth_seq_id      105 
_pdbx_unobs_or_zero_occ_residues.PDB_ins_code     ? 
_pdbx_unobs_or_zero_occ_residues.label_asym_id    A 
_pdbx_unobs_or_zero_occ_residues.label_comp_id    GLY 
_pdbx_unobs_or_zero_occ_residues.label_seq_id     1 
# 
loop_
_chem_comp_atom.comp_id 
_chem_comp_atom.atom_id 
_chem_comp_atom.type_symbol 
_chem_comp_atom.pdbx_aromatic_flag 
_chem_comp_atom.pdbx_stereo_config 
_chem_comp_atom.pdbx_ordinal 
ALA N    N N N 1   
ALA CA   C N S 2   
ALA C    C N N 3   
ALA O    O N N 4   
ALA CB   C N N 5   
ALA OXT  O N N 6   
ALA H    H N N 7   
ALA H2   H N N 8   
ALA HA   H N N 9   
ALA HB1  H N N 10  
ALA HB2  H N N 11  
ALA HB3  H N N 12  
ALA HXT  H N N 13  
ARG N    N N N 14  
ARG CA   C N S 15  
ARG C    C N N 16  
ARG O    O N N 17  
ARG CB   C N N 18  
ARG CG   C N N 19  
ARG CD   C N N 20  
ARG NE   N N N 21  
ARG CZ   C N N 22  
ARG NH1  N N N 23  
ARG NH2  N N N 24  
ARG OXT  O N N 25  
ARG H    H N N 26  
ARG H2   H N N 27  
ARG HA   H N N 28  
ARG HB2  H N N 29  
ARG HB3  H N N 30  
ARG HG2  H N N 31  
ARG HG3  H N N 32  
ARG HD2  H N N 33  
ARG HD3  H N N 34  
ARG HE   H N N 35  
ARG HH11 H N N 36  
ARG HH12 H N N 37  
ARG HH21 H N N 38  
ARG HH22 H N N 39  
ARG HXT  H N N 40  
ASN N    N N N 41  
ASN CA   C N S 42  
ASN C    C N N 43  
ASN O    O N N 44  
ASN CB   C N N 45  
ASN CG   C N N 46  
ASN OD1  O N N 47  
ASN ND2  N N N 48  
ASN OXT  O N N 49  
ASN H    H N N 50  
ASN H2   H N N 51  
ASN HA   H N N 52  
ASN HB2  H N N 53  
ASN HB3  H N N 54  
ASN HD21 H N N 55  
ASN HD22 H N N 56  
ASN HXT  H N N 57  
ASP N    N N N 58  
ASP CA   C N S 59  
ASP C    C N N 60  
ASP O    O N N 61  
ASP CB   C N N 62  
ASP CG   C N N 63  
ASP OD1  O N N 64  
ASP OD2  O N N 65  
ASP OXT  O N N 66  
ASP H    H N N 67  
ASP H2   H N N 68  
ASP HA   H N N 69  
ASP HB2  H N N 70  
ASP HB3  H N N 71  
ASP HD2  H N N 72  
ASP HXT  H N N 73  
CYS N    N N N 74  
CYS CA   C N R 75  
CYS C    C N N 76  
CYS O    O N N 77  
CYS CB   C N N 78  
CYS SG   S N N 79  
CYS OXT  O N N 80  
CYS H    H N N 81  
CYS H2   H N N 82  
CYS HA   H N N 83  
CYS HB2  H N N 84  
CYS HB3  H N N 85  
CYS HG   H N N 86  
CYS HXT  H N N 87  
GLN N    N N N 88  
GLN CA   C N S 89  
GLN C    C N N 90  
GLN O    O N N 91  
GLN CB   C N N 92  
GLN CG   C N N 93  
GLN CD   C N N 94  
GLN OE1  O N N 95  
GLN NE2  N N N 96  
GLN OXT  O N N 97  
GLN H    H N N 98  
GLN H2   H N N 99  
GLN HA   H N N 100 
GLN HB2  H N N 101 
GLN HB3  H N N 102 
GLN HG2  H N N 103 
GLN HG3  H N N 104 
GLN HE21 H N N 105 
GLN HE22 H N N 106 
GLN HXT  H N N 107 
GLU N    N N N 108 
GLU CA   C N S 109 
GLU C    C N N 110 
GLU O    O N N 111 
GLU CB   C N N 112 
GLU CG   C N N 113 
GLU CD   C N N 114 
GLU OE1  O N N 115 
GLU OE2  O N N 116 
GLU OXT  O N N 117 
GLU H    H N N 118 
GLU H2   H N N 119 
GLU HA   H N N 120 
GLU HB2  H N N 121 
GLU HB3  H N N 122 
GLU HG2  H N N 123 
GLU HG3  H N N 124 
GLU HE2  H N N 125 
GLU HXT  H N N 126 
GLY N    N N N 127 
GLY CA   C N N 128 
GLY C    C N N 129 
GLY O    O N N 130 
GLY OXT  O N N 131 
GLY H    H N N 132 
GLY H2   H N N 133 
GLY HA2  H N N 134 
GLY HA3  H N N 135 
GLY HXT  H N N 136 
HIS N    N N N 137 
HIS CA   C N S 138 
HIS C    C N N 139 
HIS O    O N N 140 
HIS CB   C N N 141 
HIS CG   C Y N 142 
HIS ND1  N Y N 143 
HIS CD2  C Y N 144 
HIS CE1  C Y N 145 
HIS NE2  N Y N 146 
HIS OXT  O N N 147 
HIS H    H N N 148 
HIS H2   H N N 149 
HIS HA   H N N 150 
HIS HB2  H N N 151 
HIS HB3  H N N 152 
HIS HD1  H N N 153 
HIS HD2  H N N 154 
HIS HE1  H N N 155 
HIS HE2  H N N 156 
HIS HXT  H N N 157 
HOH O    O N N 158 
HOH H1   H N N 159 
HOH H2   H N N 160 
ILE N    N N N 161 
ILE CA   C N S 162 
ILE C    C N N 163 
ILE O    O N N 164 
ILE CB   C N S 165 
ILE CG1  C N N 166 
ILE CG2  C N N 167 
ILE CD1  C N N 168 
ILE OXT  O N N 169 
ILE H    H N N 170 
ILE H2   H N N 171 
ILE HA   H N N 172 
ILE HB   H N N 173 
ILE HG12 H N N 174 
ILE HG13 H N N 175 
ILE HG21 H N N 176 
ILE HG22 H N N 177 
ILE HG23 H N N 178 
ILE HD11 H N N 179 
ILE HD12 H N N 180 
ILE HD13 H N N 181 
ILE HXT  H N N 182 
LEU N    N N N 183 
LEU CA   C N S 184 
LEU C    C N N 185 
LEU O    O N N 186 
LEU CB   C N N 187 
LEU CG   C N N 188 
LEU CD1  C N N 189 
LEU CD2  C N N 190 
LEU OXT  O N N 191 
LEU H    H N N 192 
LEU H2   H N N 193 
LEU HA   H N N 194 
LEU HB2  H N N 195 
LEU HB3  H N N 196 
LEU HG   H N N 197 
LEU HD11 H N N 198 
LEU HD12 H N N 199 
LEU HD13 H N N 200 
LEU HD21 H N N 201 
LEU HD22 H N N 202 
LEU HD23 H N N 203 
LEU HXT  H N N 204 
LYS N    N N N 205 
LYS CA   C N S 206 
LYS C    C N N 207 
LYS O    O N N 208 
LYS CB   C N N 209 
LYS CG   C N N 210 
LYS CD   C N N 211 
LYS CE   C N N 212 
LYS NZ   N N N 213 
LYS OXT  O N N 214 
LYS H    H N N 215 
LYS H2   H N N 216 
LYS HA   H N N 217 
LYS HB2  H N N 218 
LYS HB3  H N N 219 
LYS HG2  H N N 220 
LYS HG3  H N N 221 
LYS HD2  H N N 222 
LYS HD3  H N N 223 
LYS HE2  H N N 224 
LYS HE3  H N N 225 
LYS HZ1  H N N 226 
LYS HZ2  H N N 227 
LYS HZ3  H N N 228 
LYS HXT  H N N 229 
MET N    N N N 230 
MET CA   C N S 231 
MET C    C N N 232 
MET O    O N N 233 
MET CB   C N N 234 
MET CG   C N N 235 
MET SD   S N N 236 
MET CE   C N N 237 
MET OXT  O N N 238 
MET H    H N N 239 
MET H2   H N N 240 
MET HA   H N N 241 
MET HB2  H N N 242 
MET HB3  H N N 243 
MET HG2  H N N 244 
MET HG3  H N N 245 
MET HE1  H N N 246 
MET HE2  H N N 247 
MET HE3  H N N 248 
MET HXT  H N N 249 
PHE N    N N N 250 
PHE CA   C N S 251 
PHE C    C N N 252 
PHE O    O N N 253 
PHE CB   C N N 254 
PHE CG   C Y N 255 
PHE CD1  C Y N 256 
PHE CD2  C Y N 257 
PHE CE1  C Y N 258 
PHE CE2  C Y N 259 
PHE CZ   C Y N 260 
PHE OXT  O N N 261 
PHE H    H N N 262 
PHE H2   H N N 263 
PHE HA   H N N 264 
PHE HB2  H N N 265 
PHE HB3  H N N 266 
PHE HD1  H N N 267 
PHE HD2  H N N 268 
PHE HE1  H N N 269 
PHE HE2  H N N 270 
PHE HZ   H N N 271 
PHE HXT  H N N 272 
PRO N    N N N 273 
PRO CA   C N S 274 
PRO C    C N N 275 
PRO O    O N N 276 
PRO CB   C N N 277 
PRO CG   C N N 278 
PRO CD   C N N 279 
PRO OXT  O N N 280 
PRO H    H N N 281 
PRO HA   H N N 282 
PRO HB2  H N N 283 
PRO HB3  H N N 284 
PRO HG2  H N N 285 
PRO HG3  H N N 286 
PRO HD2  H N N 287 
PRO HD3  H N N 288 
PRO HXT  H N N 289 
SER N    N N N 290 
SER CA   C N S 291 
SER C    C N N 292 
SER O    O N N 293 
SER CB   C N N 294 
SER OG   O N N 295 
SER OXT  O N N 296 
SER H    H N N 297 
SER H2   H N N 298 
SER HA   H N N 299 
SER HB2  H N N 300 
SER HB3  H N N 301 
SER HG   H N N 302 
SER HXT  H N N 303 
SO4 S    S N N 304 
SO4 O1   O N N 305 
SO4 O2   O N N 306 
SO4 O3   O N N 307 
SO4 O4   O N N 308 
THR N    N N N 309 
THR CA   C N S 310 
THR C    C N N 311 
THR O    O N N 312 
THR CB   C N R 313 
THR OG1  O N N 314 
THR CG2  C N N 315 
THR OXT  O N N 316 
THR H    H N N 317 
THR H2   H N N 318 
THR HA   H N N 319 
THR HB   H N N 320 
THR HG1  H N N 321 
THR HG21 H N N 322 
THR HG22 H N N 323 
THR HG23 H N N 324 
THR HXT  H N N 325 
TRP N    N N N 326 
TRP CA   C N S 327 
TRP C    C N N 328 
TRP O    O N N 329 
TRP CB   C N N 330 
TRP CG   C Y N 331 
TRP CD1  C Y N 332 
TRP CD2  C Y N 333 
TRP NE1  N Y N 334 
TRP CE2  C Y N 335 
TRP CE3  C Y N 336 
TRP CZ2  C Y N 337 
TRP CZ3  C Y N 338 
TRP CH2  C Y N 339 
TRP OXT  O N N 340 
TRP H    H N N 341 
TRP H2   H N N 342 
TRP HA   H N N 343 
TRP HB2  H N N 344 
TRP HB3  H N N 345 
TRP HD1  H N N 346 
TRP HE1  H N N 347 
TRP HE3  H N N 348 
TRP HZ2  H N N 349 
TRP HZ3  H N N 350 
TRP HH2  H N N 351 
TRP HXT  H N N 352 
TYR N    N N N 353 
TYR CA   C N S 354 
TYR C    C N N 355 
TYR O    O N N 356 
TYR CB   C N N 357 
TYR CG   C Y N 358 
TYR CD1  C Y N 359 
TYR CD2  C Y N 360 
TYR CE1  C Y N 361 
TYR CE2  C Y N 362 
TYR CZ   C Y N 363 
TYR OH   O N N 364 
TYR OXT  O N N 365 
TYR H    H N N 366 
TYR H2   H N N 367 
TYR HA   H N N 368 
TYR HB2  H N N 369 
TYR HB3  H N N 370 
TYR HD1  H N N 371 
TYR HD2  H N N 372 
TYR HE1  H N N 373 
TYR HE2  H N N 374 
TYR HH   H N N 375 
TYR HXT  H N N 376 
VAL N    N N N 377 
VAL CA   C N S 378 
VAL C    C N N 379 
VAL O    O N N 380 
VAL CB   C N N 381 
VAL CG1  C N N 382 
VAL CG2  C N N 383 
VAL OXT  O N N 384 
VAL H    H N N 385 
VAL H2   H N N 386 
VAL HA   H N N 387 
VAL HB   H N N 388 
VAL HG11 H N N 389 
VAL HG12 H N N 390 
VAL HG13 H N N 391 
VAL HG21 H N N 392 
VAL HG22 H N N 393 
VAL HG23 H N N 394 
VAL HXT  H N N 395 
# 
loop_
_chem_comp_bond.comp_id 
_chem_comp_bond.atom_id_1 
_chem_comp_bond.atom_id_2 
_chem_comp_bond.value_order 
_chem_comp_bond.pdbx_aromatic_flag 
_chem_comp_bond.pdbx_stereo_config 
_chem_comp_bond.pdbx_ordinal 
ALA N   CA   sing N N 1   
ALA N   H    sing N N 2   
ALA N   H2   sing N N 3   
ALA CA  C    sing N N 4   
ALA CA  CB   sing N N 5   
ALA CA  HA   sing N N 6   
ALA C   O    doub N N 7   
ALA C   OXT  sing N N 8   
ALA CB  HB1  sing N N 9   
ALA CB  HB2  sing N N 10  
ALA CB  HB3  sing N N 11  
ALA OXT HXT  sing N N 12  
ARG N   CA   sing N N 13  
ARG N   H    sing N N 14  
ARG N   H2   sing N N 15  
ARG CA  C    sing N N 16  
ARG CA  CB   sing N N 17  
ARG CA  HA   sing N N 18  
ARG C   O    doub N N 19  
ARG C   OXT  sing N N 20  
ARG CB  CG   sing N N 21  
ARG CB  HB2  sing N N 22  
ARG CB  HB3  sing N N 23  
ARG CG  CD   sing N N 24  
ARG CG  HG2  sing N N 25  
ARG CG  HG3  sing N N 26  
ARG CD  NE   sing N N 27  
ARG CD  HD2  sing N N 28  
ARG CD  HD3  sing N N 29  
ARG NE  CZ   sing N N 30  
ARG NE  HE   sing N N 31  
ARG CZ  NH1  sing N N 32  
ARG CZ  NH2  doub N N 33  
ARG NH1 HH11 sing N N 34  
ARG NH1 HH12 sing N N 35  
ARG NH2 HH21 sing N N 36  
ARG NH2 HH22 sing N N 37  
ARG OXT HXT  sing N N 38  
ASN N   CA   sing N N 39  
ASN N   H    sing N N 40  
ASN N   H2   sing N N 41  
ASN CA  C    sing N N 42  
ASN CA  CB   sing N N 43  
ASN CA  HA   sing N N 44  
ASN C   O    doub N N 45  
ASN C   OXT  sing N N 46  
ASN CB  CG   sing N N 47  
ASN CB  HB2  sing N N 48  
ASN CB  HB3  sing N N 49  
ASN CG  OD1  doub N N 50  
ASN CG  ND2  sing N N 51  
ASN ND2 HD21 sing N N 52  
ASN ND2 HD22 sing N N 53  
ASN OXT HXT  sing N N 54  
ASP N   CA   sing N N 55  
ASP N   H    sing N N 56  
ASP N   H2   sing N N 57  
ASP CA  C    sing N N 58  
ASP CA  CB   sing N N 59  
ASP CA  HA   sing N N 60  
ASP C   O    doub N N 61  
ASP C   OXT  sing N N 62  
ASP CB  CG   sing N N 63  
ASP CB  HB2  sing N N 64  
ASP CB  HB3  sing N N 65  
ASP CG  OD1  doub N N 66  
ASP CG  OD2  sing N N 67  
ASP OD2 HD2  sing N N 68  
ASP OXT HXT  sing N N 69  
CYS N   CA   sing N N 70  
CYS N   H    sing N N 71  
CYS N   H2   sing N N 72  
CYS CA  C    sing N N 73  
CYS CA  CB   sing N N 74  
CYS CA  HA   sing N N 75  
CYS C   O    doub N N 76  
CYS C   OXT  sing N N 77  
CYS CB  SG   sing N N 78  
CYS CB  HB2  sing N N 79  
CYS CB  HB3  sing N N 80  
CYS SG  HG   sing N N 81  
CYS OXT HXT  sing N N 82  
GLN N   CA   sing N N 83  
GLN N   H    sing N N 84  
GLN N   H2   sing N N 85  
GLN CA  C    sing N N 86  
GLN CA  CB   sing N N 87  
GLN CA  HA   sing N N 88  
GLN C   O    doub N N 89  
GLN C   OXT  sing N N 90  
GLN CB  CG   sing N N 91  
GLN CB  HB2  sing N N 92  
GLN CB  HB3  sing N N 93  
GLN CG  CD   sing N N 94  
GLN CG  HG2  sing N N 95  
GLN CG  HG3  sing N N 96  
GLN CD  OE1  doub N N 97  
GLN CD  NE2  sing N N 98  
GLN NE2 HE21 sing N N 99  
GLN NE2 HE22 sing N N 100 
GLN OXT HXT  sing N N 101 
GLU N   CA   sing N N 102 
GLU N   H    sing N N 103 
GLU N   H2   sing N N 104 
GLU CA  C    sing N N 105 
GLU CA  CB   sing N N 106 
GLU CA  HA   sing N N 107 
GLU C   O    doub N N 108 
GLU C   OXT  sing N N 109 
GLU CB  CG   sing N N 110 
GLU CB  HB2  sing N N 111 
GLU CB  HB3  sing N N 112 
GLU CG  CD   sing N N 113 
GLU CG  HG2  sing N N 114 
GLU CG  HG3  sing N N 115 
GLU CD  OE1  doub N N 116 
GLU CD  OE2  sing N N 117 
GLU OE2 HE2  sing N N 118 
GLU OXT HXT  sing N N 119 
GLY N   CA   sing N N 120 
GLY N   H    sing N N 121 
GLY N   H2   sing N N 122 
GLY CA  C    sing N N 123 
GLY CA  HA2  sing N N 124 
GLY CA  HA3  sing N N 125 
GLY C   O    doub N N 126 
GLY C   OXT  sing N N 127 
GLY OXT HXT  sing N N 128 
HIS N   CA   sing N N 129 
HIS N   H    sing N N 130 
HIS N   H2   sing N N 131 
HIS CA  C    sing N N 132 
HIS CA  CB   sing N N 133 
HIS CA  HA   sing N N 134 
HIS C   O    doub N N 135 
HIS C   OXT  sing N N 136 
HIS CB  CG   sing N N 137 
HIS CB  HB2  sing N N 138 
HIS CB  HB3  sing N N 139 
HIS CG  ND1  sing Y N 140 
HIS CG  CD2  doub Y N 141 
HIS ND1 CE1  doub Y N 142 
HIS ND1 HD1  sing N N 143 
HIS CD2 NE2  sing Y N 144 
HIS CD2 HD2  sing N N 145 
HIS CE1 NE2  sing Y N 146 
HIS CE1 HE1  sing N N 147 
HIS NE2 HE2  sing N N 148 
HIS OXT HXT  sing N N 149 
HOH O   H1   sing N N 150 
HOH O   H2   sing N N 151 
ILE N   CA   sing N N 152 
ILE N   H    sing N N 153 
ILE N   H2   sing N N 154 
ILE CA  C    sing N N 155 
ILE CA  CB   sing N N 156 
ILE CA  HA   sing N N 157 
ILE C   O    doub N N 158 
ILE C   OXT  sing N N 159 
ILE CB  CG1  sing N N 160 
ILE CB  CG2  sing N N 161 
ILE CB  HB   sing N N 162 
ILE CG1 CD1  sing N N 163 
ILE CG1 HG12 sing N N 164 
ILE CG1 HG13 sing N N 165 
ILE CG2 HG21 sing N N 166 
ILE CG2 HG22 sing N N 167 
ILE CG2 HG23 sing N N 168 
ILE CD1 HD11 sing N N 169 
ILE CD1 HD12 sing N N 170 
ILE CD1 HD13 sing N N 171 
ILE OXT HXT  sing N N 172 
LEU N   CA   sing N N 173 
LEU N   H    sing N N 174 
LEU N   H2   sing N N 175 
LEU CA  C    sing N N 176 
LEU CA  CB   sing N N 177 
LEU CA  HA   sing N N 178 
LEU C   O    doub N N 179 
LEU C   OXT  sing N N 180 
LEU CB  CG   sing N N 181 
LEU CB  HB2  sing N N 182 
LEU CB  HB3  sing N N 183 
LEU CG  CD1  sing N N 184 
LEU CG  CD2  sing N N 185 
LEU CG  HG   sing N N 186 
LEU CD1 HD11 sing N N 187 
LEU CD1 HD12 sing N N 188 
LEU CD1 HD13 sing N N 189 
LEU CD2 HD21 sing N N 190 
LEU CD2 HD22 sing N N 191 
LEU CD2 HD23 sing N N 192 
LEU OXT HXT  sing N N 193 
LYS N   CA   sing N N 194 
LYS N   H    sing N N 195 
LYS N   H2   sing N N 196 
LYS CA  C    sing N N 197 
LYS CA  CB   sing N N 198 
LYS CA  HA   sing N N 199 
LYS C   O    doub N N 200 
LYS C   OXT  sing N N 201 
LYS CB  CG   sing N N 202 
LYS CB  HB2  sing N N 203 
LYS CB  HB3  sing N N 204 
LYS CG  CD   sing N N 205 
LYS CG  HG2  sing N N 206 
LYS CG  HG3  sing N N 207 
LYS CD  CE   sing N N 208 
LYS CD  HD2  sing N N 209 
LYS CD  HD3  sing N N 210 
LYS CE  NZ   sing N N 211 
LYS CE  HE2  sing N N 212 
LYS CE  HE3  sing N N 213 
LYS NZ  HZ1  sing N N 214 
LYS NZ  HZ2  sing N N 215 
LYS NZ  HZ3  sing N N 216 
LYS OXT HXT  sing N N 217 
MET N   CA   sing N N 218 
MET N   H    sing N N 219 
MET N   H2   sing N N 220 
MET CA  C    sing N N 221 
MET CA  CB   sing N N 222 
MET CA  HA   sing N N 223 
MET C   O    doub N N 224 
MET C   OXT  sing N N 225 
MET CB  CG   sing N N 226 
MET CB  HB2  sing N N 227 
MET CB  HB3  sing N N 228 
MET CG  SD   sing N N 229 
MET CG  HG2  sing N N 230 
MET CG  HG3  sing N N 231 
MET SD  CE   sing N N 232 
MET CE  HE1  sing N N 233 
MET CE  HE2  sing N N 234 
MET CE  HE3  sing N N 235 
MET OXT HXT  sing N N 236 
PHE N   CA   sing N N 237 
PHE N   H    sing N N 238 
PHE N   H2   sing N N 239 
PHE CA  C    sing N N 240 
PHE CA  CB   sing N N 241 
PHE CA  HA   sing N N 242 
PHE C   O    doub N N 243 
PHE C   OXT  sing N N 244 
PHE CB  CG   sing N N 245 
PHE CB  HB2  sing N N 246 
PHE CB  HB3  sing N N 247 
PHE CG  CD1  doub Y N 248 
PHE CG  CD2  sing Y N 249 
PHE CD1 CE1  sing Y N 250 
PHE CD1 HD1  sing N N 251 
PHE CD2 CE2  doub Y N 252 
PHE CD2 HD2  sing N N 253 
PHE CE1 CZ   doub Y N 254 
PHE CE1 HE1  sing N N 255 
PHE CE2 CZ   sing Y N 256 
PHE CE2 HE2  sing N N 257 
PHE CZ  HZ   sing N N 258 
PHE OXT HXT  sing N N 259 
PRO N   CA   sing N N 260 
PRO N   CD   sing N N 261 
PRO N   H    sing N N 262 
PRO CA  C    sing N N 263 
PRO CA  CB   sing N N 264 
PRO CA  HA   sing N N 265 
PRO C   O    doub N N 266 
PRO C   OXT  sing N N 267 
PRO CB  CG   sing N N 268 
PRO CB  HB2  sing N N 269 
PRO CB  HB3  sing N N 270 
PRO CG  CD   sing N N 271 
PRO CG  HG2  sing N N 272 
PRO CG  HG3  sing N N 273 
PRO CD  HD2  sing N N 274 
PRO CD  HD3  sing N N 275 
PRO OXT HXT  sing N N 276 
SER N   CA   sing N N 277 
SER N   H    sing N N 278 
SER N   H2   sing N N 279 
SER CA  C    sing N N 280 
SER CA  CB   sing N N 281 
SER CA  HA   sing N N 282 
SER C   O    doub N N 283 
SER C   OXT  sing N N 284 
SER CB  OG   sing N N 285 
SER CB  HB2  sing N N 286 
SER CB  HB3  sing N N 287 
SER OG  HG   sing N N 288 
SER OXT HXT  sing N N 289 
SO4 S   O1   doub N N 290 
SO4 S   O2   doub N N 291 
SO4 S   O3   sing N N 292 
SO4 S   O4   sing N N 293 
THR N   CA   sing N N 294 
THR N   H    sing N N 295 
THR N   H2   sing N N 296 
THR CA  C    sing N N 297 
THR CA  CB   sing N N 298 
THR CA  HA   sing N N 299 
THR C   O    doub N N 300 
THR C   OXT  sing N N 301 
THR CB  OG1  sing N N 302 
THR CB  CG2  sing N N 303 
THR CB  HB   sing N N 304 
THR OG1 HG1  sing N N 305 
THR CG2 HG21 sing N N 306 
THR CG2 HG22 sing N N 307 
THR CG2 HG23 sing N N 308 
THR OXT HXT  sing N N 309 
TRP N   CA   sing N N 310 
TRP N   H    sing N N 311 
TRP N   H2   sing N N 312 
TRP CA  C    sing N N 313 
TRP CA  CB   sing N N 314 
TRP CA  HA   sing N N 315 
TRP C   O    doub N N 316 
TRP C   OXT  sing N N 317 
TRP CB  CG   sing N N 318 
TRP CB  HB2  sing N N 319 
TRP CB  HB3  sing N N 320 
TRP CG  CD1  doub Y N 321 
TRP CG  CD2  sing Y N 322 
TRP CD1 NE1  sing Y N 323 
TRP CD1 HD1  sing N N 324 
TRP CD2 CE2  doub Y N 325 
TRP CD2 CE3  sing Y N 326 
TRP NE1 CE2  sing Y N 327 
TRP NE1 HE1  sing N N 328 
TRP CE2 CZ2  sing Y N 329 
TRP CE3 CZ3  doub Y N 330 
TRP CE3 HE3  sing N N 331 
TRP CZ2 CH2  doub Y N 332 
TRP CZ2 HZ2  sing N N 333 
TRP CZ3 CH2  sing Y N 334 
TRP CZ3 HZ3  sing N N 335 
TRP CH2 HH2  sing N N 336 
TRP OXT HXT  sing N N 337 
TYR N   CA   sing N N 338 
TYR N   H    sing N N 339 
TYR N   H2   sing N N 340 
TYR CA  C    sing N N 341 
TYR CA  CB   sing N N 342 
TYR CA  HA   sing N N 343 
TYR C   O    doub N N 344 
TYR C   OXT  sing N N 345 
TYR CB  CG   sing N N 346 
TYR CB  HB2  sing N N 347 
TYR CB  HB3  sing N N 348 
TYR CG  CD1  doub Y N 349 
TYR CG  CD2  sing Y N 350 
TYR CD1 CE1  sing Y N 351 
TYR CD1 HD1  sing N N 352 
TYR CD2 CE2  doub Y N 353 
TYR CD2 HD2  sing N N 354 
TYR CE1 CZ   doub Y N 355 
TYR CE1 HE1  sing N N 356 
TYR CE2 CZ   sing Y N 357 
TYR CE2 HE2  sing N N 358 
TYR CZ  OH   sing N N 359 
TYR OH  HH   sing N N 360 
TYR OXT HXT  sing N N 361 
VAL N   CA   sing N N 362 
VAL N   H    sing N N 363 
VAL N   H2   sing N N 364 
VAL CA  C    sing N N 365 
VAL CA  CB   sing N N 366 
VAL CA  HA   sing N N 367 
VAL C   O    doub N N 368 
VAL C   OXT  sing N N 369 
VAL CB  CG1  sing N N 370 
VAL CB  CG2  sing N N 371 
VAL CB  HB   sing N N 372 
VAL CG1 HG11 sing N N 373 
VAL CG1 HG12 sing N N 374 
VAL CG1 HG13 sing N N 375 
VAL CG2 HG21 sing N N 376 
VAL CG2 HG22 sing N N 377 
VAL CG2 HG23 sing N N 378 
VAL OXT HXT  sing N N 379 
# 
_atom_sites.entry_id                    3VYJ 
_atom_sites.fract_transf_matrix[1][1]   0.00722957 
_atom_sites.fract_transf_matrix[1][2]   0.01713079 
_atom_sites.fract_transf_matrix[1][3]   0.01414981 
_atom_sites.fract_transf_matrix[2][1]   0.00260702 
_atom_sites.fract_transf_matrix[2][2]   0.02168658 
_atom_sites.fract_transf_matrix[2][3]   -0.00829570 
_atom_sites.fract_transf_matrix[3][1]   -0.00379089 
_atom_sites.fract_transf_matrix[3][2]   0.00081786 
_atom_sites.fract_transf_matrix[3][3]   0.00094672 
_atom_sites.fract_transf_vector[1]      0.312027 
_atom_sites.fract_transf_vector[2]      0.249765 
_atom_sites.fract_transf_vector[3]      0.042238 
# 
loop_
_atom_type.symbol 
C 
N 
O 
S 
# 
loop_
_atom_site.group_PDB 
_atom_site.id 
_atom_site.type_symbol 
_atom_site.label_atom_id 
_atom_site.label_alt_id 
_atom_site.label_comp_id 
_atom_site.label_asym_id 
_atom_site.label_entity_id 
_atom_site.label_seq_id 
_atom_site.pdbx_PDB_ins_code 
_atom_site.Cartn_x 
_atom_site.Cartn_y 
_atom_site.Cartn_z 
_atom_site.occupancy 
_atom_site.B_iso_or_equiv 
_atom_site.pdbx_formal_charge 
_atom_site.auth_seq_id 
_atom_site.auth_comp_id 
_atom_site.auth_asym_id 
_atom_site.auth_atom_id 
_atom_site.pdbx_PDB_model_num 
ATOM   1    N N   . SER A 1 2   ? -2.865  -19.379 11.184  1.00 46.33 ? 106  SER A N   1 
ATOM   2    C CA  . SER A 1 2   ? -2.840  -19.851 9.755   1.00 49.35 ? 106  SER A CA  1 
ATOM   3    C C   . SER A 1 2   ? -3.667  -18.982 8.774   1.00 47.25 ? 106  SER A C   1 
ATOM   4    O O   . SER A 1 2   ? -4.859  -18.798 8.974   1.00 48.72 ? 106  SER A O   1 
ATOM   5    C CB  . SER A 1 2   ? -3.304  -21.303 9.675   1.00 47.98 ? 106  SER A CB  1 
ATOM   6    O OG  . SER A 1 2   ? -3.168  -21.782 8.350   1.00 50.25 ? 106  SER A OG  1 
ATOM   7    N N   . CYS A 1 3   ? -3.030  -18.481 7.710   1.00 43.03 ? 107  CYS A N   1 
ATOM   8    C CA  . CYS A 1 3   ? -3.675  -17.584 6.737   1.00 39.69 ? 107  CYS A CA  1 
ATOM   9    C C   . CYS A 1 3   ? -4.802  -18.200 5.905   1.00 39.36 ? 107  CYS A C   1 
ATOM   10   O O   . CYS A 1 3   ? -4.762  -19.387 5.596   1.00 40.45 ? 107  CYS A O   1 
ATOM   11   C CB  . CYS A 1 3   ? -2.628  -16.982 5.789   1.00 37.76 ? 107  CYS A CB  1 
ATOM   12   S SG  . CYS A 1 3   ? -1.496  -15.851 6.633   1.00 39.12 ? 107  CYS A SG  1 
ATOM   13   N N   . PRO A 1 4   ? -5.808  -17.378 5.525   1.00 38.79 ? 108  PRO A N   1 
ATOM   14   C CA  . PRO A 1 4   ? -6.858  -17.819 4.602   1.00 37.04 ? 108  PRO A CA  1 
ATOM   15   C C   . PRO A 1 4   ? -6.303  -18.218 3.235   1.00 38.65 ? 108  PRO A C   1 
ATOM   16   O O   . PRO A 1 4   ? -5.213  -17.765 2.837   1.00 41.26 ? 108  PRO A O   1 
ATOM   17   C CB  . PRO A 1 4   ? -7.749  -16.575 4.444   1.00 39.15 ? 108  PRO A CB  1 
ATOM   18   C CG  . PRO A 1 4   ? -7.426  -15.676 5.583   1.00 38.65 ? 108  PRO A CG  1 
ATOM   19   C CD  . PRO A 1 4   ? -6.044  -16.017 6.049   1.00 38.38 ? 108  PRO A CD  1 
ATOM   20   N N   . LYS A 1 5   ? -7.059  -19.036 2.509   1.00 40.84 ? 109  LYS A N   1 
ATOM   21   C CA  . LYS A 1 5   ? -6.663  -19.520 1.186   0.50 40.37 ? 109  LYS A CA  1 
ATOM   22   C C   . LYS A 1 5   ? -6.201  -18.371 0.284   1.00 40.19 ? 109  LYS A C   1 
ATOM   23   O O   . LYS A 1 5   ? -6.917  -17.378 0.108   1.00 36.80 ? 109  LYS A O   1 
ATOM   24   C CB  . LYS A 1 5   ? -7.821  -20.292 0.533   1.00 46.54 ? 109  LYS A CB  1 
ATOM   25   C CG  . LYS A 1 5   ? -7.409  -21.466 -0.363  1.00 52.73 ? 109  LYS A CG  1 
ATOM   26   C CD  . LYS A 1 5   ? -8.504  -21.820 -1.368  1.00 57.24 ? 109  LYS A CD  1 
ATOM   27   C CE  . LYS A 1 5   ? -9.690  -22.577 -0.745  1.00 61.51 ? 109  LYS A CE  1 
ATOM   28   N NZ  . LYS A 1 5   ? -10.957 -22.473 -1.553  1.00 54.74 ? 109  LYS A NZ  1 
ATOM   29   N N   . ASP A 1 6   ? -4.990  -18.529 -0.269  1.00 37.47 ? 110  ASP A N   1 
ATOM   30   C CA  . ASP A 1 6   ? -4.347  -17.618 -1.220  0.50 34.24 ? 110  ASP A CA  1 
ATOM   31   C C   . ASP A 1 6   ? -3.789  -16.339 -0.614  1.00 31.06 ? 110  ASP A C   1 
ATOM   32   O O   . ASP A 1 6   ? -3.286  -15.481 -1.336  1.00 32.65 ? 110  ASP A O   1 
ATOM   33   C CB  . ASP A 1 6   ? -5.252  -17.319 -2.410  1.00 38.89 ? 110  ASP A CB  1 
ATOM   34   C CG  . ASP A 1 6   ? -5.718  -18.577 -3.111  1.00 44.95 ? 110  ASP A CG  1 
ATOM   35   O OD1 . ASP A 1 6   ? -5.034  -19.605 -2.977  1.00 49.55 ? 110  ASP A OD1 1 
ATOM   36   O OD2 . ASP A 1 6   ? -6.768  -18.544 -3.785  1.00 44.28 ? 110  ASP A OD2 1 
ATOM   37   N N   . TRP A 1 7   ? -3.889  -16.206 0.700   1.00 29.91 ? 111  TRP A N   1 
ATOM   38   C CA  . TRP A 1 7   ? -3.189  -15.155 1.432   1.00 30.48 ? 111  TRP A CA  1 
ATOM   39   C C   . TRP A 1 7   ? -1.788  -15.622 1.712   1.00 31.61 ? 111  TRP A C   1 
ATOM   40   O O   . TRP A 1 7   ? -1.547  -16.814 1.905   1.00 30.99 ? 111  TRP A O   1 
ATOM   41   C CB  . TRP A 1 7   ? -3.894  -14.885 2.750   1.00 27.30 ? 111  TRP A CB  1 
ATOM   42   C CG  . TRP A 1 7   ? -5.190  -14.139 2.572   1.00 27.57 ? 111  TRP A CG  1 
ATOM   43   C CD1 . TRP A 1 7   ? -6.379  -14.617 2.029   1.00 28.17 ? 111  TRP A CD1 1 
ATOM   44   C CD2 . TRP A 1 7   ? -5.456  -12.730 2.907   1.00 26.80 ? 111  TRP A CD2 1 
ATOM   45   N NE1 . TRP A 1 7   ? -7.339  -13.634 2.007   1.00 28.45 ? 111  TRP A NE1 1 
ATOM   46   C CE2 . TRP A 1 7   ? -6.855  -12.478 2.538   1.00 27.65 ? 111  TRP A CE2 1 
ATOM   47   C CE3 . TRP A 1 7   ? -4.703  -11.694 3.458   1.00 26.64 ? 111  TRP A CE3 1 
ATOM   48   C CZ2 . TRP A 1 7   ? -7.456  -11.230 2.720   1.00 26.30 ? 111  TRP A CZ2 1 
ATOM   49   C CZ3 . TRP A 1 7   ? -5.324  -10.440 3.641   1.00 26.80 ? 111  TRP A CZ3 1 
ATOM   50   C CH2 . TRP A 1 7   ? -6.668  -10.221 3.275   1.00 26.16 ? 111  TRP A CH2 1 
ATOM   51   N N   . LYS A 1 8   ? -0.849  -14.690 1.789   1.00 31.27 ? 112  LYS A N   1 
ATOM   52   C CA  . LYS A 1 8   ? 0.536   -15.071 1.999   1.00 31.79 ? 112  LYS A CA  1 
ATOM   53   C C   . LYS A 1 8   ? 0.982   -14.630 3.360   1.00 29.13 ? 112  LYS A C   1 
ATOM   54   O O   . LYS A 1 8   ? 0.865   -13.455 3.687   1.00 28.31 ? 112  LYS A O   1 
ATOM   55   C CB  . LYS A 1 8   ? 1.397   -14.480 0.890   1.00 34.24 ? 112  LYS A CB  1 
ATOM   56   C CG  . LYS A 1 8   ? 1.008   -15.057 -0.455  1.00 37.18 ? 112  LYS A CG  1 
ATOM   57   C CD  . LYS A 1 8   ? 1.295   -14.113 -1.601  1.00 40.74 ? 112  LYS A CD  1 
ATOM   58   C CE  . LYS A 1 8   ? 1.094   -14.839 -2.931  1.00 42.26 ? 112  LYS A CE  1 
ATOM   59   N NZ  . LYS A 1 8   ? 1.066   -13.858 -4.042  1.00 46.29 ? 112  LYS A NZ  1 
ATOM   60   N N   . PRO A 1 9   ? 1.501   -15.567 4.167   1.00 27.43 ? 113  PRO A N   1 
ATOM   61   C CA  . PRO A 1 9   ? 1.949   -15.204 5.497   1.00 27.88 ? 113  PRO A CA  1 
ATOM   62   C C   . PRO A 1 9   ? 3.294   -14.496 5.503   1.00 30.09 ? 113  PRO A C   1 
ATOM   63   O O   . PRO A 1 9   ? 4.176   -14.821 4.692   1.00 29.93 ? 113  PRO A O   1 
ATOM   64   C CB  . PRO A 1 9   ? 2.055   -16.552 6.224   1.00 29.27 ? 113  PRO A CB  1 
ATOM   65   C CG  . PRO A 1 9   ? 2.273   -17.561 5.130   1.00 29.09 ? 113  PRO A CG  1 
ATOM   66   C CD  . PRO A 1 9   ? 1.617   -17.015 3.892   1.00 28.68 ? 113  PRO A CD  1 
ATOM   67   N N   . PHE A 1 10  ? 3.424   -13.526 6.407   1.00 29.30 ? 114  PHE A N   1 
ATOM   68   C CA  . PHE A 1 10  ? 4.698   -12.946 6.780   1.00 29.88 ? 114  PHE A CA  1 
ATOM   69   C C   . PHE A 1 10  ? 4.611   -12.555 8.249   1.00 31.75 ? 114  PHE A C   1 
ATOM   70   O O   . PHE A 1 10  ? 3.914   -11.600 8.613   1.00 31.23 ? 114  PHE A O   1 
ATOM   71   C CB  . PHE A 1 10  ? 5.072   -11.743 5.912   1.00 29.37 ? 114  PHE A CB  1 
ATOM   72   C CG  . PHE A 1 10  ? 6.385   -11.124 6.299   1.00 29.18 ? 114  PHE A CG  1 
ATOM   73   C CD1 . PHE A 1 10  ? 7.582   -11.840 6.136   1.00 27.83 ? 114  PHE A CD1 1 
ATOM   74   C CD2 . PHE A 1 10  ? 6.432   -9.853  6.858   1.00 27.99 ? 114  PHE A CD2 1 
ATOM   75   C CE1 . PHE A 1 10  ? 8.788   -11.296 6.523   1.00 25.90 ? 114  PHE A CE1 1 
ATOM   76   C CE2 . PHE A 1 10  ? 7.645   -9.293  7.245   1.00 28.72 ? 114  PHE A CE2 1 
ATOM   77   C CZ  . PHE A 1 10  ? 8.831   -10.019 7.076   1.00 28.85 ? 114  PHE A CZ  1 
ATOM   78   N N   . VAL A 1 11  ? 5.310   -13.320 9.093   1.00 32.69 ? 115  VAL A N   1 
ATOM   79   C CA  . VAL A 1 11  ? 5.280   -13.171 10.552  1.00 33.48 ? 115  VAL A CA  1 
ATOM   80   C C   . VAL A 1 11  ? 3.824   -13.128 11.052  1.00 37.27 ? 115  VAL A C   1 
ATOM   81   O O   . VAL A 1 11  ? 3.049   -14.040 10.763  1.00 37.29 ? 115  VAL A O   1 
ATOM   82   C CB  . VAL A 1 11  ? 6.134   -11.980 11.031  1.00 38.04 ? 115  VAL A CB  1 
ATOM   83   C CG1 . VAL A 1 11  ? 6.367   -12.042 12.544  1.00 38.21 ? 115  VAL A CG1 1 
ATOM   84   C CG2 . VAL A 1 11  ? 7.478   -11.984 10.308  1.00 39.73 ? 115  VAL A CG2 1 
ATOM   85   N N   . SER A 1 12  ? 3.426   -12.067 11.747  1.00 38.82 ? 116  SER A N   1 
ATOM   86   C CA  . SER A 1 12  ? 2.076   -12.022 12.311  1.00 39.11 ? 116  SER A CA  1 
ATOM   87   C C   . SER A 1 12  ? 1.015   -11.375 11.416  1.00 35.65 ? 116  SER A C   1 
ATOM   88   O O   . SER A 1 12  ? -0.016  -10.950 11.916  1.00 38.08 ? 116  SER A O   1 
ATOM   89   C CB  . SER A 1 12  ? 2.106   -11.318 13.665  1.00 39.98 ? 116  SER A CB  1 
ATOM   90   O OG  . SER A 1 12  ? 2.517   -9.983  13.475  1.00 45.83 ? 116  SER A OG  1 
ATOM   91   N N   . HIS A 1 13  ? 1.262   -11.294 10.108  1.00 33.75 ? 117  HIS A N   1 
ATOM   92   C CA  . HIS A 1 13  ? 0.252   -10.809 9.149   1.00 31.91 ? 117  HIS A CA  1 
ATOM   93   C C   . HIS A 1 13  ? 0.068   -11.723 7.957   1.00 29.32 ? 117  HIS A C   1 
ATOM   94   O O   . HIS A 1 13  ? 0.943   -12.533 7.653   1.00 29.67 ? 117  HIS A O   1 
ATOM   95   C CB  . HIS A 1 13  ? 0.591   -9.392  8.659   1.00 33.53 ? 117  HIS A CB  1 
ATOM   96   C CG  . HIS A 1 13  ? 0.581   -8.334  9.746   1.00 39.40 ? 117  HIS A CG  1 
ATOM   97   N ND1 . HIS A 1 13  ? -0.567  -7.829  10.271  1.00 40.27 ? 117  HIS A ND1 1 
ATOM   98   C CD2 . HIS A 1 13  ? 1.628   -7.659  10.374  1.00 39.49 ? 117  HIS A CD2 1 
ATOM   99   C CE1 . HIS A 1 13  ? -0.264  -6.908  11.199  1.00 40.60 ? 117  HIS A CE1 1 
ATOM   100  N NE2 . HIS A 1 13  ? 1.080   -6.802  11.259  1.00 40.85 ? 117  HIS A NE2 1 
ATOM   101  N N   . CYS A 1 14  ? -1.064  -11.573 7.262   1.00 27.17 ? 118  CYS A N   1 
ATOM   102  C CA  . CYS A 1 14  ? -1.352  -12.219 5.982   0.75 26.51 ? 118  CYS A CA  1 
ATOM   103  C C   . CYS A 1 14  ? -1.595  -11.126 4.975   1.00 26.82 ? 118  CYS A C   1 
ATOM   104  O O   . CYS A 1 14  ? -2.193  -10.086 5.322   1.00 27.23 ? 118  CYS A O   1 
ATOM   105  C CB  . CYS A 1 14  ? -2.626  -13.066 6.053   0.75 28.53 ? 118  CYS A CB  1 
ATOM   106  S SG  . CYS A 1 14  ? -2.664  -14.296 7.367   0.75 31.82 ? 118  CYS A SG  1 
ATOM   107  N N   . TYR A 1 15  ? -1.174  -11.353 3.727   1.00 24.47 ? 119  TYR A N   1 
ATOM   108  C CA  . TYR A 1 15  ? -1.247  -10.340 2.682   1.00 24.54 ? 119  TYR A CA  1 
ATOM   109  C C   . TYR A 1 15  ? -1.954  -10.920 1.502   1.00 26.02 ? 119  TYR A C   1 
ATOM   110  O O   . TYR A 1 15  ? -1.830  -12.107 1.234   1.00 24.75 ? 119  TYR A O   1 
ATOM   111  C CB  . TYR A 1 15  ? 0.156   -9.863  2.260   1.00 24.16 ? 119  TYR A CB  1 
ATOM   112  C CG  . TYR A 1 15  ? 0.863   -9.187  3.390   1.00 25.28 ? 119  TYR A CG  1 
ATOM   113  C CD1 . TYR A 1 15  ? 0.779   -7.800  3.550   1.00 25.15 ? 119  TYR A CD1 1 
ATOM   114  C CD2 . TYR A 1 15  ? 1.563   -9.925  4.343   1.00 25.16 ? 119  TYR A CD2 1 
ATOM   115  C CE1 . TYR A 1 15  ? 1.379   -7.169  4.620   1.00 26.77 ? 119  TYR A CE1 1 
ATOM   116  C CE2 . TYR A 1 15  ? 2.180   -9.300  5.419   1.00 26.20 ? 119  TYR A CE2 1 
ATOM   117  C CZ  . TYR A 1 15  ? 2.089   -7.917  5.549   1.00 26.86 ? 119  TYR A CZ  1 
ATOM   118  O OH  . TYR A 1 15  ? 2.700   -7.262  6.597   1.00 25.23 ? 119  TYR A OH  1 
ATOM   119  N N   . PHE A 1 16  ? -2.683  -10.076 0.780   1.00 26.49 ? 120  PHE A N   1 
ATOM   120  C CA  . PHE A 1 16  ? -3.399  -10.524 -0.396  1.00 26.54 ? 120  PHE A CA  1 
ATOM   121  C C   . PHE A 1 16  ? -3.209  -9.466  -1.477  1.00 28.68 ? 120  PHE A C   1 
ATOM   122  O O   . PHE A 1 16  ? -3.449  -8.273  -1.230  1.00 26.73 ? 120  PHE A O   1 
ATOM   123  C CB  . PHE A 1 16  ? -4.873  -10.694 -0.046  1.00 27.94 ? 120  PHE A CB  1 
ATOM   124  C CG  . PHE A 1 16  ? -5.670  -11.418 -1.084  1.00 29.72 ? 120  PHE A CG  1 
ATOM   125  C CD1 . PHE A 1 16  ? -5.905  -12.785 -0.965  1.00 29.69 ? 120  PHE A CD1 1 
ATOM   126  C CD2 . PHE A 1 16  ? -6.191  -10.741 -2.180  1.00 29.30 ? 120  PHE A CD2 1 
ATOM   127  C CE1 . PHE A 1 16  ? -6.640  -13.460 -1.926  1.00 30.82 ? 120  PHE A CE1 1 
ATOM   128  C CE2 . PHE A 1 16  ? -6.932  -11.414 -3.137  1.00 30.86 ? 120  PHE A CE2 1 
ATOM   129  C CZ  . PHE A 1 16  ? -7.157  -12.775 -3.008  1.00 31.27 ? 120  PHE A CZ  1 
ATOM   130  N N   . ILE A 1 17  ? -2.781  -9.901  -2.665  1.00 28.75 ? 121  ILE A N   1 
ATOM   131  C CA  . ILE A 1 17  ? -2.553  -9.007  -3.792  0.50 29.21 ? 121  ILE A CA  1 
ATOM   132  C C   . ILE A 1 17  ? -3.827  -8.970  -4.619  1.00 31.17 ? 121  ILE A C   1 
ATOM   133  O O   . ILE A 1 17  ? -4.266  -9.989  -5.128  1.00 30.10 ? 121  ILE A O   1 
ATOM   134  C CB  . ILE A 1 17  ? -1.366  -9.484  -4.677  1.00 30.78 ? 121  ILE A CB  1 
ATOM   135  C CG1 . ILE A 1 17  ? -0.141  -9.912  -3.842  1.00 30.53 ? 121  ILE A CG1 1 
ATOM   136  C CG2 . ILE A 1 17  ? -0.970  -8.431  -5.708  1.00 30.06 ? 121  ILE A CG2 1 
ATOM   137  C CD1 . ILE A 1 17  ? 0.400   -8.900  -2.847  1.00 31.27 ? 121  ILE A CD1 1 
ATOM   138  N N   . LEU A 1 18  ? -4.453  -7.800  -4.717  1.00 33.63 ? 122  LEU A N   1 
ATOM   139  C CA  . LEU A 1 18  ? -5.640  -7.627  -5.549  1.00 34.29 ? 122  LEU A CA  1 
ATOM   140  C C   . LEU A 1 18  ? -5.175  -7.206  -6.929  1.00 35.75 ? 122  LEU A C   1 
ATOM   141  O O   . LEU A 1 18  ? -4.750  -6.068  -7.130  1.00 34.04 ? 122  LEU A O   1 
ATOM   142  C CB  . LEU A 1 18  ? -6.602  -6.579  -4.950  1.00 36.82 ? 122  LEU A CB  1 
ATOM   143  C CG  . LEU A 1 18  ? -7.267  -6.837  -3.582  1.00 35.84 ? 122  LEU A CG  1 
ATOM   144  C CD1 . LEU A 1 18  ? -8.144  -5.656  -3.160  1.00 36.74 ? 122  LEU A CD1 1 
ATOM   145  C CD2 . LEU A 1 18  ? -8.105  -8.112  -3.580  1.00 34.74 ? 122  LEU A CD2 1 
ATOM   146  N N   . ASN A 1 19  ? -5.196  -8.142  -7.873  1.00 35.82 ? 123  ASN A N   1 
ATOM   147  C CA  . ASN A 1 19  ? -4.740  -7.864  -9.224  0.50 36.59 ? 123  ASN A CA  1 
ATOM   148  C C   . ASN A 1 19  ? -5.710  -8.426  -10.256 1.00 40.96 ? 123  ASN A C   1 
ATOM   149  O O   . ASN A 1 19  ? -5.449  -8.371  -11.450 1.00 40.21 ? 123  ASN A O   1 
ATOM   150  C CB  . ASN A 1 19  ? -3.307  -8.367  -9.438  0.50 33.15 ? 123  ASN A CB  1 
ATOM   151  C CG  . ASN A 1 19  ? -3.139  -9.810  -9.037  0.50 31.15 ? 123  ASN A CG  1 
ATOM   152  O OD1 . ASN A 1 19  ? -4.118  -10.530 -8.876  0.50 29.11 ? 123  ASN A OD1 1 
ATOM   153  N ND2 . ASN A 1 19  ? -1.900  -10.233 -8.852  0.50 29.48 ? 123  ASN A ND2 1 
ATOM   154  N N   . ASP A 1 20  ? -6.840  -8.932  -9.762  1.00 46.24 ? 124  ASP A N   1 
ATOM   155  C CA  . ASP A 1 20  ? -7.975  -9.369  -10.573 1.00 54.42 ? 124  ASP A CA  1 
ATOM   156  C C   . ASP A 1 20  ? -8.472  -8.265  -11.519 1.00 55.39 ? 124  ASP A C   1 
ATOM   157  O O   . ASP A 1 20  ? -8.765  -8.529  -12.687 1.00 59.29 ? 124  ASP A O   1 
ATOM   158  C CB  . ASP A 1 20  ? -9.102  -9.869  -9.647  1.00 62.80 ? 124  ASP A CB  1 
ATOM   159  C CG  . ASP A 1 20  ? -10.464 -9.935  -10.338 1.00 72.63 ? 124  ASP A CG  1 
ATOM   160  O OD1 . ASP A 1 20  ? -10.584 -10.625 -11.378 1.00 78.38 ? 124  ASP A OD1 1 
ATOM   161  O OD2 . ASP A 1 20  ? -11.422 -9.305  -9.828  1.00 75.41 ? 124  ASP A OD2 1 
ATOM   162  N N   . SER A 1 21  ? -8.591  -7.043  -11.001 1.00 53.36 ? 125  SER A N   1 
ATOM   163  C CA  . SER A 1 21  ? -8.843  -5.855  -11.820 1.00 52.07 ? 125  SER A CA  1 
ATOM   164  C C   . SER A 1 21  ? -8.459  -4.611  -11.031 1.00 49.54 ? 125  SER A C   1 
ATOM   165  O O   . SER A 1 21  ? -8.102  -4.701  -9.859  1.00 49.45 ? 125  SER A O   1 
ATOM   166  C CB  . SER A 1 21  ? -10.299 -5.768  -12.304 1.00 55.86 ? 125  SER A CB  1 
ATOM   167  O OG  . SER A 1 21  ? -11.181 -5.435  -11.248 1.00 56.87 ? 125  SER A OG  1 
ATOM   168  N N   . LYS A 1 22  ? -8.514  -3.462  -11.696 1.00 46.38 ? 126  LYS A N   1 
ATOM   169  C CA  . LYS A 1 22  ? -8.085  -2.199  -11.121 1.00 44.40 ? 126  LYS A CA  1 
ATOM   170  C C   . LYS A 1 22  ? -9.268  -1.452  -10.520 1.00 43.19 ? 126  LYS A C   1 
ATOM   171  O O   . LYS A 1 22  ? -10.368 -1.454  -11.088 1.00 45.92 ? 126  LYS A O   1 
ATOM   172  C CB  . LYS A 1 22  ? -7.410  -1.353  -12.189 1.00 44.39 ? 126  LYS A CB  1 
ATOM   173  C CG  . LYS A 1 22  ? -6.109  -1.956  -12.685 1.00 47.26 ? 126  LYS A CG  1 
ATOM   174  C CD  . LYS A 1 22  ? -5.427  -1.026  -13.663 1.00 47.84 ? 126  LYS A CD  1 
ATOM   175  C CE  . LYS A 1 22  ? -4.356  -1.759  -14.451 1.00 51.80 ? 126  LYS A CE  1 
ATOM   176  N NZ  . LYS A 1 22  ? -3.811  -0.890  -15.534 1.00 54.49 ? 126  LYS A NZ  1 
ATOM   177  N N   . ALA A 1 23  ? -9.045  -0.828  -9.367  1.00 36.48 ? 127  ALA A N   1 
ATOM   178  C CA  . ALA A 1 23  ? -10.108 -0.106  -8.669  1.00 30.39 ? 127  ALA A CA  1 
ATOM   179  C C   . ALA A 1 23  ? -9.570  1.148   -8.003  1.00 30.64 ? 127  ALA A C   1 
ATOM   180  O O   . ALA A 1 23  ? -8.360  1.253   -7.745  1.00 29.94 ? 127  ALA A O   1 
ATOM   181  C CB  . ALA A 1 23  ? -10.788 -1.022  -7.649  1.00 28.79 ? 127  ALA A CB  1 
ATOM   182  N N   . SER A 1 24  ? -10.465 2.104   -7.720  1.00 28.75 ? 128  SER A N   1 
ATOM   183  C CA  . SER A 1 24  ? -10.098 3.338   -7.012  1.00 28.27 ? 128  SER A CA  1 
ATOM   184  C C   . SER A 1 24  ? -9.647  2.967   -5.605  1.00 25.61 ? 128  SER A C   1 
ATOM   185  O O   . SER A 1 24  ? -9.793  1.805   -5.191  1.00 26.17 ? 128  SER A O   1 
ATOM   186  C CB  . SER A 1 24  ? -11.310 4.279   -6.910  1.00 26.44 ? 128  SER A CB  1 
ATOM   187  O OG  . SER A 1 24  ? -12.251 3.678   -6.048  1.00 27.81 ? 128  SER A OG  1 
ATOM   188  N N   . TRP A 1 25  ? -9.146  3.943   -4.857  1.00 23.93 ? 129  TRP A N   1 
ATOM   189  C CA  . TRP A 1 25  ? -8.735  3.696   -3.475  1.00 24.05 ? 129  TRP A CA  1 
ATOM   190  C C   . TRP A 1 25  ? -9.875  3.237   -2.605  1.00 25.94 ? 129  TRP A C   1 
ATOM   191  O O   . TRP A 1 25  ? -9.717  2.309   -1.807  1.00 24.77 ? 129  TRP A O   1 
ATOM   192  C CB  . TRP A 1 25  ? -8.070  4.915   -2.851  1.00 22.45 ? 129  TRP A CB  1 
ATOM   193  C CG  . TRP A 1 25  ? -7.486  4.612   -1.485  1.00 20.60 ? 129  TRP A CG  1 
ATOM   194  C CD1 . TRP A 1 25  ? -6.175  4.290   -1.189  1.00 20.09 ? 129  TRP A CD1 1 
ATOM   195  C CD2 . TRP A 1 25  ? -8.193  4.571   -0.188  1.00 20.67 ? 129  TRP A CD2 1 
ATOM   196  N NE1 . TRP A 1 25  ? -6.014  4.065   0.149   1.00 20.45 ? 129  TRP A NE1 1 
ATOM   197  C CE2 . TRP A 1 25  ? -7.196  4.213   0.809   1.00 20.54 ? 129  TRP A CE2 1 
ATOM   198  C CE3 . TRP A 1 25  ? -9.514  4.792   0.223   1.00 20.78 ? 129  TRP A CE3 1 
ATOM   199  C CZ2 . TRP A 1 25  ? -7.516  4.074   2.154   1.00 20.06 ? 129  TRP A CZ2 1 
ATOM   200  C CZ3 . TRP A 1 25  ? -9.824  4.660   1.577   1.00 18.91 ? 129  TRP A CZ3 1 
ATOM   201  C CH2 . TRP A 1 25  ? -8.850  4.310   2.520   1.00 20.27 ? 129  TRP A CH2 1 
ATOM   202  N N   . ASN A 1 26  ? -11.033 3.885   -2.732  1.00 27.05 ? 130  ASN A N   1 
ATOM   203  C CA  . ASN A 1 26  ? -12.141 3.595   -1.825  1.00 27.85 ? 130  ASN A CA  1 
ATOM   204  C C   . ASN A 1 26  ? -12.735 2.213   -2.174  1.00 26.44 ? 130  ASN A C   1 
ATOM   205  O O   . ASN A 1 26  ? -13.091 1.427   -1.310  1.00 26.45 ? 130  ASN A O   1 
ATOM   206  C CB  . ASN A 1 26  ? -13.189 4.744   -1.848  1.00 29.71 ? 130  ASN A CB  1 
ATOM   207  C CG  . ASN A 1 26  ? -12.643 6.079   -1.249  1.00 31.51 ? 130  ASN A CG  1 
ATOM   208  O OD1 . ASN A 1 26  ? -12.661 6.284   -0.024  1.00 31.20 ? 130  ASN A OD1 1 
ATOM   209  N ND2 . ASN A 1 26  ? -12.150 6.972   -2.109  1.00 29.17 ? 130  ASN A ND2 1 
ATOM   210  N N   . GLU A 1 27  ? -12.810 1.932   -3.455  1.00 27.90 ? 131  GLU A N   1 
ATOM   211  C CA  . GLU A 1 27  ? -13.227 0.628   -3.943  1.00 32.18 ? 131  GLU A CA  1 
ATOM   212  C C   . GLU A 1 27  ? -12.247 -0.481  -3.519  1.00 29.10 ? 131  GLU A C   1 
ATOM   213  O O   . GLU A 1 27  ? -12.673 -1.519  -2.995  1.00 29.89 ? 131  GLU A O   1 
ATOM   214  C CB  . GLU A 1 27  ? -13.288 0.706   -5.452  1.00 37.52 ? 131  GLU A CB  1 
ATOM   215  C CG  . GLU A 1 27  ? -14.554 0.182   -6.072  1.00 49.62 ? 131  GLU A CG  1 
ATOM   216  C CD  . GLU A 1 27  ? -14.404 0.106   -7.575  1.00 58.90 ? 131  GLU A CD  1 
ATOM   217  O OE1 . GLU A 1 27  ? -14.060 1.155   -8.203  1.00 61.06 ? 131  GLU A OE1 1 
ATOM   218  O OE2 . GLU A 1 27  ? -14.593 -1.013  -8.114  1.00 61.90 ? 131  GLU A OE2 1 
ATOM   219  N N   . SER A 1 28  ? -10.941 -0.245  -3.700  1.00 26.83 ? 132  SER A N   1 
ATOM   220  C CA  . SER A 1 28  ? -9.915  -1.190  -3.186  1.00 25.36 ? 132  SER A CA  1 
ATOM   221  C C   . SER A 1 28  ? -10.106 -1.457  -1.701  1.00 25.41 ? 132  SER A C   1 
ATOM   222  O O   . SER A 1 28  ? -10.195 -2.619  -1.284  1.00 25.44 ? 132  SER A O   1 
ATOM   223  C CB  . SER A 1 28  ? -8.494  -0.686  -3.438  1.00 22.62 ? 132  SER A CB  1 
ATOM   224  O OG  . SER A 1 28  ? -8.333  -0.414  -4.812  1.00 23.48 ? 132  SER A OG  1 
ATOM   225  N N   . GLU A 1 29  ? -10.198 -0.388  -0.898  1.00 24.21 ? 133  GLU A N   1 
ATOM   226  C CA  . GLU A 1 29  ? -10.378 -0.555  0.552   1.00 24.94 ? 133  GLU A CA  1 
ATOM   227  C C   . GLU A 1 29  ? -11.685 -1.298  0.870   1.00 24.50 ? 133  GLU A C   1 
ATOM   228  O O   . GLU A 1 29  ? -11.750 -2.090  1.822   1.00 24.60 ? 133  GLU A O   1 
ATOM   229  C CB  . GLU A 1 29  ? -10.344 0.798   1.291   1.00 24.21 ? 133  GLU A CB  1 
ATOM   230  C CG  . GLU A 1 29  ? -10.618 0.713   2.789   1.00 24.74 ? 133  GLU A CG  1 
ATOM   231  C CD  . GLU A 1 29  ? -9.616  -0.134  3.577   1.00 27.08 ? 133  GLU A CD  1 
ATOM   232  O OE1 . GLU A 1 29  ? -8.466  -0.346  3.124   1.00 29.02 ? 133  GLU A OE1 1 
ATOM   233  O OE2 . GLU A 1 29  ? -9.975  -0.595  4.681   1.00 25.61 ? 133  GLU A OE2 1 
ATOM   234  N N   . GLU A 1 30  ? -12.727 -1.034  0.096   1.00 24.63 ? 134  GLU A N   1 
ATOM   235  C CA  . GLU A 1 30  ? -13.981 -1.743  0.324   1.00 28.09 ? 134  GLU A CA  1 
ATOM   236  C C   . GLU A 1 30  ? -13.815 -3.273  0.079   1.00 26.69 ? 134  GLU A C   1 
ATOM   237  O O   . GLU A 1 30  ? -14.273 -4.076  0.879   1.00 27.07 ? 134  GLU A O   1 
ATOM   238  C CB  . GLU A 1 30  ? -15.090 -1.171  -0.535  1.00 30.63 ? 134  GLU A CB  1 
ATOM   239  C CG  . GLU A 1 30  ? -16.447 -1.767  -0.200  1.00 37.22 ? 134  GLU A CG  1 
ATOM   240  C CD  . GLU A 1 30  ? -17.525 -1.241  -1.116  1.00 42.49 ? 134  GLU A CD  1 
ATOM   241  O OE1 . GLU A 1 30  ? -17.476 -0.036  -1.469  1.00 45.74 ? 134  GLU A OE1 1 
ATOM   242  O OE2 . GLU A 1 30  ? -18.417 -2.030  -1.479  1.00 43.06 ? 134  GLU A OE2 1 
ATOM   243  N N   . LYS A 1 31  ? -13.145 -3.648  -1.005  1.00 27.32 ? 135  LYS A N   1 
ATOM   244  C CA  . LYS A 1 31  ? -12.740 -5.071  -1.225  1.00 28.35 ? 135  LYS A CA  1 
ATOM   245  C C   . LYS A 1 31  ? -11.938 -5.688  -0.070  1.00 27.48 ? 135  LYS A C   1 
ATOM   246  O O   . LYS A 1 31  ? -12.289 -6.764  0.410   1.00 26.98 ? 135  LYS A O   1 
ATOM   247  C CB  . LYS A 1 31  ? -12.008 -5.236  -2.557  1.00 29.20 ? 135  LYS A CB  1 
ATOM   248  C CG  . LYS A 1 31  ? -12.957 -5.055  -3.735  1.00 31.74 ? 135  LYS A CG  1 
ATOM   249  C CD  . LYS A 1 31  ? -12.317 -5.434  -5.060  1.00 34.47 ? 135  LYS A CD  1 
ATOM   250  C CE  . LYS A 1 31  ? -12.105 -4.211  -5.925  1.00 37.78 ? 135  LYS A CE  1 
ATOM   251  N NZ  . LYS A 1 31  ? -11.921 -4.664  -7.329  1.00 38.40 ? 135  LYS A NZ  1 
ATOM   252  N N   . CYS A 1 32  ? -10.897 -4.999  0.415   1.00 26.40 ? 136  CYS A N   1 
ATOM   253  C CA  . CYS A 1 32  ? -10.174 -5.497  1.605   1.00 25.65 ? 136  CYS A CA  1 
ATOM   254  C C   . CYS A 1 32  ? -11.087 -5.667  2.833   1.00 26.31 ? 136  CYS A C   1 
ATOM   255  O O   . CYS A 1 32  ? -10.986 -6.678  3.571   1.00 24.74 ? 136  CYS A O   1 
ATOM   256  C CB  . CYS A 1 32  ? -9.003  -4.574  1.976   1.00 24.12 ? 136  CYS A CB  1 
ATOM   257  S SG  . CYS A 1 32  ? -7.765  -4.343  0.698   1.00 26.35 ? 136  CYS A SG  1 
ATOM   258  N N   . SER A 1 33  ? -11.959 -4.675  3.083   1.00 25.23 ? 137  SER A N   1 
ATOM   259  C CA  . SER A 1 33  ? -12.779 -4.691  4.308   1.00 24.54 ? 137  SER A CA  1 
ATOM   260  C C   . SER A 1 33  ? -13.774 -5.860  4.281   1.00 24.58 ? 137  SER A C   1 
ATOM   261  O O   . SER A 1 33  ? -14.060 -6.441  5.334   1.00 26.93 ? 137  SER A O   1 
ATOM   262  C CB  . SER A 1 33  ? -13.505 -3.343  4.555   1.00 26.68 ? 137  SER A CB  1 
ATOM   263  O OG  . SER A 1 33  ? -14.555 -3.176  3.603   1.00 28.90 ? 137  SER A OG  1 
ATOM   264  N N   . HIS A 1 34  ? -14.288 -6.219  3.099   1.00 23.74 ? 138  HIS A N   1 
ATOM   265  C CA  . HIS A 1 34  ? -15.152 -7.398  2.986   0.50 27.06 ? 138  HIS A CA  1 
ATOM   266  C C   . HIS A 1 34  ? -14.451 -8.665  3.384   1.00 29.62 ? 138  HIS A C   1 
ATOM   267  O O   . HIS A 1 34  ? -15.094 -9.606  3.870   1.00 32.97 ? 138  HIS A O   1 
ATOM   268  C CB  . HIS A 1 34  ? -15.687 -7.564  1.579   1.00 29.03 ? 138  HIS A CB  1 
ATOM   269  C CG  . HIS A 1 34  ? -16.673 -6.493  1.160   1.00 28.77 ? 138  HIS A CG  1 
ATOM   270  N ND1 . HIS A 1 34  ? -16.877 -6.167  -0.129  1.00 29.07 ? 138  HIS A ND1 1 
ATOM   271  C CD2 . HIS A 1 34  ? -17.503 -5.664  1.909   1.00 28.72 ? 138  HIS A CD2 1 
ATOM   272  C CE1 . HIS A 1 34  ? -17.810 -5.199  -0.210  1.00 28.10 ? 138  HIS A CE1 1 
ATOM   273  N NE2 . HIS A 1 34  ? -18.186 -4.885  1.041   1.00 29.09 ? 138  HIS A NE2 1 
ATOM   274  N N   . MET A 1 35  ? -13.129 -8.701  3.204   1.00 28.00 ? 139  MET A N   1 
ATOM   275  C CA  . MET A 1 35  ? -12.317 -9.855  3.565   1.00 27.86 ? 139  MET A CA  1 
ATOM   276  C C   . MET A 1 35  ? -11.884 -9.753  5.015   1.00 28.48 ? 139  MET A C   1 
ATOM   277  O O   . MET A 1 35  ? -11.032 -10.506 5.462   1.00 27.18 ? 139  MET A O   1 
ATOM   278  C CB  . MET A 1 35  ? -11.096 -9.937  2.646   1.00 29.60 ? 139  MET A CB  1 
ATOM   279  C CG  . MET A 1 35  ? -11.475 -10.161 1.188   1.00 32.64 ? 139  MET A CG  1 
ATOM   280  S SD  . MET A 1 35  ? -10.072 -10.531 0.101   1.00 40.96 ? 139  MET A SD  1 
ATOM   281  C CE  . MET A 1 35  ? -9.472  -8.881  -0.181  1.00 33.27 ? 139  MET A CE  1 
ATOM   282  N N   . GLY A 1 36  ? -12.453 -8.791  5.748   1.00 27.86 ? 140  GLY A N   1 
ATOM   283  C CA  . GLY A 1 36  ? -12.085 -8.562  7.139   1.00 24.76 ? 140  GLY A CA  1 
ATOM   284  C C   . GLY A 1 36  ? -10.691 -7.944  7.265   1.00 25.78 ? 140  GLY A C   1 
ATOM   285  O O   . GLY A 1 36  ? -10.076 -8.002  8.334   1.00 26.16 ? 140  GLY A O   1 
ATOM   286  N N   . ALA A 1 37  ? -10.207 -7.331  6.187   1.00 24.66 ? 141  ALA A N   1 
ATOM   287  C CA  . ALA A 1 37  ? -8.837  -6.798  6.138   1.00 25.43 ? 141  ALA A CA  1 
ATOM   288  C C   . ALA A 1 37  ? -8.852  -5.285  5.836   1.00 26.37 ? 141  ALA A C   1 
ATOM   289  O O   . ALA A 1 37  ? -9.911  -4.667  5.851   1.00 25.71 ? 141  ALA A O   1 
ATOM   290  C CB  . ALA A 1 37  ? -8.027  -7.554  5.077   1.00 24.45 ? 141  ALA A CB  1 
ATOM   291  N N   . HIS A 1 38  ? -7.680  -4.705  5.541   1.00 26.38 ? 142  HIS A N   1 
ATOM   292  C CA  . HIS A 1 38  ? -7.553  -3.298  5.138   1.00 26.59 ? 142  HIS A CA  1 
ATOM   293  C C   . HIS A 1 38  ? -6.345  -3.135  4.254   1.00 26.47 ? 142  HIS A C   1 
ATOM   294  O O   . HIS A 1 38  ? -5.444  -4.008  4.251   1.00 23.21 ? 142  HIS A O   1 
ATOM   295  C CB  . HIS A 1 38  ? -7.423  -2.391  6.367   1.00 26.29 ? 142  HIS A CB  1 
ATOM   296  C CG  . HIS A 1 38  ? -6.255  -2.747  7.255   1.00 29.48 ? 142  HIS A CG  1 
ATOM   297  N ND1 . HIS A 1 38  ? -4.987  -2.311  7.010   1.00 30.22 ? 142  HIS A ND1 1 
ATOM   298  C CD2 . HIS A 1 38  ? -6.184  -3.541  8.401   1.00 29.81 ? 142  HIS A CD2 1 
ATOM   299  C CE1 . HIS A 1 38  ? -4.155  -2.791  7.962   1.00 29.80 ? 142  HIS A CE1 1 
ATOM   300  N NE2 . HIS A 1 38  ? -4.889  -3.550  8.810   1.00 32.25 ? 142  HIS A NE2 1 
ATOM   301  N N   . LEU A 1 39  ? -6.295  -2.032  3.496   1.00 25.04 ? 143  LEU A N   1 
ATOM   302  C CA  . LEU A 1 39  ? -5.137  -1.778  2.624   1.00 24.80 ? 143  LEU A CA  1 
ATOM   303  C C   . LEU A 1 39  ? -3.872  -1.751  3.459   1.00 24.63 ? 143  LEU A C   1 
ATOM   304  O O   . LEU A 1 39  ? -3.903  -1.374  4.646   1.00 24.75 ? 143  LEU A O   1 
ATOM   305  C CB  . LEU A 1 39  ? -5.275  -0.502  1.787   1.00 23.93 ? 143  LEU A CB  1 
ATOM   306  C CG  . LEU A 1 39  ? -6.259  -0.579  0.618   1.00 25.77 ? 143  LEU A CG  1 
ATOM   307  C CD1 . LEU A 1 39  ? -6.536  0.822   0.090   1.00 25.08 ? 143  LEU A CD1 1 
ATOM   308  C CD2 . LEU A 1 39  ? -5.756  -1.455  -0.521  1.00 25.57 ? 143  LEU A CD2 1 
ATOM   309  N N   . VAL A 1 40  ? -2.757  -2.143  2.844   1.00 23.88 ? 144  VAL A N   1 
ATOM   310  C CA  . VAL A 1 40  ? -1.570  -2.540  3.629   1.00 22.71 ? 144  VAL A CA  1 
ATOM   311  C C   . VAL A 1 40  ? -0.919  -1.356  4.345   1.00 22.98 ? 144  VAL A C   1 
ATOM   312  O O   . VAL A 1 40  ? -0.860  -0.249  3.809   1.00 25.27 ? 144  VAL A O   1 
ATOM   313  C CB  . VAL A 1 40  ? -0.550  -3.338  2.756   1.00 21.85 ? 144  VAL A CB  1 
ATOM   314  C CG1 . VAL A 1 40  ? -0.032  -2.493  1.585   1.00 20.89 ? 144  VAL A CG1 1 
ATOM   315  C CG2 . VAL A 1 40  ? 0.586   -3.855  3.609   1.00 22.55 ? 144  VAL A CG2 1 
ATOM   316  N N   . VAL A 1 41  ? -0.420  -1.611  5.544   1.00 22.95 ? 145  VAL A N   1 
ATOM   317  C CA  . VAL A 1 41  ? 0.246   -0.626  6.373   1.00 23.80 ? 145  VAL A CA  1 
ATOM   318  C C   . VAL A 1 41  ? 1.689   -1.132  6.541   1.00 25.55 ? 145  VAL A C   1 
ATOM   319  O O   . VAL A 1 41  ? 1.905   -2.208  7.082   1.00 24.93 ? 145  VAL A O   1 
ATOM   320  C CB  . VAL A 1 41  ? -0.475  -0.507  7.751   1.00 23.11 ? 145  VAL A CB  1 
ATOM   321  C CG1 . VAL A 1 41  ? 0.352   0.325   8.721   1.00 23.49 ? 145  VAL A CG1 1 
ATOM   322  C CG2 . VAL A 1 41  ? -1.871  0.128   7.573   1.00 22.57 ? 145  VAL A CG2 1 
ATOM   323  N N   . ILE A 1 42  ? 2.662   -0.380  6.038   1.00 26.43 ? 146  ILE A N   1 
ATOM   324  C CA  . ILE A 1 42  ? 4.050   -0.852  5.951   0.75 26.83 ? 146  ILE A CA  1 
ATOM   325  C C   . ILE A 1 42  ? 4.877   -0.144  7.008   1.00 29.90 ? 146  ILE A C   1 
ATOM   326  O O   . ILE A 1 42  ? 5.027   1.066   6.962   1.00 31.03 ? 146  ILE A O   1 
ATOM   327  C CB  . ILE A 1 42  ? 4.629   -0.588  4.546   0.75 26.03 ? 146  ILE A CB  1 
ATOM   328  C CG1 . ILE A 1 42  ? 3.834   -1.372  3.493   0.75 24.23 ? 146  ILE A CG1 1 
ATOM   329  C CG2 . ILE A 1 42  ? 6.106   -0.963  4.499   0.75 26.19 ? 146  ILE A CG2 1 
ATOM   330  C CD1 . ILE A 1 42  ? 4.012   -0.875  2.072   0.75 26.05 ? 146  ILE A CD1 1 
ATOM   331  N N   . HIS A 1 43  ? 5.377   -0.892  7.990   1.00 32.75 ? 147  HIS A N   1 
ATOM   332  C CA  . HIS A 1 43  ? 6.132   -0.297  9.097   1.00 35.00 ? 147  HIS A CA  1 
ATOM   333  C C   . HIS A 1 43  ? 7.617   -0.572  9.108   1.00 36.91 ? 147  HIS A C   1 
ATOM   334  O O   . HIS A 1 43  ? 8.333   -0.029  9.954   1.00 36.88 ? 147  HIS A O   1 
ATOM   335  C CB  . HIS A 1 43  ? 5.534   -0.702  10.442  1.00 38.31 ? 147  HIS A CB  1 
ATOM   336  C CG  . HIS A 1 43  ? 4.350   0.143   10.854  1.00 40.93 ? 147  HIS A CG  1 
ATOM   337  N ND1 . HIS A 1 43  ? 4.434   1.479   11.014  1.00 39.70 ? 147  HIS A ND1 1 
ATOM   338  C CD2 . HIS A 1 43  ? 3.028   -0.205  11.130  1.00 41.72 ? 147  HIS A CD2 1 
ATOM   339  C CE1 . HIS A 1 43  ? 3.228   1.964   11.374  1.00 40.57 ? 147  HIS A CE1 1 
ATOM   340  N NE2 . HIS A 1 43  ? 2.370   0.934   11.446  1.00 39.36 ? 147  HIS A NE2 1 
ATOM   341  N N   . SER A 1 44  ? 8.102   -1.405  8.187   1.00 33.40 ? 148  SER A N   1 
ATOM   342  C CA  . SER A 1 44  ? 9.513   -1.766  8.188   1.00 32.50 ? 148  SER A CA  1 
ATOM   343  C C   . SER A 1 44  ? 9.999   -2.154  6.814   1.00 30.22 ? 148  SER A C   1 
ATOM   344  O O   . SER A 1 44  ? 9.190   -2.456  5.922   1.00 29.91 ? 148  SER A O   1 
ATOM   345  C CB  . SER A 1 44  ? 9.763   -2.926  9.161   1.00 31.17 ? 148  SER A CB  1 
ATOM   346  O OG  . SER A 1 44  ? 9.140   -4.102  8.677   1.00 32.39 ? 148  SER A OG  1 
ATOM   347  N N   . GLN A 1 45  ? 11.331  -2.170  6.675   1.00 29.19 ? 149  GLN A N   1 
ATOM   348  C CA  . GLN A 1 45  ? 12.034  -2.653  5.489   1.00 28.42 ? 149  GLN A CA  1 
ATOM   349  C C   . GLN A 1 45  ? 11.597  -4.072  5.176   1.00 25.10 ? 149  GLN A C   1 
ATOM   350  O O   . GLN A 1 45  ? 11.246  -4.393  4.040   1.00 25.65 ? 149  GLN A O   1 
ATOM   351  C CB  . GLN A 1 45  ? 13.566  -2.563  5.705   1.00 31.06 ? 149  GLN A CB  1 
ATOM   352  C CG  . GLN A 1 45  ? 14.437  -2.999  4.528   1.00 33.88 ? 149  GLN A CG  1 
ATOM   353  C CD  . GLN A 1 45  ? 14.359  -2.055  3.335   1.00 37.97 ? 149  GLN A CD  1 
ATOM   354  O OE1 . GLN A 1 45  ? 13.948  -2.443  2.233   1.00 36.84 ? 149  GLN A OE1 1 
ATOM   355  N NE2 . GLN A 1 45  ? 14.757  -0.808  3.549   1.00 40.44 ? 149  GLN A NE2 1 
ATOM   356  N N   . ALA A 1 46  ? 11.564  -4.909  6.203   1.00 25.27 ? 150  ALA A N   1 
ATOM   357  C CA  . ALA A 1 46  ? 11.189  -6.310  6.044   1.00 24.57 ? 150  ALA A CA  1 
ATOM   358  C C   . ALA A 1 46  ? 9.812   -6.497  5.348   1.00 26.19 ? 150  ALA A C   1 
ATOM   359  O O   . ALA A 1 46  ? 9.701   -7.242  4.353   1.00 26.01 ? 150  ALA A O   1 
ATOM   360  C CB  . ALA A 1 46  ? 11.246  -7.022  7.402   1.00 22.85 ? 150  ALA A CB  1 
ATOM   361  N N   . GLU A 1 47  ? 8.778   -5.804  5.849   1.00 25.86 ? 151  GLU A N   1 
ATOM   362  C CA  . GLU A 1 47  ? 7.452   -5.783  5.193   1.00 26.36 ? 151  GLU A CA  1 
ATOM   363  C C   . GLU A 1 47  ? 7.491   -5.266  3.765   1.00 24.70 ? 151  GLU A C   1 
ATOM   364  O O   . GLU A 1 47  ? 6.948   -5.896  2.858   1.00 26.67 ? 151  GLU A O   1 
ATOM   365  C CB  . GLU A 1 47  ? 6.435   -4.976  6.019   1.00 26.81 ? 151  GLU A CB  1 
ATOM   366  C CG  . GLU A 1 47  ? 6.063   -5.648  7.324   1.00 30.56 ? 151  GLU A CG  1 
ATOM   367  C CD  . GLU A 1 47  ? 5.137   -4.809  8.206   1.00 35.92 ? 151  GLU A CD  1 
ATOM   368  O OE1 . GLU A 1 47  ? 4.968   -3.593  7.971   1.00 34.37 ? 151  GLU A OE1 1 
ATOM   369  O OE2 . GLU A 1 47  ? 4.570   -5.377  9.157   1.00 40.25 ? 151  GLU A OE2 1 
ATOM   370  N N   . GLN A 1 48  ? 8.138   -4.124  3.551   1.00 25.43 ? 152  GLN A N   1 
ATOM   371  C CA  . GLN A 1 48  ? 8.271   -3.573  2.200   1.00 25.32 ? 152  GLN A CA  1 
ATOM   372  C C   . GLN A 1 48  ? 8.901   -4.629  1.254   1.00 26.71 ? 152  GLN A C   1 
ATOM   373  O O   . GLN A 1 48  ? 8.398   -4.882  0.142   1.00 26.98 ? 152  GLN A O   1 
ATOM   374  C CB  . GLN A 1 48  ? 9.090   -2.269  2.249   1.00 24.82 ? 152  GLN A CB  1 
ATOM   375  C CG  . GLN A 1 48  ? 9.476   -1.636  0.903   1.00 25.90 ? 152  GLN A CG  1 
ATOM   376  C CD  . GLN A 1 48  ? 8.359   -0.825  0.235   1.00 26.49 ? 152  GLN A CD  1 
ATOM   377  O OE1 . GLN A 1 48  ? 7.270   -0.700  0.770   1.00 26.32 ? 152  GLN A OE1 1 
ATOM   378  N NE2 . GLN A 1 48  ? 8.645   -0.271  -0.952  1.00 27.11 ? 152  GLN A NE2 1 
ATOM   379  N N   . ASP A 1 49  ? 9.994   -5.251  1.711   1.00 27.64 ? 153  ASP A N   1 
ATOM   380  C CA  . ASP A 1 49  ? 10.703  -6.255  0.904   1.00 26.05 ? 153  ASP A CA  1 
ATOM   381  C C   . ASP A 1 49  ? 9.831   -7.476  0.663   1.00 24.57 ? 153  ASP A C   1 
ATOM   382  O O   . ASP A 1 49  ? 9.774   -7.980  -0.453  1.00 25.54 ? 153  ASP A O   1 
ATOM   383  C CB  . ASP A 1 49  ? 12.014  -6.649  1.580   1.00 26.57 ? 153  ASP A CB  1 
ATOM   384  C CG  . ASP A 1 49  ? 13.101  -5.592  1.417   1.00 27.81 ? 153  ASP A CG  1 
ATOM   385  O OD1 . ASP A 1 49  ? 12.961  -4.677  0.574   1.00 28.80 ? 153  ASP A OD1 1 
ATOM   386  O OD2 . ASP A 1 49  ? 14.107  -5.660  2.148   1.00 28.92 ? 153  ASP A OD2 1 
ATOM   387  N N   . PHE A 1 50  ? 9.124   -7.931  1.695   1.00 25.27 ? 154  PHE A N   1 
ATOM   388  C CA  . PHE A 1 50  ? 8.229   -9.082  1.538   1.00 24.83 ? 154  PHE A CA  1 
ATOM   389  C C   . PHE A 1 50  ? 7.151   -8.775  0.516   1.00 23.50 ? 154  PHE A C   1 
ATOM   390  O O   . PHE A 1 50  ? 6.848   -9.584  -0.362  1.00 22.08 ? 154  PHE A O   1 
ATOM   391  C CB  . PHE A 1 50  ? 7.569   -9.520  2.866   1.00 25.27 ? 154  PHE A CB  1 
ATOM   392  C CG  . PHE A 1 50  ? 6.540   -10.610 2.672   1.00 26.02 ? 154  PHE A CG  1 
ATOM   393  C CD1 . PHE A 1 50  ? 5.205   -10.295 2.423   1.00 25.41 ? 154  PHE A CD1 1 
ATOM   394  C CD2 . PHE A 1 50  ? 6.921   -11.954 2.652   1.00 26.43 ? 154  PHE A CD2 1 
ATOM   395  C CE1 . PHE A 1 50  ? 4.268   -11.293 2.201   1.00 26.18 ? 154  PHE A CE1 1 
ATOM   396  C CE2 . PHE A 1 50  ? 5.984   -12.961 2.431   1.00 26.85 ? 154  PHE A CE2 1 
ATOM   397  C CZ  . PHE A 1 50  ? 4.655   -12.631 2.207   1.00 27.63 ? 154  PHE A CZ  1 
ATOM   398  N N   . ILE A 1 51  ? 6.568   -7.587  0.635   1.00 23.13 ? 155  ILE A N   1 
ATOM   399  C CA  . ILE A 1 51  ? 5.475   -7.202  -0.237  1.00 22.27 ? 155  ILE A CA  1 
ATOM   400  C C   . ILE A 1 51  ? 5.968   -7.061  -1.665  1.00 21.62 ? 155  ILE A C   1 
ATOM   401  O O   . ILE A 1 51  ? 5.350   -7.582  -2.566  1.00 21.63 ? 155  ILE A O   1 
ATOM   402  C CB  . ILE A 1 51  ? 4.759   -5.900  0.272   1.00 23.92 ? 155  ILE A CB  1 
ATOM   403  C CG1 . ILE A 1 51  ? 3.977   -6.196  1.558   1.00 24.85 ? 155  ILE A CG1 1 
ATOM   404  C CG2 . ILE A 1 51  ? 3.829   -5.323  -0.797  1.00 23.46 ? 155  ILE A CG2 1 
ATOM   405  C CD1 . ILE A 1 51  ? 3.857   -5.012  2.508   1.00 27.65 ? 155  ILE A CD1 1 
ATOM   406  N N   . THR A 1 52  ? 7.064   -6.351  -1.894  1.00 23.49 ? 156  THR A N   1 
ATOM   407  C CA  . THR A 1 52  ? 7.489   -6.134  -3.301  1.00 24.76 ? 156  THR A CA  1 
ATOM   408  C C   . THR A 1 52  ? 7.896   -7.423  -4.049  1.00 26.79 ? 156  THR A C   1 
ATOM   409  O O   . THR A 1 52  ? 7.703   -7.527  -5.261  1.00 25.32 ? 156  THR A O   1 
ATOM   410  C CB  . THR A 1 52  ? 8.595   -5.076  -3.434  1.00 24.40 ? 156  THR A CB  1 
ATOM   411  O OG1 . THR A 1 52  ? 9.720   -5.454  -2.619  1.00 26.32 ? 156  THR A OG1 1 
ATOM   412  C CG2 . THR A 1 52  ? 8.079   -3.702  -2.949  1.00 24.57 ? 156  THR A CG2 1 
ATOM   413  N N   . SER A 1 53  ? 8.431   -8.422  -3.353  1.00 29.82 ? 157  SER A N   1 
ATOM   414  C CA  . SER A 1 53  ? 8.799   -9.647  -4.088  1.00 31.31 ? 157  SER A CA  1 
ATOM   415  C C   . SER A 1 53  ? 7.539   -10.361 -4.558  1.00 32.45 ? 157  SER A C   1 
ATOM   416  O O   . SER A 1 53  ? 7.605   -11.236 -5.413  1.00 30.14 ? 157  SER A O   1 
ATOM   417  C CB  . SER A 1 53  ? 9.690   -10.576 -3.261  1.00 32.28 ? 157  SER A CB  1 
ATOM   418  O OG  . SER A 1 53  ? 8.965   -11.073 -2.174  1.00 36.43 ? 157  SER A OG  1 
ATOM   419  N N   . ASN A 1 54  ? 6.383   -9.946  -4.032  1.00 30.71 ? 158  ASN A N   1 
ATOM   420  C CA  . ASN A 1 54  ? 5.113   -10.511 -4.463  1.00 32.30 ? 158  ASN A CA  1 
ATOM   421  C C   . ASN A 1 54  ? 4.363   -9.701  -5.522  1.00 32.37 ? 158  ASN A C   1 
ATOM   422  O O   . ASN A 1 54  ? 3.230   -10.032 -5.878  1.00 30.93 ? 158  ASN A O   1 
ATOM   423  C CB  . ASN A 1 54  ? 4.221   -10.754 -3.248  1.00 33.04 ? 158  ASN A CB  1 
ATOM   424  C CG  . ASN A 1 54  ? 4.641   -11.978 -2.474  1.00 36.17 ? 158  ASN A CG  1 
ATOM   425  O OD1 . ASN A 1 54  ? 5.272   -11.882 -1.414  1.00 37.81 ? 158  ASN A OD1 1 
ATOM   426  N ND2 . ASN A 1 54  ? 4.330   -13.147 -3.022  1.00 36.65 ? 158  ASN A ND2 1 
ATOM   427  N N   . LEU A 1 55  ? 4.990   -8.650  -6.027  1.00 31.07 ? 159  LEU A N   1 
ATOM   428  C CA  . LEU A 1 55  ? 4.283   -7.718  -6.895  1.00 32.34 ? 159  LEU A CA  1 
ATOM   429  C C   . LEU A 1 55  ? 4.794   -7.795  -8.316  1.00 35.38 ? 159  LEU A C   1 
ATOM   430  O O   . LEU A 1 55  ? 5.960   -8.113  -8.539  1.00 37.68 ? 159  LEU A O   1 
ATOM   431  C CB  . LEU A 1 55  ? 4.442   -6.289  -6.377  1.00 30.69 ? 159  LEU A CB  1 
ATOM   432  C CG  . LEU A 1 55  ? 3.960   -5.907  -4.971  1.00 29.60 ? 159  LEU A CG  1 
ATOM   433  C CD1 . LEU A 1 55  ? 4.205   -4.410  -4.749  1.00 29.34 ? 159  LEU A CD1 1 
ATOM   434  C CD2 . LEU A 1 55  ? 2.493   -6.269  -4.769  1.00 28.41 ? 159  LEU A CD2 1 
ATOM   435  N N   . ASN A 1 56  ? 3.925   -7.510  -9.277  1.00 34.63 ? 160  ASN A N   1 
ATOM   436  C CA  . ASN A 1 56  ? 4.357   -7.404  -10.662 1.00 36.84 ? 160  ASN A CA  1 
ATOM   437  C C   . ASN A 1 56  ? 4.937   -6.041  -10.936 1.00 38.26 ? 160  ASN A C   1 
ATOM   438  O O   . ASN A 1 56  ? 4.313   -5.009  -10.670 1.00 39.46 ? 160  ASN A O   1 
ATOM   439  C CB  . ASN A 1 56  ? 3.223   -7.696  -11.647 1.00 38.29 ? 160  ASN A CB  1 
ATOM   440  C CG  . ASN A 1 56  ? 3.694   -7.664  -13.098 1.00 41.31 ? 160  ASN A CG  1 
ATOM   441  O OD1 . ASN A 1 56  ? 4.315   -6.701  -13.549 1.00 40.97 ? 160  ASN A OD1 1 
ATOM   442  N ND2 . ASN A 1 56  ? 3.405   -8.729  -13.832 1.00 42.82 ? 160  ASN A ND2 1 
ATOM   443  N N   . THR A 1 57  ? 6.124   -6.055  -11.518 1.00 37.56 ? 161  THR A N   1 
ATOM   444  C CA  . THR A 1 57  ? 6.941   -4.875  -11.709 0.70 37.40 ? 161  THR A CA  1 
ATOM   445  C C   . THR A 1 57  ? 6.346   -3.839  -12.676 1.00 37.49 ? 161  THR A C   1 
ATOM   446  O O   . THR A 1 57  ? 6.800   -2.688  -12.726 1.00 35.34 ? 161  THR A O   1 
ATOM   447  C CB  . THR A 1 57  ? 8.334   -5.298  -12.203 1.00 41.46 ? 161  THR A CB  1 
ATOM   448  O OG1 . THR A 1 57  ? 9.162   -4.141  -12.303 1.00 46.26 ? 161  THR A OG1 1 
ATOM   449  C CG2 . THR A 1 57  ? 8.233   -5.980  -13.567 1.00 38.29 ? 161  THR A CG2 1 
ATOM   450  N N   . SER A 1 58  ? 5.342   -4.251  -13.442 1.00 35.92 ? 162  SER A N   1 
ATOM   451  C CA  . SER A 1 58  ? 4.678   -3.358  -14.377 0.50 37.79 ? 162  SER A CA  1 
ATOM   452  C C   . SER A 1 58  ? 3.462   -2.660  -13.781 1.00 36.79 ? 162  SER A C   1 
ATOM   453  O O   . SER A 1 58  ? 2.856   -1.824  -14.440 1.00 37.21 ? 162  SER A O   1 
ATOM   454  C CB  . SER A 1 58  ? 4.277   -4.121  -15.638 1.00 41.92 ? 162  SER A CB  1 
ATOM   455  O OG  . SER A 1 58  ? 5.450   -4.495  -16.353 1.00 48.72 ? 162  SER A OG  1 
ATOM   456  N N   . ALA A 1 59  ? 3.118   -2.983  -12.538 0.50 32.26 ? 163  ALA A N   1 
ATOM   457  C CA  . ALA A 1 59  ? 1.899   -2.464  -11.953 0.50 29.87 ? 163  ALA A CA  1 
ATOM   458  C C   . ALA A 1 59  ? 2.106   -1.687  -10.660 0.50 27.97 ? 163  ALA A C   1 
ATOM   459  O O   . ALA A 1 59  ? 3.092   -1.859  -9.962  0.50 24.55 ? 163  ALA A O   1 
ATOM   460  C CB  . ALA A 1 59  ? 0.904   -3.590  -11.747 1.00 30.86 ? 163  ALA A CB  1 
ATOM   461  N N   . GLY A 1 60  ? 1.146   -0.812  -10.377 1.00 30.01 ? 164  GLY A N   1 
ATOM   462  C CA  . GLY A 1 60  ? 1.119   0.018   -9.167  1.00 27.37 ? 164  GLY A CA  1 
ATOM   463  C C   . GLY A 1 60  ? 0.063   -0.524  -8.212  1.00 26.22 ? 164  GLY A C   1 
ATOM   464  O O   . GLY A 1 60  ? -0.976  -1.027  -8.638  1.00 27.03 ? 164  GLY A O   1 
ATOM   465  N N   . TYR A 1 61  ? 0.324   -0.409  -6.913  1.00 26.16 ? 165  TYR A N   1 
ATOM   466  C CA  . TYR A 1 61  ? -0.554  -1.006  -5.903  1.00 25.93 ? 165  TYR A CA  1 
ATOM   467  C C   . TYR A 1 61  ? -0.839  -0.022  -4.785  1.00 23.87 ? 165  TYR A C   1 
ATOM   468  O O   . TYR A 1 61  ? 0.097   0.448   -4.131  1.00 22.84 ? 165  TYR A O   1 
ATOM   469  C CB  . TYR A 1 61  ? 0.097   -2.264  -5.291  1.00 25.25 ? 165  TYR A CB  1 
ATOM   470  C CG  . TYR A 1 61  ? 0.412   -3.360  -6.289  1.00 25.71 ? 165  TYR A CG  1 
ATOM   471  C CD1 . TYR A 1 61  ? -0.404  -4.484  -6.402  1.00 25.93 ? 165  TYR A CD1 1 
ATOM   472  C CD2 . TYR A 1 61  ? 1.536   -3.276  -7.118  1.00 27.58 ? 165  TYR A CD2 1 
ATOM   473  C CE1 . TYR A 1 61  ? -0.128  -5.484  -7.332  1.00 25.89 ? 165  TYR A CE1 1 
ATOM   474  C CE2 . TYR A 1 61  ? 1.826   -4.283  -8.040  1.00 27.75 ? 165  TYR A CE2 1 
ATOM   475  C CZ  . TYR A 1 61  ? 0.998   -5.380  -8.137  1.00 26.87 ? 165  TYR A CZ  1 
ATOM   476  O OH  . TYR A 1 61  ? 1.301   -6.376  -9.046  1.00 28.86 ? 165  TYR A OH  1 
ATOM   477  N N   . PHE A 1 62  ? -2.125  0.244   -4.544  1.00 24.44 ? 166  PHE A N   1 
ATOM   478  C CA  . PHE A 1 62  ? -2.555  1.105   -3.434  1.00 23.76 ? 166  PHE A CA  1 
ATOM   479  C C   . PHE A 1 62  ? -2.177  0.496   -2.112  1.00 22.96 ? 166  PHE A C   1 
ATOM   480  O O   . PHE A 1 62  ? -2.300  -0.714  -1.914  1.00 22.78 ? 166  PHE A O   1 
ATOM   481  C CB  . PHE A 1 62  ? -4.081  1.317   -3.431  1.00 23.67 ? 166  PHE A CB  1 
ATOM   482  C CG  . PHE A 1 62  ? -4.545  2.444   -4.318  1.00 25.09 ? 166  PHE A CG  1 
ATOM   483  C CD1 . PHE A 1 62  ? -4.033  3.735   -4.168  1.00 25.21 ? 166  PHE A CD1 1 
ATOM   484  C CD2 . PHE A 1 62  ? -5.530  2.221   -5.288  1.00 24.97 ? 166  PHE A CD2 1 
ATOM   485  C CE1 . PHE A 1 62  ? -4.485  4.779   -4.978  1.00 24.92 ? 166  PHE A CE1 1 
ATOM   486  C CE2 . PHE A 1 62  ? -5.970  3.254   -6.108  1.00 24.65 ? 166  PHE A CE2 1 
ATOM   487  C CZ  . PHE A 1 62  ? -5.448  4.532   -5.950  1.00 25.62 ? 166  PHE A CZ  1 
ATOM   488  N N   . ILE A 1 63  ? -1.715  1.353   -1.210  1.00 21.02 ? 167  ILE A N   1 
ATOM   489  C CA  . ILE A 1 63  ? -1.463  0.989   0.167   1.00 21.46 ? 167  ILE A CA  1 
ATOM   490  C C   . ILE A 1 63  ? -2.370  1.813   1.106   1.00 21.92 ? 167  ILE A C   1 
ATOM   491  O O   . ILE A 1 63  ? -3.041  2.749   0.680   1.00 23.34 ? 167  ILE A O   1 
ATOM   492  C CB  . ILE A 1 63  ? 0.042   1.146   0.521   1.00 20.70 ? 167  ILE A CB  1 
ATOM   493  C CG1 . ILE A 1 63  ? 0.498   2.592   0.536   1.00 21.37 ? 167  ILE A CG1 1 
ATOM   494  C CG2 . ILE A 1 63  ? 0.921   0.421   -0.489  1.00 21.06 ? 167  ILE A CG2 1 
ATOM   495  C CD1 . ILE A 1 63  ? 1.907   2.723   1.096   1.00 21.19 ? 167  ILE A CD1 1 
ATOM   496  N N   . GLY A 1 64  ? -2.384  1.479   2.380   1.00 22.22 ? 168  GLY A N   1 
ATOM   497  C CA  . GLY A 1 64  ? -3.287  2.138   3.310   1.00 22.92 ? 168  GLY A CA  1 
ATOM   498  C C   . GLY A 1 64  ? -2.756  3.424   3.918   1.00 22.23 ? 168  GLY A C   1 
ATOM   499  O O   . GLY A 1 64  ? -2.868  3.629   5.118   1.00 21.05 ? 168  GLY A O   1 
ATOM   500  N N   . LEU A 1 65  ? -2.204  4.289   3.076   1.00 22.61 ? 169  LEU A N   1 
ATOM   501  C CA  . LEU A 1 65  ? -1.613  5.545   3.526   1.00 23.85 ? 169  LEU A CA  1 
ATOM   502  C C   . LEU A 1 65  ? -2.258  6.725   2.797   1.00 23.79 ? 169  LEU A C   1 
ATOM   503  O O   . LEU A 1 65  ? -2.356  6.729   1.557   1.00 22.69 ? 169  LEU A O   1 
ATOM   504  C CB  . LEU A 1 65  ? -0.090  5.552   3.286   1.00 23.91 ? 169  LEU A CB  1 
ATOM   505  C CG  . LEU A 1 65  ? 0.705   6.766   3.773   1.00 24.34 ? 169  LEU A CG  1 
ATOM   506  C CD1 . LEU A 1 65  ? 0.636   6.921   5.280   1.00 24.48 ? 169  LEU A CD1 1 
ATOM   507  C CD2 . LEU A 1 65  ? 2.160   6.718   3.293   1.00 24.18 ? 169  LEU A CD2 1 
ATOM   508  N N   . LEU A 1 66  ? -2.693  7.716   3.582   1.00 24.75 ? 170  LEU A N   1 
ATOM   509  C CA  . LEU A 1 66  ? -3.335  8.907   3.060   0.50 25.81 ? 170  LEU A CA  1 
ATOM   510  C C   . LEU A 1 66  ? -2.854  10.187  3.731   1.00 27.89 ? 170  LEU A C   1 
ATOM   511  O O   . LEU A 1 66  ? -2.529  10.208  4.938   1.00 26.29 ? 170  LEU A O   1 
ATOM   512  C CB  . LEU A 1 66  ? -4.841  8.805   3.245   1.00 28.90 ? 170  LEU A CB  1 
ATOM   513  C CG  . LEU A 1 66  ? -5.521  7.782   2.356   1.00 31.22 ? 170  LEU A CG  1 
ATOM   514  C CD1 . LEU A 1 66  ? -5.632  6.476   3.125   1.00 31.14 ? 170  LEU A CD1 1 
ATOM   515  C CD2 . LEU A 1 66  ? -6.886  8.294   1.950   1.00 32.71 ? 170  LEU A CD2 1 
ATOM   516  N N   . ASP A 1 67  ? -2.836  11.261  2.948   1.00 26.82 ? 171  ASP A N   1 
ATOM   517  C CA  . ASP A 1 67  ? -2.555  12.585  3.492   1.00 27.26 ? 171  ASP A CA  1 
ATOM   518  C C   . ASP A 1 67  ? -3.835  13.106  4.142   1.00 26.89 ? 171  ASP A C   1 
ATOM   519  O O   . ASP A 1 67  ? -4.789  13.429  3.440   1.00 25.45 ? 171  ASP A O   1 
ATOM   520  C CB  . ASP A 1 67  ? -2.123  13.534  2.381   1.00 26.36 ? 171  ASP A CB  1 
ATOM   521  C CG  . ASP A 1 67  ? -1.741  14.919  2.906   1.00 26.53 ? 171  ASP A CG  1 
ATOM   522  O OD1 . ASP A 1 67  ? -1.846  15.165  4.123   1.00 25.22 ? 171  ASP A OD1 1 
ATOM   523  O OD2 . ASP A 1 67  ? -1.284  15.741  2.086   1.00 26.02 ? 171  ASP A OD2 1 
ATOM   524  N N   . ALA A 1 68  ? -3.851  13.164  5.477   1.00 26.34 ? 172  ALA A N   1 
ATOM   525  C CA  . ALA A 1 68  ? -5.030  13.605  6.222   1.00 27.60 ? 172  ALA A CA  1 
ATOM   526  C C   . ALA A 1 68  ? -5.128  15.143  6.381   1.00 29.78 ? 172  ALA A C   1 
ATOM   527  O O   . ALA A 1 68  ? -6.048  15.651  7.021   1.00 30.77 ? 172  ALA A O   1 
ATOM   528  C CB  . ALA A 1 68  ? -5.037  12.953  7.589   1.00 27.52 ? 172  ALA A CB  1 
ATOM   529  N N   . GLY A 1 69  ? -4.194  15.888  5.800   1.00 30.13 ? 173  GLY A N   1 
ATOM   530  C CA  . GLY A 1 69  ? -4.207  17.332  5.976   0.50 27.85 ? 173  GLY A CA  1 
ATOM   531  C C   . GLY A 1 69  ? -3.251  18.005  5.039   1.00 27.10 ? 173  GLY A C   1 
ATOM   532  O O   . GLY A 1 69  ? -3.394  17.916  3.824   1.00 27.49 ? 173  GLY A O   1 
ATOM   533  N N   . GLN A 1 70  ? -2.260  18.676  5.609   1.00 28.73 ? 174  GLN A N   1 
ATOM   534  C CA  . GLN A 1 70  ? -1.300  19.443  4.833   1.00 31.26 ? 174  GLN A CA  1 
ATOM   535  C C   . GLN A 1 70  ? 0.002   18.628  4.830   1.00 30.12 ? 174  GLN A C   1 
ATOM   536  O O   . GLN A 1 70  ? 0.888   18.870  5.634   1.00 28.72 ? 174  GLN A O   1 
ATOM   537  C CB  . GLN A 1 70  ? -1.123  20.844  5.468   1.00 32.54 ? 174  GLN A CB  1 
ATOM   538  C CG  . GLN A 1 70  ? -0.337  21.880  4.658   1.00 33.62 ? 174  GLN A CG  1 
ATOM   539  C CD  . GLN A 1 70  ? -1.091  22.382  3.435   1.00 35.85 ? 174  GLN A CD  1 
ATOM   540  O OE1 . GLN A 1 70  ? -1.897  21.658  2.849   1.00 38.83 ? 174  GLN A OE1 1 
ATOM   541  N NE2 . GLN A 1 70  ? -0.836  23.635  3.041   1.00 36.51 ? 174  GLN A NE2 1 
ATOM   542  N N   . ARG A 1 71  ? 0.090   17.641  3.936   1.00 32.38 ? 175  ARG A N   1 
ATOM   543  C CA  . ARG A 1 71  ? 1.140   16.592  4.014   1.00 32.10 ? 175  ARG A CA  1 
ATOM   544  C C   . ARG A 1 71  ? 1.282   16.034  5.419   1.00 30.46 ? 175  ARG A C   1 
ATOM   545  O O   . ARG A 1 71  ? 2.375   16.024  5.965   1.00 31.58 ? 175  ARG A O   1 
ATOM   546  C CB  . ARG A 1 71  ? 2.501   17.089  3.490   1.00 32.67 ? 175  ARG A CB  1 
ATOM   547  C CG  . ARG A 1 71  ? 2.942   16.454  2.176   1.00 33.74 ? 175  ARG A CG  1 
ATOM   548  C CD  . ARG A 1 71  ? 1.895   16.660  1.113   1.00 35.46 ? 175  ARG A CD  1 
ATOM   549  N NE  . ARG A 1 71  ? 2.173   15.948  -0.134  1.00 34.69 ? 175  ARG A NE  1 
ATOM   550  C CZ  . ARG A 1 71  ? 1.253   15.258  -0.801  1.00 33.49 ? 175  ARG A CZ  1 
ATOM   551  N NH1 . ARG A 1 71  ? 0.027   15.129  -0.297  1.00 31.23 ? 175  ARG A NH1 1 
ATOM   552  N NH2 . ARG A 1 71  ? 1.562   14.671  -1.954  1.00 34.36 ? 175  ARG A NH2 1 
ATOM   553  N N   . GLN A 1 72  ? 0.160   15.635  6.013   1.00 31.51 ? 176  GLN A N   1 
ATOM   554  C CA  . GLN A 1 72  ? 0.133   14.996  7.328   1.00 33.95 ? 176  GLN A CA  1 
ATOM   555  C C   . GLN A 1 72  ? -0.304  13.550  7.077   1.00 32.99 ? 176  GLN A C   1 
ATOM   556  O O   . GLN A 1 72  ? -1.508  13.214  7.125   1.00 30.16 ? 176  GLN A O   1 
ATOM   557  C CB  . GLN A 1 72  ? -0.853  15.695  8.289   1.00 36.03 ? 176  GLN A CB  1 
ATOM   558  C CG  . GLN A 1 72  ? -0.453  17.097  8.767   1.00 40.12 ? 176  GLN A CG  1 
ATOM   559  C CD  . GLN A 1 72  ? -1.665  17.913  9.213   1.00 39.59 ? 176  GLN A CD  1 
ATOM   560  O OE1 . GLN A 1 72  ? -2.214  18.683  8.440   1.00 43.09 ? 176  GLN A OE1 1 
ATOM   561  N NE2 . GLN A 1 72  ? -2.115  17.704  10.435  1.00 40.05 ? 176  GLN A NE2 1 
ATOM   562  N N   . TRP A 1 73  ? 0.681   12.703  6.778   1.00 30.91 ? 177  TRP A N   1 
ATOM   563  C CA  . TRP A 1 73  ? 0.419   11.306  6.421   1.00 29.72 ? 177  TRP A CA  1 
ATOM   564  C C   . TRP A 1 73  ? -0.089  10.492  7.562   1.00 32.23 ? 177  TRP A C   1 
ATOM   565  O O   . TRP A 1 73  ? 0.483   10.525  8.647   1.00 35.62 ? 177  TRP A O   1 
ATOM   566  C CB  . TRP A 1 73  ? 1.678   10.696  5.824   1.00 27.57 ? 177  TRP A CB  1 
ATOM   567  C CG  . TRP A 1 73  ? 2.090   11.416  4.563   1.00 25.26 ? 177  TRP A CG  1 
ATOM   568  C CD1 . TRP A 1 73  ? 3.116   12.343  4.420   1.00 25.04 ? 177  TRP A CD1 1 
ATOM   569  C CD2 . TRP A 1 73  ? 1.471   11.311  3.229   1.00 24.32 ? 177  TRP A CD2 1 
ATOM   570  N NE1 . TRP A 1 73  ? 3.177   12.804  3.125   1.00 26.55 ? 177  TRP A NE1 1 
ATOM   571  C CE2 . TRP A 1 73  ? 2.220   12.225  2.357   1.00 25.31 ? 177  TRP A CE2 1 
ATOM   572  C CE3 . TRP A 1 73  ? 0.415   10.567  2.685   1.00 24.84 ? 177  TRP A CE3 1 
ATOM   573  C CZ2 . TRP A 1 73  ? 1.910   12.381  1.007   1.00 25.07 ? 177  TRP A CZ2 1 
ATOM   574  C CZ3 . TRP A 1 73  ? 0.102   10.736  1.332   1.00 23.50 ? 177  TRP A CZ3 1 
ATOM   575  C CH2 . TRP A 1 73  ? 0.839   11.617  0.507   1.00 25.77 ? 177  TRP A CH2 1 
ATOM   576  N N   . ARG A 1 74  ? -1.175  9.754   7.343   1.00 32.74 ? 178  ARG A N   1 
ATOM   577  C CA  . ARG A 1 74  ? -1.706  8.860   8.362   0.50 31.35 ? 178  ARG A CA  1 
ATOM   578  C C   . ARG A 1 74  ? -2.014  7.473   7.781   1.00 29.20 ? 178  ARG A C   1 
ATOM   579  O O   . ARG A 1 74  ? -2.554  7.344   6.673   1.00 25.69 ? 178  ARG A O   1 
ATOM   580  C CB  . ARG A 1 74  ? -2.924  9.491   9.078   1.00 39.20 ? 178  ARG A CB  1 
ATOM   581  C CG  . ARG A 1 74  ? -2.594  10.748  9.924   1.00 48.14 ? 178  ARG A CG  1 
ATOM   582  C CD  . ARG A 1 74  ? -3.788  11.393  10.652  1.00 55.72 ? 178  ARG A CD  1 
ATOM   583  N NE  . ARG A 1 74  ? -3.490  12.751  11.167  1.00 64.20 ? 178  ARG A NE  1 
ATOM   584  C CZ  . ARG A 1 74  ? -4.398  13.696  11.480  1.00 65.46 ? 178  ARG A CZ  1 
ATOM   585  N NH1 . ARG A 1 74  ? -5.701  13.482  11.347  1.00 58.54 ? 178  ARG A NH1 1 
ATOM   586  N NH2 . ARG A 1 74  ? -3.998  14.885  11.926  1.00 66.87 ? 178  ARG A NH2 1 
ATOM   587  N N   . TRP A 1 75  ? -1.621  6.435   8.517   1.00 27.95 ? 179  TRP A N   1 
ATOM   588  C CA  . TRP A 1 75  ? -1.941  5.049   8.169   1.00 28.02 ? 179  TRP A CA  1 
ATOM   589  C C   . TRP A 1 75  ? -3.354  4.798   8.560   1.00 28.15 ? 179  TRP A C   1 
ATOM   590  O O   . TRP A 1 75  ? -3.782  5.253   9.624   1.00 28.11 ? 179  TRP A O   1 
ATOM   591  C CB  . TRP A 1 75  ? -1.043  4.088   8.941   1.00 25.16 ? 179  TRP A CB  1 
ATOM   592  C CG  . TRP A 1 75  ? 0.394   4.146   8.496   1.00 25.24 ? 179  TRP A CG  1 
ATOM   593  C CD1 . TRP A 1 75  ? 1.486   4.637   9.208   1.00 25.34 ? 179  TRP A CD1 1 
ATOM   594  C CD2 . TRP A 1 75  ? 0.942   3.694   7.215   1.00 23.54 ? 179  TRP A CD2 1 
ATOM   595  N NE1 . TRP A 1 75  ? 2.635   4.515   8.477   1.00 25.20 ? 179  TRP A NE1 1 
ATOM   596  C CE2 . TRP A 1 75  ? 2.379   3.960   7.269   1.00 24.54 ? 179  TRP A CE2 1 
ATOM   597  C CE3 . TRP A 1 75  ? 0.403   3.108   6.070   1.00 23.21 ? 179  TRP A CE3 1 
ATOM   598  C CZ2 . TRP A 1 75  ? 3.230   3.645   6.211   1.00 24.20 ? 179  TRP A CZ2 1 
ATOM   599  C CZ3 . TRP A 1 75  ? 1.265   2.788   5.014   1.00 23.05 ? 179  TRP A CZ3 1 
ATOM   600  C CH2 . TRP A 1 75  ? 2.645   3.050   5.080   1.00 23.73 ? 179  TRP A CH2 1 
ATOM   601  N N   . ILE A 1 76  ? -4.089  4.044   7.748   1.00 27.97 ? 180  ILE A N   1 
ATOM   602  C CA  . ILE A 1 76  ? -5.527  3.900   7.993   1.00 30.07 ? 180  ILE A CA  1 
ATOM   603  C C   . ILE A 1 76  ? -5.930  3.124   9.243   1.00 30.88 ? 180  ILE A C   1 
ATOM   604  O O   . ILE A 1 76  ? -7.084  3.180   9.617   1.00 29.27 ? 180  ILE A O   1 
ATOM   605  C CB  . ILE A 1 76  ? -6.304  3.348   6.788   1.00 30.59 ? 180  ILE A CB  1 
ATOM   606  C CG1 . ILE A 1 76  ? -5.735  1.988   6.344   1.00 31.65 ? 180  ILE A CG1 1 
ATOM   607  C CG2 . ILE A 1 76  ? -6.351  4.394   5.684   1.00 31.68 ? 180  ILE A CG2 1 
ATOM   608  C CD1 . ILE A 1 76  ? -6.468  1.405   5.151   1.00 33.14 ? 180  ILE A CD1 1 
ATOM   609  N N   . ASP A 1 77  ? -4.997  2.400   9.859   1.00 31.18 ? 181  ASP A N   1 
ATOM   610  C CA  . ASP A 1 77  ? -5.268  1.695   11.106  1.00 35.33 ? 181  ASP A CA  1 
ATOM   611  C C   . ASP A 1 77  ? -4.729  2.462   12.309  1.00 37.66 ? 181  ASP A C   1 
ATOM   612  O O   . ASP A 1 77  ? -4.600  1.901   13.395  1.00 41.19 ? 181  ASP A O   1 
ATOM   613  C CB  . ASP A 1 77  ? -4.682  0.267   11.063  1.00 36.64 ? 181  ASP A CB  1 
ATOM   614  C CG  . ASP A 1 77  ? -3.140  0.238   11.089  1.00 37.68 ? 181  ASP A CG  1 
ATOM   615  O OD1 . ASP A 1 77  ? -2.475  1.299   11.045  1.00 38.32 ? 181  ASP A OD1 1 
ATOM   616  O OD2 . ASP A 1 77  ? -2.579  -0.877  11.167  1.00 40.52 ? 181  ASP A OD2 1 
ATOM   617  N N   . GLN A 1 78  ? -4.374  3.729   12.088  1.00 39.67 ? 182  GLN A N   1 
ATOM   618  C CA  . GLN A 1 78  ? -3.948  4.670   13.139  1.00 42.09 ? 182  GLN A CA  1 
ATOM   619  C C   . GLN A 1 78  ? -2.586  4.406   13.792  1.00 43.76 ? 182  GLN A C   1 
ATOM   620  O O   . GLN A 1 78  ? -2.268  5.034   14.802  1.00 45.43 ? 182  GLN A O   1 
ATOM   621  C CB  . GLN A 1 78  ? -5.021  4.820   14.235  1.00 48.44 ? 182  GLN A CB  1 
ATOM   622  C CG  . GLN A 1 78  ? -6.419  5.138   13.737  1.00 52.54 ? 182  GLN A CG  1 
ATOM   623  C CD  . GLN A 1 78  ? -7.242  5.859   14.791  1.00 61.92 ? 182  GLN A CD  1 
ATOM   624  O OE1 . GLN A 1 78  ? -7.734  5.246   15.746  1.00 66.31 ? 182  GLN A OE1 1 
ATOM   625  N NE2 . GLN A 1 78  ? -7.391  7.175   14.628  1.00 62.37 ? 182  GLN A NE2 1 
ATOM   626  N N   . THR A 1 79  ? -1.773  3.506   13.239  1.00 41.68 ? 183  THR A N   1 
ATOM   627  C CA  . THR A 1 79  ? -0.423  3.320   13.768  0.75 40.23 ? 183  THR A CA  1 
ATOM   628  C C   . THR A 1 79  ? 0.490   4.461   13.289  1.00 38.54 ? 183  THR A C   1 
ATOM   629  O O   . THR A 1 79  ? 0.268   5.006   12.216  1.00 38.02 ? 183  THR A O   1 
ATOM   630  C CB  . THR A 1 79  ? 0.163   1.942   13.401  1.00 44.32 ? 183  THR A CB  1 
ATOM   631  O OG1 . THR A 1 79  ? 0.118   1.755   11.986  1.00 41.89 ? 183  THR A OG1 1 
ATOM   632  C CG2 . THR A 1 79  ? -0.624  0.808   14.078  1.00 47.20 ? 183  THR A CG2 1 
ATOM   633  N N   . PRO A 1 80  ? 1.513   4.830   14.089  1.00 36.13 ? 184  PRO A N   1 
ATOM   634  C CA  . PRO A 1 80  ? 2.362   5.990   13.814  1.00 36.00 ? 184  PRO A CA  1 
ATOM   635  C C   . PRO A 1 80  ? 3.044   6.007   12.445  1.00 36.99 ? 184  PRO A C   1 
ATOM   636  O O   . PRO A 1 80  ? 3.528   4.979   11.967  1.00 35.41 ? 184  PRO A O   1 
ATOM   637  C CB  . PRO A 1 80  ? 3.433   5.911   14.917  1.00 35.39 ? 184  PRO A CB  1 
ATOM   638  C CG  . PRO A 1 80  ? 2.743   5.216   16.035  1.00 36.59 ? 184  PRO A CG  1 
ATOM   639  C CD  . PRO A 1 80  ? 1.882   4.183   15.366  1.00 36.94 ? 184  PRO A CD  1 
ATOM   640  N N   . TYR A 1 81  ? 3.092   7.186   11.839  1.00 36.09 ? 185  TYR A N   1 
ATOM   641  C CA  . TYR A 1 81  ? 3.827   7.392   10.611  1.00 37.39 ? 185  TYR A CA  1 
ATOM   642  C C   . TYR A 1 81  ? 5.171   7.973   10.981  1.00 40.83 ? 185  TYR A C   1 
ATOM   643  O O   . TYR A 1 81  ? 5.226   8.925   11.759  1.00 42.89 ? 185  TYR A O   1 
ATOM   644  C CB  . TYR A 1 81  ? 3.071   8.366   9.710   1.00 36.27 ? 185  TYR A CB  1 
ATOM   645  C CG  . TYR A 1 81  ? 3.842   8.794   8.468   1.00 34.36 ? 185  TYR A CG  1 
ATOM   646  C CD1 . TYR A 1 81  ? 3.802   8.024   7.313   1.00 31.86 ? 185  TYR A CD1 1 
ATOM   647  C CD2 . TYR A 1 81  ? 4.603   9.966   8.458   1.00 32.50 ? 185  TYR A CD2 1 
ATOM   648  C CE1 . TYR A 1 81  ? 4.495   8.394   6.178   1.00 32.22 ? 185  TYR A CE1 1 
ATOM   649  C CE2 . TYR A 1 81  ? 5.303   10.349  7.325   1.00 32.26 ? 185  TYR A CE2 1 
ATOM   650  C CZ  . TYR A 1 81  ? 5.240   9.553   6.187   1.00 32.83 ? 185  TYR A CZ  1 
ATOM   651  O OH  . TYR A 1 81  ? 5.921   9.900   5.059   1.00 35.20 ? 185  TYR A OH  1 
ATOM   652  N N   . ASN A 1 82  ? 6.250   7.410   10.438  1.00 42.11 ? 186  ASN A N   1 
ATOM   653  C CA  . ASN A 1 82  ? 7.609   7.932   10.671  1.00 46.66 ? 186  ASN A CA  1 
ATOM   654  C C   . ASN A 1 82  ? 8.365   8.056   9.366   1.00 49.10 ? 186  ASN A C   1 
ATOM   655  O O   . ASN A 1 82  ? 8.624   7.039   8.718   1.00 48.79 ? 186  ASN A O   1 
ATOM   656  C CB  . ASN A 1 82  ? 8.412   6.998   11.587  1.00 51.54 ? 186  ASN A CB  1 
ATOM   657  C CG  . ASN A 1 82  ? 7.608   6.485   12.760  1.00 53.46 ? 186  ASN A CG  1 
ATOM   658  O OD1 . ASN A 1 82  ? 7.376   7.202   13.737  1.00 53.72 ? 186  ASN A OD1 1 
ATOM   659  N ND2 . ASN A 1 82  ? 7.189   5.228   12.676  1.00 56.64 ? 186  ASN A ND2 1 
ATOM   660  N N   . LYS A 1 83  ? 8.735   9.282   8.979   1.00 50.93 ? 187  LYS A N   1 
ATOM   661  C CA  . LYS A 1 83  ? 9.448   9.498   7.710   1.00 52.87 ? 187  LYS A CA  1 
ATOM   662  C C   . LYS A 1 83  ? 10.646  8.550   7.559   1.00 51.93 ? 187  LYS A C   1 
ATOM   663  O O   . LYS A 1 83  ? 10.868  7.976   6.484   1.00 52.76 ? 187  LYS A O   1 
ATOM   664  C CB  . LYS A 1 83  ? 9.884   10.959  7.520   1.00 50.37 ? 187  LYS A CB  1 
ATOM   665  C CG  . LYS A 1 83  ? 10.277  11.267  6.079   1.00 50.39 ? 187  LYS A CG  1 
ATOM   666  C CD  . LYS A 1 83  ? 10.886  12.651  5.911   1.00 51.19 ? 187  LYS A CD  1 
ATOM   667  C CE  . LYS A 1 83  ? 11.608  12.758  4.579   1.00 50.89 ? 187  LYS A CE  1 
ATOM   668  N NZ  . LYS A 1 83  ? 12.191  14.109  4.364   1.00 56.55 ? 187  LYS A NZ  1 
ATOM   669  N N   . SER A 1 84  ? 11.382  8.380   8.653   1.00 50.98 ? 188  SER A N   1 
ATOM   670  C CA  . SER A 1 84  ? 12.504  7.446   8.741   1.00 51.52 ? 188  SER A CA  1 
ATOM   671  C C   . SER A 1 84  ? 12.189  6.008   8.270   1.00 50.45 ? 188  SER A C   1 
ATOM   672  O O   . SER A 1 84  ? 13.080  5.310   7.782   1.00 47.57 ? 188  SER A O   1 
ATOM   673  C CB  . SER A 1 84  ? 13.061  7.460   10.171  1.00 52.25 ? 188  SER A CB  1 
ATOM   674  O OG  . SER A 1 84  ? 13.291  6.153   10.662  1.00 55.08 ? 188  SER A OG  1 
ATOM   675  N N   . ALA A 1 85  ? 10.932  5.580   8.409   1.00 44.82 ? 189  ALA A N   1 
ATOM   676  C CA  . ALA A 1 85  ? 10.516  4.228   8.040   0.50 40.72 ? 189  ALA A CA  1 
ATOM   677  C C   . ALA A 1 85  ? 9.872   4.134   6.655   1.00 40.04 ? 189  ALA A C   1 
ATOM   678  O O   . ALA A 1 85  ? 9.244   3.112   6.347   1.00 42.43 ? 189  ALA A O   1 
ATOM   679  C CB  . ALA A 1 85  ? 9.559   3.673   9.091   1.00 40.58 ? 189  ALA A CB  1 
ATOM   680  N N   . THR A 1 86  ? 10.012  5.171   5.822   1.00 36.88 ? 190  THR A N   1 
ATOM   681  C CA  . THR A 1 86  ? 9.272   5.237   4.543   1.00 33.66 ? 190  THR A CA  1 
ATOM   682  C C   . THR A 1 86  ? 10.108  4.961   3.282   1.00 32.79 ? 190  THR A C   1 
ATOM   683  O O   . THR A 1 86  ? 11.321  4.899   3.357   1.00 32.45 ? 190  THR A O   1 
ATOM   684  C CB  . THR A 1 86  ? 8.497   6.556   4.395   1.00 32.76 ? 190  THR A CB  1 
ATOM   685  O OG1 . THR A 1 86  ? 9.417   7.642   4.287   1.00 34.55 ? 190  THR A OG1 1 
ATOM   686  C CG2 . THR A 1 86  ? 7.573   6.763   5.610   1.00 32.02 ? 190  THR A CG2 1 
ATOM   687  N N   . PHE A 1 87  ? 9.434   4.783   2.141   1.00 31.43 ? 191  PHE A N   1 
ATOM   688  C CA  . PHE A 1 87  ? 10.062  4.304   0.899   1.00 30.18 ? 191  PHE A CA  1 
ATOM   689  C C   . PHE A 1 87  ? 9.642   5.123   -0.320  1.00 30.35 ? 191  PHE A C   1 
ATOM   690  O O   . PHE A 1 87  ? 9.519   4.617   -1.445  1.00 31.31 ? 191  PHE A O   1 
ATOM   691  C CB  . PHE A 1 87  ? 9.802   2.789   0.714   1.00 29.55 ? 191  PHE A CB  1 
ATOM   692  C CG  . PHE A 1 87  ? 10.323  1.964   1.855   1.00 28.38 ? 191  PHE A CG  1 
ATOM   693  C CD1 . PHE A 1 87  ? 11.678  1.661   1.946   1.00 29.01 ? 191  PHE A CD1 1 
ATOM   694  C CD2 . PHE A 1 87  ? 9.478   1.550   2.876   1.00 28.56 ? 191  PHE A CD2 1 
ATOM   695  C CE1 . PHE A 1 87  ? 12.169  0.945   3.023   1.00 28.18 ? 191  PHE A CE1 1 
ATOM   696  C CE2 . PHE A 1 87  ? 9.966   0.841   3.962   1.00 27.52 ? 191  PHE A CE2 1 
ATOM   697  C CZ  . PHE A 1 87  ? 11.315  0.546   4.040   1.00 29.56 ? 191  PHE A CZ  1 
ATOM   698  N N   . TRP A 1 88  ? 9.438   6.408   -0.078  1.00 29.88 ? 192  TRP A N   1 
ATOM   699  C CA  . TRP A 1 88  ? 9.138   7.365   -1.126  1.00 30.81 ? 192  TRP A CA  1 
ATOM   700  C C   . TRP A 1 88  ? 10.165  7.372   -2.228  1.00 32.19 ? 192  TRP A C   1 
ATOM   701  O O   . TRP A 1 88  ? 11.352  7.524   -1.953  1.00 35.14 ? 192  TRP A O   1 
ATOM   702  C CB  . TRP A 1 88  ? 9.059   8.761   -0.505  1.00 29.99 ? 192  TRP A CB  1 
ATOM   703  C CG  . TRP A 1 88  ? 7.914   8.967   0.474   1.00 29.65 ? 192  TRP A CG  1 
ATOM   704  C CD1 . TRP A 1 88  ? 7.996   9.189   1.853   1.00 30.13 ? 192  TRP A CD1 1 
ATOM   705  C CD2 . TRP A 1 88  ? 6.477   9.015   0.161   1.00 28.03 ? 192  TRP A CD2 1 
ATOM   706  N NE1 . TRP A 1 88  ? 6.736   9.364   2.399   1.00 30.37 ? 192  TRP A NE1 1 
ATOM   707  C CE2 . TRP A 1 88  ? 5.784   9.262   1.433   1.00 28.70 ? 192  TRP A CE2 1 
ATOM   708  C CE3 . TRP A 1 88  ? 5.726   8.894   -1.007  1.00 28.76 ? 192  TRP A CE3 1 
ATOM   709  C CZ2 . TRP A 1 88  ? 4.401   9.381   1.505   1.00 28.00 ? 192  TRP A CZ2 1 
ATOM   710  C CZ3 . TRP A 1 88  ? 4.331   8.997   -0.917  1.00 28.49 ? 192  TRP A CZ3 1 
ATOM   711  C CH2 . TRP A 1 88  ? 3.689   9.244   0.309   1.00 29.04 ? 192  TRP A CH2 1 
ATOM   712  N N   . HIS A 1 89  ? 9.734   7.243   -3.485  1.00 34.61 ? 193  HIS A N   1 
ATOM   713  C CA  . HIS A 1 89  ? 10.627  7.537   -4.617  1.00 38.60 ? 193  HIS A CA  1 
ATOM   714  C C   . HIS A 1 89  ? 11.152  8.947   -4.462  1.00 42.78 ? 193  HIS A C   1 
ATOM   715  O O   . HIS A 1 89  ? 10.542  9.762   -3.763  1.00 43.68 ? 193  HIS A O   1 
ATOM   716  C CB  . HIS A 1 89  ? 9.927   7.366   -5.964  1.00 35.24 ? 193  HIS A CB  1 
ATOM   717  C CG  . HIS A 1 89  ? 9.703   5.916   -6.367  1.00 35.92 ? 193  HIS A CG  1 
ATOM   718  N ND1 . HIS A 1 89  ? 10.709  5.014   -6.441  1.00 35.41 ? 193  HIS A ND1 1 
ATOM   719  C CD2 . HIS A 1 89  ? 8.542   5.236   -6.730  1.00 34.70 ? 193  HIS A CD2 1 
ATOM   720  C CE1 . HIS A 1 89  ? 10.218  3.824   -6.823  1.00 33.39 ? 193  HIS A CE1 1 
ATOM   721  N NE2 . HIS A 1 89  ? 8.892   3.956   -6.993  1.00 34.83 ? 193  HIS A NE2 1 
ATOM   722  N N   . LYS A 1 90  ? 12.295  9.249   -5.076  1.00 46.75 ? 194  LYS A N   1 
ATOM   723  C CA  . LYS A 1 90  ? 12.918  10.565  -4.930  1.00 49.43 ? 194  LYS A CA  1 
ATOM   724  C C   . LYS A 1 90  ? 12.001  11.652  -5.473  1.00 48.35 ? 194  LYS A C   1 
ATOM   725  O O   . LYS A 1 90  ? 11.414  11.509  -6.556  1.00 46.05 ? 194  LYS A O   1 
ATOM   726  C CB  . LYS A 1 90  ? 14.280  10.605  -5.625  1.00 57.52 ? 194  LYS A CB  1 
ATOM   727  C CG  . LYS A 1 90  ? 15.385  9.917   -4.831  1.00 63.58 ? 194  LYS A CG  1 
ATOM   728  C CD  . LYS A 1 90  ? 16.667  9.764   -5.640  1.00 66.02 ? 194  LYS A CD  1 
ATOM   729  C CE  . LYS A 1 90  ? 17.774  9.171   -4.782  1.00 66.38 ? 194  LYS A CE  1 
ATOM   730  N NZ  . LYS A 1 90  ? 18.951  8.780   -5.601  1.00 66.46 ? 194  LYS A NZ  1 
ATOM   731  N N   . GLY A 1 91  ? 11.858  12.727  -4.701  1.00 46.69 ? 195  GLY A N   1 
ATOM   732  C CA  . GLY A 1 91  ? 10.954  13.820  -5.074  1.00 46.12 ? 195  GLY A CA  1 
ATOM   733  C C   . GLY A 1 91  ? 9.520   13.602  -4.617  1.00 45.54 ? 195  GLY A C   1 
ATOM   734  O O   . GLY A 1 91  ? 8.721   14.540  -4.601  1.00 47.41 ? 195  GLY A O   1 
ATOM   735  N N   . GLU A 1 92  ? 9.191   12.366  -4.243  1.00 43.30 ? 196  GLU A N   1 
ATOM   736  C CA  . GLU A 1 92  ? 7.877   12.052  -3.680  1.00 41.48 ? 196  GLU A CA  1 
ATOM   737  C C   . GLU A 1 92  ? 7.877   12.353  -2.182  1.00 39.00 ? 196  GLU A C   1 
ATOM   738  O O   . GLU A 1 92  ? 8.891   12.146  -1.519  1.00 38.36 ? 196  GLU A O   1 
ATOM   739  C CB  . GLU A 1 92  ? 7.538   10.579  -3.932  1.00 40.89 ? 196  GLU A CB  1 
ATOM   740  C CG  . GLU A 1 92  ? 7.491   10.233  -5.408  1.00 41.70 ? 196  GLU A CG  1 
ATOM   741  C CD  . GLU A 1 92  ? 6.411   11.016  -6.124  1.00 44.02 ? 196  GLU A CD  1 
ATOM   742  O OE1 . GLU A 1 92  ? 5.229   10.772  -5.846  1.00 42.18 ? 196  GLU A OE1 1 
ATOM   743  O OE2 . GLU A 1 92  ? 6.741   11.888  -6.948  1.00 46.97 ? 196  GLU A OE2 1 
ATOM   744  N N   . PRO A 1 93  ? 6.750   12.848  -1.633  1.00 38.74 ? 197  PRO A N   1 
ATOM   745  C CA  . PRO A 1 93  ? 5.501   13.256  -2.267  1.00 39.70 ? 197  PRO A CA  1 
ATOM   746  C C   . PRO A 1 93  ? 5.402   14.781  -2.397  1.00 41.60 ? 197  PRO A C   1 
ATOM   747  O O   . PRO A 1 93  ? 4.360   15.365  -2.063  1.00 41.39 ? 197  PRO A O   1 
ATOM   748  C CB  . PRO A 1 93  ? 4.462   12.767  -1.266  1.00 36.59 ? 197  PRO A CB  1 
ATOM   749  C CG  . PRO A 1 93  ? 5.135   12.989  0.066   1.00 37.33 ? 197  PRO A CG  1 
ATOM   750  C CD  . PRO A 1 93  ? 6.627   12.895  -0.161  1.00 37.37 ? 197  PRO A CD  1 
ATOM   751  N N   . ASN A 1 94  ? 6.468   15.405  -2.902  1.00 46.29 ? 198  ASN A N   1 
ATOM   752  C CA  . ASN A 1 94  ? 6.621   16.871  -2.878  1.00 46.92 ? 198  ASN A CA  1 
ATOM   753  C C   . ASN A 1 94  ? 6.246   17.607  -4.169  1.00 47.45 ? 198  ASN A C   1 
ATOM   754  O O   . ASN A 1 94  ? 6.256   18.838  -4.207  1.00 52.10 ? 198  ASN A O   1 
ATOM   755  C CB  . ASN A 1 94  ? 8.045   17.238  -2.458  1.00 45.94 ? 198  ASN A CB  1 
ATOM   756  C CG  . ASN A 1 94  ? 8.425   16.650  -1.110  1.00 47.94 ? 198  ASN A CG  1 
ATOM   757  O OD1 . ASN A 1 94  ? 7.662   16.728  -0.150  1.00 51.14 ? 198  ASN A OD1 1 
ATOM   758  N ND2 . ASN A 1 94  ? 9.620   16.073  -1.030  1.00 49.08 ? 198  ASN A ND2 1 
ATOM   759  N N   . GLN A 1 95  ? 5.898   16.859  -5.212  1.00 48.59 ? 199  GLN A N   1 
ATOM   760  C CA  . GLN A 1 95  ? 5.579   17.444  -6.520  1.00 47.01 ? 199  GLN A CA  1 
ATOM   761  C C   . GLN A 1 95  ? 4.176   18.048  -6.612  1.00 47.39 ? 199  GLN A C   1 
ATOM   762  O O   . GLN A 1 95  ? 3.938   18.934  -7.434  1.00 49.05 ? 199  GLN A O   1 
ATOM   763  C CB  . GLN A 1 95  ? 5.763   16.415  -7.641  1.00 46.55 ? 199  GLN A CB  1 
ATOM   764  C CG  . GLN A 1 95  ? 7.117   15.721  -7.633  1.00 51.23 ? 199  GLN A CG  1 
ATOM   765  C CD  . GLN A 1 95  ? 8.263   16.704  -7.485  1.00 54.59 ? 199  GLN A CD  1 
ATOM   766  O OE1 . GLN A 1 95  ? 8.463   17.572  -8.337  1.00 56.67 ? 199  GLN A OE1 1 
ATOM   767  N NE2 . GLN A 1 95  ? 9.017   16.582  -6.389  1.00 54.65 ? 199  GLN A NE2 1 
ATOM   768  N N   . ASP A 1 96  ? 3.248   17.565  -5.787  1.00 41.81 ? 200  ASP A N   1 
ATOM   769  C CA  . ASP A 1 96  ? 1.838   17.946  -5.902  1.00 40.01 ? 200  ASP A CA  1 
ATOM   770  C C   . ASP A 1 96  ? 1.133   17.674  -4.564  1.00 36.96 ? 200  ASP A C   1 
ATOM   771  O O   . ASP A 1 96  ? 1.785   17.365  -3.581  1.00 34.46 ? 200  ASP A O   1 
ATOM   772  C CB  . ASP A 1 96  ? 1.170   17.179  -7.056  1.00 40.80 ? 200  ASP A CB  1 
ATOM   773  C CG  . ASP A 1 96  ? 1.181   15.656  -6.837  1.00 42.84 ? 200  ASP A CG  1 
ATOM   774  O OD1 . ASP A 1 96  ? 1.261   15.217  -5.674  1.00 40.64 ? 200  ASP A OD1 1 
ATOM   775  O OD2 . ASP A 1 96  ? 1.108   14.892  -7.820  1.00 43.41 ? 200  ASP A OD2 1 
ATOM   776  N N   . TRP A 1 97  ? -0.188  17.778  -4.523  1.00 37.24 ? 201  TRP A N   1 
ATOM   777  C CA  . TRP A 1 97  ? -0.892  17.614  -3.247  1.00 36.24 ? 201  TRP A CA  1 
ATOM   778  C C   . TRP A 1 97  ? -1.757  16.386  -3.189  1.00 33.61 ? 201  TRP A C   1 
ATOM   779  O O   . TRP A 1 97  ? -2.610  16.261  -2.300  1.00 31.65 ? 201  TRP A O   1 
ATOM   780  C CB  . TRP A 1 97  ? -1.729  18.857  -2.943  1.00 38.72 ? 201  TRP A CB  1 
ATOM   781  C CG  . TRP A 1 97  ? -0.904  20.106  -2.708  1.00 41.84 ? 201  TRP A CG  1 
ATOM   782  C CD1 . TRP A 1 97  ? -0.684  21.159  -3.595  1.00 41.31 ? 201  TRP A CD1 1 
ATOM   783  C CD2 . TRP A 1 97  ? -0.169  20.477  -1.481  1.00 41.00 ? 201  TRP A CD2 1 
ATOM   784  N NE1 . TRP A 1 97  ? 0.115   22.126  -3.023  1.00 45.33 ? 201  TRP A NE1 1 
ATOM   785  C CE2 . TRP A 1 97  ? 0.458   21.782  -1.757  1.00 44.84 ? 201  TRP A CE2 1 
ATOM   786  C CE3 . TRP A 1 97  ? 0.025   19.885  -0.234  1.00 41.54 ? 201  TRP A CE3 1 
ATOM   787  C CZ2 . TRP A 1 97  ? 1.240   22.442  -0.808  1.00 44.71 ? 201  TRP A CZ2 1 
ATOM   788  C CZ3 . TRP A 1 97  ? 0.823   20.553  0.711   1.00 40.90 ? 201  TRP A CZ3 1 
ATOM   789  C CH2 . TRP A 1 97  ? 1.412   21.804  0.430   1.00 42.71 ? 201  TRP A CH2 1 
ATOM   790  N N   . GLU A 1 98  ? -1.570  15.462  -4.131  1.00 30.72 ? 202  GLU A N   1 
ATOM   791  C CA  . GLU A 1 98  ? -2.444  14.279  -4.178  1.00 30.09 ? 202  GLU A CA  1 
ATOM   792  C C   . GLU A 1 98  ? -2.346  13.478  -2.887  1.00 25.68 ? 202  GLU A C   1 
ATOM   793  O O   . GLU A 1 98  ? -1.294  13.431  -2.260  1.00 26.10 ? 202  GLU A O   1 
ATOM   794  C CB  . GLU A 1 98  ? -2.184  13.427  -5.428  1.00 31.47 ? 202  GLU A CB  1 
ATOM   795  C CG  . GLU A 1 98  ? -2.365  14.181  -6.746  1.00 34.02 ? 202  GLU A CG  1 
ATOM   796  C CD  . GLU A 1 98  ? -3.793  14.678  -7.002  1.00 37.41 ? 202  GLU A CD  1 
ATOM   797  O OE1 . GLU A 1 98  ? -4.767  14.154  -6.404  1.00 39.72 ? 202  GLU A OE1 1 
ATOM   798  O OE2 . GLU A 1 98  ? -3.953  15.600  -7.836  1.00 39.24 ? 202  GLU A OE2 1 
ATOM   799  N N   . ARG A 1 99  ? -3.449  12.862  -2.491  1.00 25.88 ? 203  ARG A N   1 
ATOM   800  C CA  . ARG A 1 99  ? -3.591  12.346  -1.118  1.00 25.52 ? 203  ARG A CA  1 
ATOM   801  C C   . ARG A 1 99  ? -3.335  10.852  -0.907  1.00 26.00 ? 203  ARG A C   1 
ATOM   802  O O   . ARG A 1 99  ? -3.112  10.431  0.228   1.00 25.27 ? 203  ARG A O   1 
ATOM   803  C CB  . ARG A 1 99  ? -4.973  12.733  -0.561  1.00 26.90 ? 203  ARG A CB  1 
ATOM   804  C CG  . ARG A 1 99  ? -5.166  14.261  -0.520  1.00 28.55 ? 203  ARG A CG  1 
ATOM   805  C CD  . ARG A 1 99  ? -6.418  14.732  0.227   1.00 26.83 ? 203  ARG A CD  1 
ATOM   806  N NE  . ARG A 1 99  ? -6.330  16.187  0.444   1.00 27.33 ? 203  ARG A NE  1 
ATOM   807  C CZ  . ARG A 1 99  ? -5.699  16.762  1.474   1.00 27.42 ? 203  ARG A CZ  1 
ATOM   808  N NH1 . ARG A 1 99  ? -5.137  16.033  2.435   1.00 27.25 ? 203  ARG A NH1 1 
ATOM   809  N NH2 . ARG A 1 99  ? -5.667  18.082  1.578   1.00 28.59 ? 203  ARG A NH2 1 
ATOM   810  N N   . CYS A 1 100 ? -3.389  10.066  -1.990  1.00 28.15 ? 204  CYS A N   1 
ATOM   811  C CA  . CYS A 1 100 ? -3.219  8.590   -1.947  1.00 27.67 ? 204  CYS A CA  1 
ATOM   812  C C   . CYS A 1 100 ? -1.834  8.134   -2.441  1.00 27.38 ? 204  CYS A C   1 
ATOM   813  O O   . CYS A 1 100 ? -1.063  8.935   -2.949  1.00 27.60 ? 204  CYS A O   1 
ATOM   814  C CB  . CYS A 1 100 ? -4.329  7.895   -2.749  1.00 27.78 ? 204  CYS A CB  1 
ATOM   815  S SG  . CYS A 1 100 ? -5.914  7.839   -1.871  1.00 29.01 ? 204  CYS A SG  1 
ATOM   816  N N   . VAL A 1 101 ? -1.530  6.848   -2.277  1.00 25.75 ? 205  VAL A N   1 
ATOM   817  C CA  . VAL A 1 101 ? -0.145  6.354   -2.327  1.00 25.24 ? 205  VAL A CA  1 
ATOM   818  C C   . VAL A 1 101 ? -0.126  4.959   -2.900  1.00 24.27 ? 205  VAL A C   1 
ATOM   819  O O   . VAL A 1 101 ? -0.874  4.095   -2.449  1.00 25.15 ? 205  VAL A O   1 
ATOM   820  C CB  . VAL A 1 101 ? 0.492   6.284   -0.921  1.00 24.71 ? 205  VAL A CB  1 
ATOM   821  C CG1 . VAL A 1 101 ? 1.949   5.822   -0.983  1.00 23.91 ? 205  VAL A CG1 1 
ATOM   822  C CG2 . VAL A 1 101 ? 0.397   7.626   -0.224  1.00 26.37 ? 205  VAL A CG2 1 
ATOM   823  N N   . ILE A 1 102 ? 0.720   4.762   -3.901  1.00 26.17 ? 206  ILE A N   1 
ATOM   824  C CA  . ILE A 1 102 ? 0.960   3.440   -4.508  1.00 26.87 ? 206  ILE A CA  1 
ATOM   825  C C   . ILE A 1 102 ? 2.425   3.021   -4.335  1.00 27.23 ? 206  ILE A C   1 
ATOM   826  O O   . ILE A 1 102 ? 3.341   3.861   -4.335  1.00 25.58 ? 206  ILE A O   1 
ATOM   827  C CB  . ILE A 1 102 ? 0.575   3.390   -6.013  1.00 26.65 ? 206  ILE A CB  1 
ATOM   828  C CG1 . ILE A 1 102 ? 1.220   4.568   -6.790  1.00 26.29 ? 206  ILE A CG1 1 
ATOM   829  C CG2 . ILE A 1 102 ? -0.944  3.353   -6.179  1.00 24.71 ? 206  ILE A CG2 1 
ATOM   830  C CD1 . ILE A 1 102 ? 1.271   4.367   -8.296  1.00 27.99 ? 206  ILE A CD1 1 
ATOM   831  N N   . ILE A 1 103 ? 2.628   1.720   -4.143  1.00 29.71 ? 207  ILE A N   1 
ATOM   832  C CA  . ILE A 1 103 ? 3.933   1.098   -4.346  1.00 31.09 ? 207  ILE A CA  1 
ATOM   833  C C   . ILE A 1 103 ? 4.079   0.830   -5.845  1.00 30.17 ? 207  ILE A C   1 
ATOM   834  O O   . ILE A 1 103 ? 3.199   0.227   -6.475  1.00 29.60 ? 207  ILE A O   1 
ATOM   835  C CB  . ILE A 1 103 ? 4.074   -0.265  -3.637  1.00 34.13 ? 207  ILE A CB  1 
ATOM   836  C CG1 . ILE A 1 103 ? 3.633   -0.184  -2.184  1.00 37.39 ? 207  ILE A CG1 1 
ATOM   837  C CG2 . ILE A 1 103 ? 5.537   -0.729  -3.669  1.00 33.62 ? 207  ILE A CG2 1 
ATOM   838  C CD1 . ILE A 1 103 ? 3.809   -1.499  -1.435  1.00 40.11 ? 207  ILE A CD1 1 
ATOM   839  N N   . ASN A 1 104 ? 5.179   1.292   -6.425  1.00 30.85 ? 208  ASN A N   1 
ATOM   840  C CA  . ASN A 1 104 ? 5.475   0.932   -7.804  1.00 32.59 ? 208  ASN A CA  1 
ATOM   841  C C   . ASN A 1 104 ? 6.966   0.885   -8.105  1.00 32.60 ? 208  ASN A C   1 
ATOM   842  O O   . ASN A 1 104 ? 7.797   1.302   -7.296  1.00 30.23 ? 208  ASN A O   1 
ATOM   843  C CB  . ASN A 1 104 ? 4.727   1.820   -8.806  1.00 34.30 ? 208  ASN A CB  1 
ATOM   844  C CG  . ASN A 1 104 ? 5.196   3.256   -8.791  1.00 36.17 ? 208  ASN A CG  1 
ATOM   845  O OD1 . ASN A 1 104 ? 6.096   3.648   -8.046  1.00 37.66 ? 208  ASN A OD1 1 
ATOM   846  N ND2 . ASN A 1 104 ? 4.558   4.065   -9.619  1.00 40.30 ? 208  ASN A ND2 1 
ATOM   847  N N   . HIS A 1 105 ? 7.286   0.374   -9.283  1.00 34.43 ? 209  HIS A N   1 
ATOM   848  C CA  . HIS A 1 105 ? 8.658   0.076   -9.614  1.00 39.11 ? 209  HIS A CA  1 
ATOM   849  C C   . HIS A 1 105 ? 9.147   0.991   -10.691 1.00 39.17 ? 209  HIS A C   1 
ATOM   850  O O   . HIS A 1 105 ? 8.520   1.120   -11.736 1.00 37.72 ? 209  HIS A O   1 
ATOM   851  C CB  . HIS A 1 105 ? 8.780   -1.390  -10.042 1.00 40.82 ? 209  HIS A CB  1 
ATOM   852  C CG  . HIS A 1 105 ? 10.196  -1.808  -10.356 1.00 43.19 ? 209  HIS A CG  1 
ATOM   853  N ND1 . HIS A 1 105 ? 11.011  -2.376  -9.434  1.00 43.46 ? 209  HIS A ND1 1 
ATOM   854  C CD2 . HIS A 1 105 ? 10.939  -1.697  -11.524 1.00 41.13 ? 209  HIS A CD2 1 
ATOM   855  C CE1 . HIS A 1 105 ? 12.210  -2.616  -9.991  1.00 41.58 ? 209  HIS A CE1 1 
ATOM   856  N NE2 . HIS A 1 105 ? 12.168  -2.195  -11.266 1.00 44.84 ? 209  HIS A NE2 1 
ATOM   857  N N   . LYS A 1 106 ? 10.268  1.650   -10.423 1.00 43.90 ? 210  LYS A N   1 
ATOM   858  C CA  . LYS A 1 106 ? 11.000  2.411   -11.433 1.00 47.44 ? 210  LYS A CA  1 
ATOM   859  C C   . LYS A 1 106 ? 12.264  1.613   -11.787 1.00 50.45 ? 210  LYS A C   1 
ATOM   860  O O   . LYS A 1 106 ? 12.613  0.661   -11.071 1.00 44.92 ? 210  LYS A O   1 
ATOM   861  C CB  . LYS A 1 106 ? 11.374  3.790   -10.887 1.00 50.40 ? 210  LYS A CB  1 
ATOM   862  C CG  . LYS A 1 106 ? 10.190  4.609   -10.392 1.00 54.49 ? 210  LYS A CG  1 
ATOM   863  C CD  . LYS A 1 106 ? 10.601  6.003   -9.933  1.00 58.26 ? 210  LYS A CD  1 
ATOM   864  C CE  . LYS A 1 106 ? 10.704  6.974   -11.100 1.00 60.59 ? 210  LYS A CE  1 
ATOM   865  N NZ  . LYS A 1 106 ? 9.437   7.009   -11.887 1.00 62.86 ? 210  LYS A NZ  1 
ATOM   866  N N   . THR A 1 107 ? 12.954  1.980   -12.874 1.00 51.33 ? 211  THR A N   1 
ATOM   867  C CA  . THR A 1 107 ? 14.176  1.250   -13.264 1.00 51.50 ? 211  THR A CA  1 
ATOM   868  C C   . THR A 1 107 ? 15.137  1.290   -12.086 1.00 49.25 ? 211  THR A C   1 
ATOM   869  O O   . THR A 1 107 ? 15.914  0.368   -11.867 1.00 50.52 ? 211  THR A O   1 
ATOM   870  C CB  . THR A 1 107 ? 14.868  1.848   -14.506 1.00 54.30 ? 211  THR A CB  1 
ATOM   871  O OG1 . THR A 1 107 ? 15.161  3.230   -14.267 1.00 53.54 ? 211  THR A OG1 1 
ATOM   872  C CG2 . THR A 1 107 ? 13.987  1.696   -15.764 1.00 53.66 ? 211  THR A CG2 1 
ATOM   873  N N   . THR A 1 108 ? 15.017  2.354   -11.303 1.00 48.18 ? 212  THR A N   1 
ATOM   874  C CA  . THR A 1 108 ? 15.760  2.530   -10.070 1.00 48.16 ? 212  THR A CA  1 
ATOM   875  C C   . THR A 1 108 ? 15.249  1.690   -8.867  1.00 47.14 ? 212  THR A C   1 
ATOM   876  O O   . THR A 1 108 ? 15.839  1.722   -7.786  1.00 45.60 ? 212  THR A O   1 
ATOM   877  C CB  . THR A 1 108 ? 15.788  4.021   -9.701  1.00 50.60 ? 212  THR A CB  1 
ATOM   878  O OG1 . THR A 1 108 ? 16.379  4.183   -8.410  1.00 56.80 ? 212  THR A OG1 1 
ATOM   879  C CG2 . THR A 1 108 ? 14.387  4.592   -9.682  1.00 52.11 ? 212  THR A CG2 1 
ATOM   880  N N   . GLY A 1 109 ? 14.165  0.943   -9.051  1.00 41.66 ? 213  GLY A N   1 
ATOM   881  C CA  . GLY A 1 109 ? 13.672  0.061   -7.989  1.00 41.32 ? 213  GLY A CA  1 
ATOM   882  C C   . GLY A 1 109 ? 12.270  0.375   -7.483  1.00 39.46 ? 213  GLY A C   1 
ATOM   883  O O   . GLY A 1 109 ? 11.544  1.210   -8.063  1.00 37.02 ? 213  GLY A O   1 
ATOM   884  N N   . TRP A 1 110 ? 11.890  -0.316  -6.407  1.00 35.71 ? 214  TRP A N   1 
ATOM   885  C CA  . TRP A 1 110 ? 10.574  -0.159  -5.785  1.00 32.93 ? 214  TRP A CA  1 
ATOM   886  C C   . TRP A 1 110 ? 10.504  1.025   -4.862  1.00 31.43 ? 214  TRP A C   1 
ATOM   887  O O   . TRP A 1 110 ? 11.501  1.412   -4.251  1.00 28.83 ? 214  TRP A O   1 
ATOM   888  C CB  . TRP A 1 110 ? 10.227  -1.400  -4.990  1.00 30.65 ? 214  TRP A CB  1 
ATOM   889  C CG  . TRP A 1 110 ? 9.861   -2.585  -5.838  1.00 29.74 ? 214  TRP A CG  1 
ATOM   890  C CD1 . TRP A 1 110 ? 10.652  -3.699  -6.120  1.00 29.17 ? 214  TRP A CD1 1 
ATOM   891  C CD2 . TRP A 1 110 ? 8.587   -2.835  -6.524  1.00 28.40 ? 214  TRP A CD2 1 
ATOM   892  N NE1 . TRP A 1 110 ? 9.972   -4.584  -6.915  1.00 30.82 ? 214  TRP A NE1 1 
ATOM   893  C CE2 . TRP A 1 110 ? 8.729   -4.130  -7.190  1.00 30.19 ? 214  TRP A CE2 1 
ATOM   894  C CE3 . TRP A 1 110 ? 7.393   -2.151  -6.640  1.00 29.63 ? 214  TRP A CE3 1 
ATOM   895  C CZ2 . TRP A 1 110 ? 7.711   -4.679  -7.947  1.00 31.42 ? 214  TRP A CZ2 1 
ATOM   896  C CZ3 . TRP A 1 110 ? 6.367   -2.718  -7.399  1.00 29.75 ? 214  TRP A CZ3 1 
ATOM   897  C CH2 . TRP A 1 110 ? 6.522   -3.954  -8.031  1.00 30.07 ? 214  TRP A CH2 1 
ATOM   898  N N   . GLY A 1 111 ? 9.310   1.598   -4.735  1.00 29.98 ? 215  GLY A N   1 
ATOM   899  C CA  . GLY A 1 111 ? 9.094   2.689   -3.790  1.00 30.54 ? 215  GLY A CA  1 
ATOM   900  C C   . GLY A 1 111 ? 7.661   3.173   -3.874  1.00 31.24 ? 215  GLY A C   1 
ATOM   901  O O   . GLY A 1 111 ? 6.830   2.535   -4.546  1.00 31.88 ? 215  GLY A O   1 
ATOM   902  N N   . TRP A 1 112 ? 7.385   4.313   -3.228  1.00 28.73 ? 216  TRP A N   1 
ATOM   903  C CA  . TRP A 1 112 ? 6.041   4.900   -3.211  1.00 27.95 ? 216  TRP A CA  1 
ATOM   904  C C   . TRP A 1 112 ? 5.938   6.172   -3.993  1.00 29.63 ? 216  TRP A C   1 
ATOM   905  O O   . TRP A 1 112 ? 6.859   6.997   -3.988  1.00 29.33 ? 216  TRP A O   1 
ATOM   906  C CB  . TRP A 1 112 ? 5.611   5.219   -1.784  1.00 26.18 ? 216  TRP A CB  1 
ATOM   907  C CG  . TRP A 1 112 ? 5.802   4.126   -0.750  1.00 24.48 ? 216  TRP A CG  1 
ATOM   908  C CD1 . TRP A 1 112 ? 6.009   2.758   -0.961  1.00 24.33 ? 216  TRP A CD1 1 
ATOM   909  C CD2 . TRP A 1 112 ? 5.759   4.289   0.714   1.00 24.76 ? 216  TRP A CD2 1 
ATOM   910  N NE1 . TRP A 1 112 ? 6.117   2.088   0.241   1.00 23.97 ? 216  TRP A NE1 1 
ATOM   911  C CE2 . TRP A 1 112 ? 5.960   2.956   1.286   1.00 23.78 ? 216  TRP A CE2 1 
ATOM   912  C CE3 . TRP A 1 112 ? 5.574   5.379   1.578   1.00 24.57 ? 216  TRP A CE3 1 
ATOM   913  C CZ2 . TRP A 1 112 ? 5.972   2.743   2.657   1.00 23.51 ? 216  TRP A CZ2 1 
ATOM   914  C CZ3 . TRP A 1 112 ? 5.589   5.148   2.960   1.00 23.77 ? 216  TRP A CZ3 1 
ATOM   915  C CH2 . TRP A 1 112 ? 5.791   3.867   3.484   1.00 24.12 ? 216  TRP A CH2 1 
ATOM   916  N N   . ASN A 1 113 ? 4.772   6.354   -4.612  1.00 30.47 ? 217  ASN A N   1 
ATOM   917  C CA  . ASN A 1 113 ? 4.358   7.581   -5.284  1.00 29.65 ? 217  ASN A CA  1 
ATOM   918  C C   . ASN A 1 113 ? 2.989   8.019   -4.757  1.00 28.65 ? 217  ASN A C   1 
ATOM   919  O O   . ASN A 1 113 ? 2.111   7.188   -4.510  1.00 25.85 ? 217  ASN A O   1 
ATOM   920  C CB  . ASN A 1 113 ? 4.234   7.348   -6.796  1.00 31.13 ? 217  ASN A CB  1 
ATOM   921  C CG  . ASN A 1 113 ? 5.550   7.535   -7.542  1.00 36.97 ? 217  ASN A CG  1 
ATOM   922  O OD1 . ASN A 1 113 ? 6.622   7.642   -6.949  1.00 38.67 ? 217  ASN A OD1 1 
ATOM   923  N ND2 . ASN A 1 113 ? 5.468   7.563   -8.864  1.00 41.25 ? 217  ASN A ND2 1 
ATOM   924  N N   . ASP A 1 114 ? 2.799   9.323   -4.595  1.00 27.90 ? 218  ASP A N   1 
ATOM   925  C CA  . ASP A 1 114 ? 1.474   9.834   -4.238  1.00 28.43 ? 218  ASP A CA  1 
ATOM   926  C C   . ASP A 1 114 ? 0.719   10.039  -5.543  1.00 27.43 ? 218  ASP A C   1 
ATOM   927  O O   . ASP A 1 114 ? 1.313   10.443  -6.532  1.00 28.43 ? 218  ASP A O   1 
ATOM   928  C CB  . ASP A 1 114 ? 1.567   11.109  -3.381  1.00 28.79 ? 218  ASP A CB  1 
ATOM   929  C CG  . ASP A 1 114 ? 2.027   12.316  -4.182  1.00 30.05 ? 218  ASP A CG  1 
ATOM   930  O OD1 . ASP A 1 114 ? 3.243   12.586  -4.240  1.00 29.87 ? 218  ASP A OD1 1 
ATOM   931  O OD2 . ASP A 1 114 ? 1.161   12.948  -4.807  1.00 29.82 ? 218  ASP A OD2 1 
ATOM   932  N N   . ILE A 1 115 ? -0.562  9.685   -5.572  1.00 25.51 ? 219  ILE A N   1 
ATOM   933  C CA  . ILE A 1 115 ? -1.360  9.790   -6.775  1.00 26.74 ? 219  ILE A CA  1 
ATOM   934  C C   . ILE A 1 115 ? -2.805  10.098  -6.388  1.00 29.35 ? 219  ILE A C   1 
ATOM   935  O O   . ILE A 1 115 ? -3.179  9.949   -5.205  1.00 29.33 ? 219  ILE A O   1 
ATOM   936  C CB  . ILE A 1 115 ? -1.383  8.459   -7.580  1.00 27.22 ? 219  ILE A CB  1 
ATOM   937  C CG1 . ILE A 1 115 ? -1.952  7.331   -6.716  1.00 25.76 ? 219  ILE A CG1 1 
ATOM   938  C CG2 . ILE A 1 115 ? -0.004  8.118   -8.148  1.00 27.27 ? 219  ILE A CG2 1 
ATOM   939  C CD1 . ILE A 1 115 ? -2.757  6.334   -7.514  1.00 28.36 ? 219  ILE A CD1 1 
ATOM   940  N N   . PRO A 1 116 ? -3.633  10.479  -7.383  1.00 28.88 ? 220  PRO A N   1 
ATOM   941  C CA  . PRO A 1 116 ? -5.053  10.697  -7.113  1.00 29.71 ? 220  PRO A CA  1 
ATOM   942  C C   . PRO A 1 116 ? -5.773  9.442   -6.617  1.00 31.61 ? 220  PRO A C   1 
ATOM   943  O O   . PRO A 1 116 ? -5.622  8.358   -7.202  1.00 32.51 ? 220  PRO A O   1 
ATOM   944  C CB  . PRO A 1 116 ? -5.610  11.151  -8.472  1.00 29.68 ? 220  PRO A CB  1 
ATOM   945  C CG  . PRO A 1 116 ? -4.433  11.758  -9.184  1.00 29.47 ? 220  PRO A CG  1 
ATOM   946  C CD  . PRO A 1 116 ? -3.228  10.984  -8.716  1.00 28.64 ? 220  PRO A CD  1 
ATOM   947  N N   . CYS A 1 117 ? -6.548  9.609   -5.540  1.00 30.54 ? 221  CYS A N   1 
ATOM   948  C CA  . CYS A 1 117 ? -7.323  8.543   -4.912  0.75 30.05 ? 221  CYS A CA  1 
ATOM   949  C C   . CYS A 1 117 ? -8.306  7.919   -5.875  1.00 31.73 ? 221  CYS A C   1 
ATOM   950  O O   . CYS A 1 117 ? -8.679  6.755   -5.724  1.00 31.81 ? 221  CYS A O   1 
ATOM   951  C CB  . CYS A 1 117 ? -8.046  9.083   -3.669  0.75 27.73 ? 221  CYS A CB  1 
ATOM   952  S SG  . CYS A 1 117 ? -6.856  9.601   -2.407  0.75 28.37 ? 221  CYS A SG  1 
ATOM   953  N N   . LYS A 1 118 ? -8.707  8.702   -6.871  1.00 33.40 ? 222  LYS A N   1 
ATOM   954  C CA  . LYS A 1 118 ? -9.698  8.319   -7.873  1.00 37.45 ? 222  LYS A CA  1 
ATOM   955  C C   . LYS A 1 118 ? -9.155  7.323   -8.903  1.00 36.92 ? 222  LYS A C   1 
ATOM   956  O O   . LYS A 1 118 ? -9.926  6.558   -9.492  1.00 35.30 ? 222  LYS A O   1 
ATOM   957  C CB  . LYS A 1 118 ? -10.156 9.588   -8.598  1.00 42.71 ? 222  LYS A CB  1 
ATOM   958  C CG  . LYS A 1 118 ? -11.599 9.610   -9.050  1.00 49.75 ? 222  LYS A CG  1 
ATOM   959  C CD  . LYS A 1 118 ? -11.695 9.408   -10.557 1.00 55.95 ? 222  LYS A CD  1 
ATOM   960  C CE  . LYS A 1 118 ? -12.933 10.081  -11.139 1.00 56.01 ? 222  LYS A CE  1 
ATOM   961  N NZ  . LYS A 1 118 ? -12.885 10.098  -12.626 1.00 60.33 ? 222  LYS A NZ  1 
ATOM   962  N N   . ASP A 1 119 ? -7.836  7.358   -9.128  1.00 33.92 ? 223  ASP A N   1 
ATOM   963  C CA  . ASP A 1 119 ? -7.187  6.552   -10.155 0.50 34.56 ? 223  ASP A CA  1 
ATOM   964  C C   . ASP A 1 119 ? -7.320  5.091   -9.820  1.00 34.62 ? 223  ASP A C   1 
ATOM   965  O O   . ASP A 1 119 ? -7.392  4.721   -8.648  1.00 32.68 ? 223  ASP A O   1 
ATOM   966  C CB  . ASP A 1 119 ? -5.708  6.910   -10.283 1.00 36.88 ? 223  ASP A CB  1 
ATOM   967  C CG  . ASP A 1 119 ? -5.483  8.289   -10.910 1.00 39.69 ? 223  ASP A CG  1 
ATOM   968  O OD1 . ASP A 1 119 ? -6.474  8.976   -11.246 1.00 41.76 ? 223  ASP A OD1 1 
ATOM   969  O OD2 . ASP A 1 119 ? -4.308  8.684   -11.064 1.00 37.86 ? 223  ASP A OD2 1 
ATOM   970  N N   . GLU A 1 120 ? -7.347  4.263   -10.858 1.00 35.75 ? 224  GLU A N   1 
ATOM   971  C CA  . GLU A 1 120 ? -7.643  2.859   -10.693 1.00 36.63 ? 224  GLU A CA  1 
ATOM   972  C C   . GLU A 1 120 ? -6.360  2.065   -10.742 1.00 35.73 ? 224  GLU A C   1 
ATOM   973  O O   . GLU A 1 120 ? -5.581  2.190   -11.686 1.00 32.73 ? 224  GLU A O   1 
ATOM   974  C CB  . GLU A 1 120 ? -8.591  2.399   -11.785 1.00 37.98 ? 224  GLU A CB  1 
ATOM   975  C CG  . GLU A 1 120 ? -10.041 2.758   -11.510 1.00 43.13 ? 224  GLU A CG  1 
ATOM   976  C CD  . GLU A 1 120 ? -10.937 2.445   -12.690 1.00 47.17 ? 224  GLU A CD  1 
ATOM   977  O OE1 . GLU A 1 120 ? -10.593 2.867   -13.815 1.00 49.33 ? 224  GLU A OE1 1 
ATOM   978  O OE2 . GLU A 1 120 ? -11.976 1.782   -12.495 1.00 46.52 ? 224  GLU A OE2 1 
ATOM   979  N N   . HIS A 1 121 ? -6.146  1.259   -9.708  1.00 34.30 ? 225  HIS A N   1 
ATOM   980  C CA  . HIS A 1 121 ? -4.934  0.476   -9.599  1.00 32.25 ? 225  HIS A CA  1 
ATOM   981  C C   . HIS A 1 121 ? -5.196  -0.804  -8.885  1.00 31.55 ? 225  HIS A C   1 
ATOM   982  O O   . HIS A 1 121 ? -6.258  -0.982  -8.276  1.00 31.96 ? 225  HIS A O   1 
ATOM   983  C CB  . HIS A 1 121 ? -3.857  1.246   -8.845  1.00 32.00 ? 225  HIS A CB  1 
ATOM   984  C CG  . HIS A 1 121 ? -3.280  2.415   -9.603  1.00 33.82 ? 225  HIS A CG  1 
ATOM   985  N ND1 . HIS A 1 121 ? -2.319  2.275   -10.543 1.00 33.68 ? 225  HIS A ND1 1 
ATOM   986  C CD2 . HIS A 1 121 ? -3.538  3.780   -9.508  1.00 32.23 ? 225  HIS A CD2 1 
ATOM   987  C CE1 . HIS A 1 121 ? -1.984  3.484   -11.030 1.00 32.15 ? 225  HIS A CE1 1 
ATOM   988  N NE2 . HIS A 1 121 ? -2.721  4.407   -10.388 1.00 34.08 ? 225  HIS A NE2 1 
ATOM   989  N N   . ASN A 1 122 ? -4.223  -1.715  -8.960  1.00 28.53 ? 226  ASN A N   1 
ATOM   990  C CA  . ASN A 1 122 ? -4.189  -2.908  -8.116  1.00 28.47 ? 226  ASN A CA  1 
ATOM   991  C C   . ASN A 1 122 ? -3.959  -2.460  -6.677  1.00 27.54 ? 226  ASN A C   1 
ATOM   992  O O   . ASN A 1 122 ? -3.720  -1.283  -6.448  1.00 29.98 ? 226  ASN A O   1 
ATOM   993  C CB  . ASN A 1 122 ? -3.043  -3.827  -8.575  1.00 28.61 ? 226  ASN A CB  1 
ATOM   994  C CG  . ASN A 1 122 ? -3.273  -4.382  -9.976  1.00 31.72 ? 226  ASN A CG  1 
ATOM   995  O OD1 . ASN A 1 122 ? -4.360  -4.849  -10.299 1.00 31.76 ? 226  ASN A OD1 1 
ATOM   996  N ND2 . ASN A 1 122 ? -2.258  -4.305  -10.815 1.00 34.05 ? 226  ASN A ND2 1 
ATOM   997  N N   . SER A 1 123 ? -3.983  -3.376  -5.714  1.00 24.78 ? 227  SER A N   1 
ATOM   998  C CA  . SER A 1 123 ? -3.714  -2.999  -4.325  1.00 24.02 ? 227  SER A CA  1 
ATOM   999  C C   . SER A 1 123 ? -3.301  -4.215  -3.532  1.00 23.56 ? 227  SER A C   1 
ATOM   1000 O O   . SER A 1 123 ? -3.347  -5.331  -4.061  1.00 22.87 ? 227  SER A O   1 
ATOM   1001 C CB  . SER A 1 123 ? -4.972  -2.388  -3.699  1.00 23.05 ? 227  SER A CB  1 
ATOM   1002 O OG  . SER A 1 123 ? -6.046  -3.314  -3.761  1.00 25.83 ? 227  SER A OG  1 
ATOM   1003 N N   . VAL A 1 124 ? -2.916  -4.001  -2.270  1.00 23.75 ? 228  VAL A N   1 
ATOM   1004 C CA  . VAL A 1 124 ? -2.542  -5.081  -1.348  1.00 23.62 ? 228  VAL A CA  1 
ATOM   1005 C C   . VAL A 1 124 ? -3.288  -4.904  -0.023  1.00 25.36 ? 228  VAL A C   1 
ATOM   1006 O O   . VAL A 1 124 ? -3.221  -3.807  0.566   1.00 25.07 ? 228  VAL A O   1 
ATOM   1007 C CB  . VAL A 1 124 ? -1.027  -5.030  -1.067  1.00 23.87 ? 228  VAL A CB  1 
ATOM   1008 C CG1 . VAL A 1 124 ? -0.587  -6.173  -0.149  1.00 23.07 ? 228  VAL A CG1 1 
ATOM   1009 C CG2 . VAL A 1 124 ? -0.258  -5.017  -2.389  1.00 22.15 ? 228  VAL A CG2 1 
ATOM   1010 N N   . CYS A 1 125 ? -3.999  -5.963  0.420   1.00 23.33 ? 229  CYS A N   1 
ATOM   1011 C CA  . CYS A 1 125 ? -4.715  -6.014  1.693   0.50 22.36 ? 229  CYS A CA  1 
ATOM   1012 C C   . CYS A 1 125 ? -3.871  -6.737  2.714   1.00 24.07 ? 229  CYS A C   1 
ATOM   1013 O O   . CYS A 1 125 ? -3.031  -7.580  2.352   1.00 25.29 ? 229  CYS A O   1 
ATOM   1014 C CB  . CYS A 1 125 ? -6.052  -6.768  1.562   0.50 21.11 ? 229  CYS A CB  1 
ATOM   1015 S SG  . CYS A 1 125 ? -7.109  -6.264  0.188   0.50 20.59 ? 229  CYS A SG  1 
ATOM   1016 N N   . GLN A 1 126 ? -4.079  -6.415  3.994   1.00 24.53 ? 230  GLN A N   1 
ATOM   1017 C CA  . GLN A 1 126 ? -3.480  -7.161  5.094   1.00 26.99 ? 230  GLN A CA  1 
ATOM   1018 C C   . GLN A 1 126 ? -4.454  -7.370  6.230   1.00 28.13 ? 230  GLN A C   1 
ATOM   1019 O O   . GLN A 1 126 ? -5.389  -6.589  6.414   1.00 24.96 ? 230  GLN A O   1 
ATOM   1020 C CB  . GLN A 1 126 ? -2.178  -6.534  5.624   1.00 29.98 ? 230  GLN A CB  1 
ATOM   1021 C CG  . GLN A 1 126 ? -2.371  -5.363  6.566   1.00 34.67 ? 230  GLN A CG  1 
ATOM   1022 C CD  . GLN A 1 126 ? -1.076  -4.722  7.033   1.00 34.10 ? 230  GLN A CD  1 
ATOM   1023 O OE1 . GLN A 1 126 ? 0.020   -5.094  6.632   1.00 42.86 ? 230  GLN A OE1 1 
ATOM   1024 N NE2 . GLN A 1 126 ? -1.206  -3.763  7.902   1.00 40.79 ? 230  GLN A NE2 1 
ATOM   1025 N N   . VAL A 1 127 ? -4.213  -8.439  6.988   1.00 29.89 ? 231  VAL A N   1 
ATOM   1026 C CA  . VAL A 1 127 ? -5.024  -8.820  8.132   0.50 31.48 ? 231  VAL A CA  1 
ATOM   1027 C C   . VAL A 1 127 ? -4.093  -9.546  9.098   1.00 34.96 ? 231  VAL A C   1 
ATOM   1028 O O   . VAL A 1 127 ? -3.077  -10.122 8.677   1.00 35.27 ? 231  VAL A O   1 
ATOM   1029 C CB  . VAL A 1 127 ? -6.218  -9.699  7.695   1.00 33.28 ? 231  VAL A CB  1 
ATOM   1030 C CG1 . VAL A 1 127 ? -5.768  -11.082 7.219   1.00 31.64 ? 231  VAL A CG1 1 
ATOM   1031 C CG2 . VAL A 1 127 ? -7.270  -9.807  8.806   1.00 34.77 ? 231  VAL A CG2 1 
ATOM   1032 N N   . LYS A 1 128 ? -4.391  -9.473  10.390  1.00 35.41 ? 232  LYS A N   1 
ATOM   1033 C CA  . LYS A 1 128 ? -3.608  -10.145 11.405  0.50 38.40 ? 232  LYS A CA  1 
ATOM   1034 C C   . LYS A 1 128 ? -3.679  -11.653 11.209  1.00 39.52 ? 232  LYS A C   1 
ATOM   1035 O O   . LYS A 1 128 ? -4.748  -12.206 10.935  1.00 36.51 ? 232  LYS A O   1 
ATOM   1036 C CB  . LYS A 1 128 ? -4.145  -9.781  12.786  1.00 43.70 ? 232  LYS A CB  1 
ATOM   1037 C CG  . LYS A 1 128 ? -3.073  -9.556  13.836  1.00 49.39 ? 232  LYS A CG  1 
ATOM   1038 C CD  . LYS A 1 128 ? -3.187  -8.158  14.464  1.00 56.62 ? 232  LYS A CD  1 
ATOM   1039 C CE  . LYS A 1 128 ? -3.103  -7.035  13.420  1.00 57.44 ? 232  LYS A CE  1 
ATOM   1040 N NZ  . LYS A 1 128 ? -2.607  -5.723  13.936  1.00 56.94 ? 232  LYS A NZ  1 
ATOM   1041 N N   . LYS A 1 129 ? -2.526  -12.308 11.298  1.00 39.30 ? 233  LYS A N   1 
ATOM   1042 C CA  . LYS A 1 129 ? -2.474  -13.756 11.387  1.00 39.63 ? 233  LYS A CA  1 
ATOM   1043 C C   . LYS A 1 129 ? -2.585  -14.058 12.875  1.00 40.77 ? 233  LYS A C   1 
ATOM   1044 O O   . LYS A 1 129 ? -3.531  -14.689 13.293  1.00 42.78 ? 233  LYS A O   1 
ATOM   1045 C CB  . LYS A 1 129 ? -1.130  -14.269 10.868  1.00 39.32 ? 233  LYS A CB  1 
ATOM   1046 C CG  . LYS A 1 129 ? -1.049  -15.760 10.566  1.00 36.29 ? 233  LYS A CG  1 
ATOM   1047 C CD  . LYS A 1 129 ? 0.397   -16.098 10.212  1.00 41.27 ? 233  LYS A CD  1 
ATOM   1048 C CE  . LYS A 1 129 ? 0.595   -17.543 9.780   1.00 41.78 ? 233  LYS A CE  1 
ATOM   1049 N NZ  . LYS A 1 129 ? 0.302   -18.500 10.887  1.00 46.19 ? 233  LYS A NZ  1 
HETATM 1050 S S   . SO4 B 2 .   ? 13.956  6.112   -6.072  1.00 73.41 ? 1001 SO4 A S   1 
HETATM 1051 O O1  . SO4 B 2 .   ? 13.757  5.363   -7.331  1.00 76.76 ? 1001 SO4 A O1  1 
HETATM 1052 O O2  . SO4 B 2 .   ? 15.373  6.107   -5.635  1.00 73.06 ? 1001 SO4 A O2  1 
HETATM 1053 O O3  . SO4 B 2 .   ? 13.528  7.505   -6.315  1.00 73.28 ? 1001 SO4 A O3  1 
HETATM 1054 O O4  . SO4 B 2 .   ? 13.137  5.471   -5.018  1.00 78.80 ? 1001 SO4 A O4  1 
HETATM 1055 S S   . SO4 C 2 .   ? -0.910  0.367   -13.226 1.00 68.40 ? 1002 SO4 A S   1 
HETATM 1056 O O1  . SO4 C 2 .   ? -0.175  -0.765  -13.844 1.00 71.29 ? 1002 SO4 A O1  1 
HETATM 1057 O O2  . SO4 C 2 .   ? -0.002  1.522   -13.056 1.00 63.60 ? 1002 SO4 A O2  1 
HETATM 1058 O O3  . SO4 C 2 .   ? -2.045  0.747   -14.098 1.00 70.56 ? 1002 SO4 A O3  1 
HETATM 1059 O O4  . SO4 C 2 .   ? -1.439  -0.076  -11.905 1.00 72.54 ? 1002 SO4 A O4  1 
HETATM 1060 S S   . SO4 D 2 .   ? -8.668  12.363  -6.082  1.00 63.47 ? 1003 SO4 A S   1 
HETATM 1061 O O1  . SO4 D 2 .   ? -7.708  11.866  -5.074  1.00 63.31 ? 1003 SO4 A O1  1 
HETATM 1062 O O2  . SO4 D 2 .   ? -8.738  11.403  -7.206  1.00 58.64 ? 1003 SO4 A O2  1 
HETATM 1063 O O3  . SO4 D 2 .   ? -10.002 12.506  -5.436  1.00 61.76 ? 1003 SO4 A O3  1 
HETATM 1064 O O4  . SO4 D 2 .   ? -8.183  13.671  -6.610  1.00 64.58 ? 1003 SO4 A O4  1 
HETATM 1065 O O   . HOH E 3 .   ? -2.538  -12.886 -2.876  1.00 28.63 ? 1101 HOH A O   1 
HETATM 1066 O O   . HOH E 3 .   ? 5.112   -16.396 2.896   1.00 23.68 ? 1102 HOH A O   1 
HETATM 1067 O O   . HOH E 3 .   ? -13.500 7.035   -5.865  1.00 47.26 ? 1103 HOH A O   1 
HETATM 1068 O O   . HOH E 3 .   ? -7.332  -2.502  -6.304  1.00 28.00 ? 1104 HOH A O   1 
HETATM 1069 O O   . HOH E 3 .   ? -9.621  -12.794 5.024   1.00 35.60 ? 1105 HOH A O   1 
HETATM 1070 O O   . HOH E 3 .   ? -5.928  -6.769  11.589  1.00 43.64 ? 1106 HOH A O   1 
HETATM 1071 O O   . HOH E 3 .   ? 11.387  -0.804  -1.707  1.00 31.46 ? 1107 HOH A O   1 
HETATM 1072 O O   . HOH E 3 .   ? 11.545  -6.665  -4.181  1.00 26.00 ? 1108 HOH A O   1 
HETATM 1073 O O   . HOH E 3 .   ? 5.516   -0.828  -10.761 1.00 36.89 ? 1109 HOH A O   1 
HETATM 1074 O O   . HOH E 3 .   ? -3.169  5.479   -0.502  1.00 19.95 ? 1110 HOH A O   1 
HETATM 1075 O O   . HOH E 3 .   ? -0.708  7.283   11.098  1.00 30.41 ? 1111 HOH A O   1 
HETATM 1076 O O   . HOH E 3 .   ? 1.443   9.508   12.876  1.00 38.44 ? 1112 HOH A O   1 
HETATM 1077 O O   . HOH E 3 .   ? 10.857  9.095   12.230  1.00 46.99 ? 1113 HOH A O   1 
HETATM 1078 O O   . HOH E 3 .   ? 4.894   14.144  -5.556  1.00 41.50 ? 1114 HOH A O   1 
HETATM 1079 O O   . HOH E 3 .   ? 11.425  -3.781  -1.333  1.00 33.07 ? 1115 HOH A O   1 
HETATM 1080 O O   . HOH E 3 .   ? 13.798  -2.135  -5.391  1.00 37.82 ? 1116 HOH A O   1 
HETATM 1081 O O   . HOH E 3 .   ? 3.931   -4.459  12.646  1.00 48.94 ? 1117 HOH A O   1 
HETATM 1082 O O   . HOH E 3 .   ? 3.437   19.075  -1.674  1.00 48.45 ? 1118 HOH A O   1 
HETATM 1083 O O   . HOH E 3 .   ? 4.157   20.808  -3.312  1.00 52.09 ? 1119 HOH A O   1 
HETATM 1084 O O   . HOH E 3 .   ? 9.940   12.196  0.906   1.00 35.25 ? 1120 HOH A O   1 
HETATM 1085 O O   . HOH E 3 .   ? -3.469  -5.759  10.275  1.00 41.91 ? 1121 HOH A O   1 
HETATM 1086 O O   . HOH E 3 .   ? -12.560 0.494   5.684   1.00 37.30 ? 1122 HOH A O   1 
HETATM 1087 O O   . HOH E 3 .   ? -14.376 -5.080  7.962   1.00 40.67 ? 1123 HOH A O   1 
HETATM 1088 O O   . HOH E 3 .   ? 13.006  -1.031  8.946   1.00 38.82 ? 1124 HOH A O   1 
HETATM 1089 O O   . HOH E 3 .   ? -5.593  12.979  -3.924  1.00 35.47 ? 1125 HOH A O   1 
HETATM 1090 O O   . HOH E 3 .   ? 0.594   -21.231 10.285  1.00 56.48 ? 1126 HOH A O   1 
HETATM 1091 O O   . HOH E 3 .   ? -16.181 -7.600  -2.163  1.00 41.74 ? 1127 HOH A O   1 
HETATM 1092 O O   . HOH E 3 .   ? 11.311  4.644   -14.576 1.00 52.90 ? 1128 HOH A O   1 
# 
